data_5BOD
# 
_entry.id   5BOD 
# 
_audit_conform.dict_name       mmcif_pdbx.dic 
_audit_conform.dict_version    5.380 
_audit_conform.dict_location   http://mmcif.pdb.org/dictionaries/ascii/mmcif_pdbx.dic 
# 
loop_
_database_2.database_id 
_database_2.database_code 
_database_2.pdbx_database_accession 
_database_2.pdbx_DOI 
PDB   5BOD         pdb_00005bod 10.2210/pdb5bod/pdb 
WWPDB D_1000210270 ?            ?                   
# 
_pdbx_database_related.db_name        PDB 
_pdbx_database_related.details        . 
_pdbx_database_related.db_id          5BOC 
_pdbx_database_related.content_type   unspecified 
# 
_pdbx_database_status.status_code                     REL 
_pdbx_database_status.status_code_sf                  REL 
_pdbx_database_status.status_code_mr                  ? 
_pdbx_database_status.entry_id                        5BOD 
_pdbx_database_status.recvd_initial_deposition_date   2015-05-27 
_pdbx_database_status.SG_entry                        N 
_pdbx_database_status.deposit_site                    RCSB 
_pdbx_database_status.process_site                    PDBJ 
_pdbx_database_status.status_code_cs                  ? 
_pdbx_database_status.methods_development_category    ? 
_pdbx_database_status.pdb_format_compatible           Y 
_pdbx_database_status.status_code_nmr_data            ? 
# 
loop_
_audit_author.name 
_audit_author.pdbx_ordinal 
'Tan, Y.W.'  1 
'Chen, G.'   2 
'Hung, A.W.' 3 
'Hill, J.'   4 
# 
_citation.abstract                  ? 
_citation.abstract_id_CAS           ? 
_citation.book_id_ISBN              ? 
_citation.book_publisher            ? 
_citation.book_publisher_city       ? 
_citation.book_title                ? 
_citation.coordinate_linkage        ? 
_citation.country                   ? 
_citation.database_id_Medline       ? 
_citation.details                   ? 
_citation.id                        primary 
_citation.journal_abbrev            'to be published' 
_citation.journal_id_ASTM           ? 
_citation.journal_id_CSD            0353 
_citation.journal_id_ISSN           ? 
_citation.journal_full              ? 
_citation.journal_issue             ? 
_citation.journal_volume            ? 
_citation.language                  ? 
_citation.page_first                ? 
_citation.page_last                 ? 
_citation.title                     'Application of Fragment-based Drug Discovery against DNA GyraseB' 
_citation.year                      ? 
_citation.database_id_CSD           ? 
_citation.pdbx_database_id_DOI      ? 
_citation.pdbx_database_id_PubMed   ? 
_citation.unpublished_flag          ? 
# 
loop_
_citation_author.citation_id 
_citation_author.name 
_citation_author.ordinal 
_citation_author.identifier_ORCID 
primary 'Chen, G.Y.'   1  ? 
primary 'Ng, F.M.'     2  ? 
primary 'Tan, Y.W.'    3  ? 
primary 'Poulsen, A.'  4  ? 
primary 'Seetoh, W.'   5  ? 
primary 'Lin, G.'      6  ? 
primary 'Kang, C.'     7  ? 
primary 'Then, S.W.'   8  ? 
primary 'Ahmad, N.H.'  9  ? 
primary 'Wong, Y.L.'   10 ? 
primary 'Ng, H.Q.'     11 ? 
primary 'Chia, B.C.S.' 12 ? 
primary 'Lau, Q.Y.'    13 ? 
primary 'Hill, J.'     14 ? 
primary 'Hung, A.W.'   15 ? 
primary 'Keller, T.H.' 16 ? 
# 
_cell.angle_alpha                  90.000 
_cell.angle_alpha_esd              ? 
_cell.angle_beta                   90.000 
_cell.angle_beta_esd               ? 
_cell.angle_gamma                  90.000 
_cell.angle_gamma_esd              ? 
_cell.entry_id                     5BOD 
_cell.details                      ? 
_cell.formula_units_Z              ? 
_cell.length_a                     73.402 
_cell.length_a_esd                 ? 
_cell.length_b                     94.458 
_cell.length_b_esd                 ? 
_cell.length_c                     60.967 
_cell.length_c_esd                 ? 
_cell.volume                       ? 
_cell.volume_esd                   ? 
_cell.Z_PDB                        8 
_cell.reciprocal_angle_alpha       ? 
_cell.reciprocal_angle_beta        ? 
_cell.reciprocal_angle_gamma       ? 
_cell.reciprocal_angle_alpha_esd   ? 
_cell.reciprocal_angle_beta_esd    ? 
_cell.reciprocal_angle_gamma_esd   ? 
_cell.reciprocal_length_a          ? 
_cell.reciprocal_length_b          ? 
_cell.reciprocal_length_c          ? 
_cell.reciprocal_length_a_esd      ? 
_cell.reciprocal_length_b_esd      ? 
_cell.reciprocal_length_c_esd      ? 
_cell.pdbx_unique_axis             ? 
# 
_symmetry.entry_id                         5BOD 
_symmetry.cell_setting                     ? 
_symmetry.Int_Tables_number                20 
_symmetry.space_group_name_Hall            ? 
_symmetry.space_group_name_H-M             'C 2 2 21' 
_symmetry.pdbx_full_space_group_name_H-M   ? 
# 
loop_
_entity.id 
_entity.type 
_entity.src_method 
_entity.pdbx_description 
_entity.formula_weight 
_entity.pdbx_number_of_molecules 
_entity.pdbx_ec 
_entity.pdbx_mutation 
_entity.pdbx_fragment 
_entity.details 
1 polymer     man 'DNA topoisomerase 4 subunit B'                                             24600.723 1  5.99.1.3 ? 
'UNP residues 1-226' ? 
2 non-polymer syn '(2R)-N-[3-(3,5-dimethylphenyl)-1H-pyrazol-5-yl]-1,4-dioxane-2-carboxamide' 301.340   1  ?        ? ? ? 
3 water       nat water                                                                       18.015    28 ?        ? ? ? 
# 
_entity_name_com.entity_id   1 
_entity_name_com.name        'Topoisomerase IV subunit B' 
# 
_entity_poly.entity_id                      1 
_entity_poly.type                           'polypeptide(L)' 
_entity_poly.nstd_linkage                   no 
_entity_poly.nstd_monomer                   no 
_entity_poly.pdbx_seq_one_letter_code       
;MSKKEININNYNDDAIQVLEGLDAVRKRPGMYIGSTDGAGLHHLVWEIVDNAVDEALSGFGDRIDVTINKDGSLTVQDHG
RGMPTGMHAMGIPTVEVIFTILHAGGKFGQGGYKTSGGLHGVGSSVVNALSSWLEVEITRDGAVYKQRFENGGKPVTTLK
KIGTALKSKTGTKVTFMPDATIFSTTDFKYNTISERLNESAFLLKNVTLSLTDKRTDEAIEFHYEN
;
_entity_poly.pdbx_seq_one_letter_code_can   
;MSKKEININNYNDDAIQVLEGLDAVRKRPGMYIGSTDGAGLHHLVWEIVDNAVDEALSGFGDRIDVTINKDGSLTVQDHG
RGMPTGMHAMGIPTVEVIFTILHAGGKFGQGGYKTSGGLHGVGSSVVNALSSWLEVEITRDGAVYKQRFENGGKPVTTLK
KIGTALKSKTGTKVTFMPDATIFSTTDFKYNTISERLNESAFLLKNVTLSLTDKRTDEAIEFHYEN
;
_entity_poly.pdbx_strand_id                 A 
_entity_poly.pdbx_target_identifier         ? 
# 
loop_
_entity_poly_seq.entity_id 
_entity_poly_seq.num 
_entity_poly_seq.mon_id 
_entity_poly_seq.hetero 
1 1   MET n 
1 2   SER n 
1 3   LYS n 
1 4   LYS n 
1 5   GLU n 
1 6   ILE n 
1 7   ASN n 
1 8   ILE n 
1 9   ASN n 
1 10  ASN n 
1 11  TYR n 
1 12  ASN n 
1 13  ASP n 
1 14  ASP n 
1 15  ALA n 
1 16  ILE n 
1 17  GLN n 
1 18  VAL n 
1 19  LEU n 
1 20  GLU n 
1 21  GLY n 
1 22  LEU n 
1 23  ASP n 
1 24  ALA n 
1 25  VAL n 
1 26  ARG n 
1 27  LYS n 
1 28  ARG n 
1 29  PRO n 
1 30  GLY n 
1 31  MET n 
1 32  TYR n 
1 33  ILE n 
1 34  GLY n 
1 35  SER n 
1 36  THR n 
1 37  ASP n 
1 38  GLY n 
1 39  ALA n 
1 40  GLY n 
1 41  LEU n 
1 42  HIS n 
1 43  HIS n 
1 44  LEU n 
1 45  VAL n 
1 46  TRP n 
1 47  GLU n 
1 48  ILE n 
1 49  VAL n 
1 50  ASP n 
1 51  ASN n 
1 52  ALA n 
1 53  VAL n 
1 54  ASP n 
1 55  GLU n 
1 56  ALA n 
1 57  LEU n 
1 58  SER n 
1 59  GLY n 
1 60  PHE n 
1 61  GLY n 
1 62  ASP n 
1 63  ARG n 
1 64  ILE n 
1 65  ASP n 
1 66  VAL n 
1 67  THR n 
1 68  ILE n 
1 69  ASN n 
1 70  LYS n 
1 71  ASP n 
1 72  GLY n 
1 73  SER n 
1 74  LEU n 
1 75  THR n 
1 76  VAL n 
1 77  GLN n 
1 78  ASP n 
1 79  HIS n 
1 80  GLY n 
1 81  ARG n 
1 82  GLY n 
1 83  MET n 
1 84  PRO n 
1 85  THR n 
1 86  GLY n 
1 87  MET n 
1 88  HIS n 
1 89  ALA n 
1 90  MET n 
1 91  GLY n 
1 92  ILE n 
1 93  PRO n 
1 94  THR n 
1 95  VAL n 
1 96  GLU n 
1 97  VAL n 
1 98  ILE n 
1 99  PHE n 
1 100 THR n 
1 101 ILE n 
1 102 LEU n 
1 103 HIS n 
1 104 ALA n 
1 105 GLY n 
1 106 GLY n 
1 107 LYS n 
1 108 PHE n 
1 109 GLY n 
1 110 GLN n 
1 111 GLY n 
1 112 GLY n 
1 113 TYR n 
1 114 LYS n 
1 115 THR n 
1 116 SER n 
1 117 GLY n 
1 118 GLY n 
1 119 LEU n 
1 120 HIS n 
1 121 GLY n 
1 122 VAL n 
1 123 GLY n 
1 124 SER n 
1 125 SER n 
1 126 VAL n 
1 127 VAL n 
1 128 ASN n 
1 129 ALA n 
1 130 LEU n 
1 131 SER n 
1 132 SER n 
1 133 TRP n 
1 134 LEU n 
1 135 GLU n 
1 136 VAL n 
1 137 GLU n 
1 138 ILE n 
1 139 THR n 
1 140 ARG n 
1 141 ASP n 
1 142 GLY n 
1 143 ALA n 
1 144 VAL n 
1 145 TYR n 
1 146 LYS n 
1 147 GLN n 
1 148 ARG n 
1 149 PHE n 
1 150 GLU n 
1 151 ASN n 
1 152 GLY n 
1 153 GLY n 
1 154 LYS n 
1 155 PRO n 
1 156 VAL n 
1 157 THR n 
1 158 THR n 
1 159 LEU n 
1 160 LYS n 
1 161 LYS n 
1 162 ILE n 
1 163 GLY n 
1 164 THR n 
1 165 ALA n 
1 166 LEU n 
1 167 LYS n 
1 168 SER n 
1 169 LYS n 
1 170 THR n 
1 171 GLY n 
1 172 THR n 
1 173 LYS n 
1 174 VAL n 
1 175 THR n 
1 176 PHE n 
1 177 MET n 
1 178 PRO n 
1 179 ASP n 
1 180 ALA n 
1 181 THR n 
1 182 ILE n 
1 183 PHE n 
1 184 SER n 
1 185 THR n 
1 186 THR n 
1 187 ASP n 
1 188 PHE n 
1 189 LYS n 
1 190 TYR n 
1 191 ASN n 
1 192 THR n 
1 193 ILE n 
1 194 SER n 
1 195 GLU n 
1 196 ARG n 
1 197 LEU n 
1 198 ASN n 
1 199 GLU n 
1 200 SER n 
1 201 ALA n 
1 202 PHE n 
1 203 LEU n 
1 204 LEU n 
1 205 LYS n 
1 206 ASN n 
1 207 VAL n 
1 208 THR n 
1 209 LEU n 
1 210 SER n 
1 211 LEU n 
1 212 THR n 
1 213 ASP n 
1 214 LYS n 
1 215 ARG n 
1 216 THR n 
1 217 ASP n 
1 218 GLU n 
1 219 ALA n 
1 220 ILE n 
1 221 GLU n 
1 222 PHE n 
1 223 HIS n 
1 224 TYR n 
1 225 GLU n 
1 226 ASN n 
# 
_entity_src_gen.entity_id                          1 
_entity_src_gen.pdbx_src_id                        1 
_entity_src_gen.pdbx_alt_source_flag               sample 
_entity_src_gen.pdbx_seq_type                      'Biological sequence' 
_entity_src_gen.pdbx_beg_seq_num                   1 
_entity_src_gen.pdbx_end_seq_num                   226 
_entity_src_gen.gene_src_common_name               ? 
_entity_src_gen.gene_src_genus                     ? 
_entity_src_gen.pdbx_gene_src_gene                 'parE, spr0756' 
_entity_src_gen.gene_src_species                   ? 
_entity_src_gen.gene_src_strain                    R6 
_entity_src_gen.gene_src_tissue                    ? 
_entity_src_gen.gene_src_tissue_fraction           ? 
_entity_src_gen.gene_src_details                   ? 
_entity_src_gen.pdbx_gene_src_fragment             ? 
_entity_src_gen.pdbx_gene_src_scientific_name      'Streptococcus pneumoniae R6' 
_entity_src_gen.pdbx_gene_src_ncbi_taxonomy_id     171101 
_entity_src_gen.pdbx_gene_src_variant              ? 
_entity_src_gen.pdbx_gene_src_cell_line            ? 
_entity_src_gen.pdbx_gene_src_atcc                 ? 
_entity_src_gen.pdbx_gene_src_organ                ? 
_entity_src_gen.pdbx_gene_src_organelle            ? 
_entity_src_gen.pdbx_gene_src_cell                 ? 
_entity_src_gen.pdbx_gene_src_cellular_location    ? 
_entity_src_gen.host_org_common_name               ? 
_entity_src_gen.pdbx_host_org_scientific_name      'Escherichia coli BL21(DE3)' 
_entity_src_gen.pdbx_host_org_ncbi_taxonomy_id     469008 
_entity_src_gen.host_org_genus                     ? 
_entity_src_gen.pdbx_host_org_gene                 ? 
_entity_src_gen.pdbx_host_org_organ                ? 
_entity_src_gen.host_org_species                   ? 
_entity_src_gen.pdbx_host_org_tissue               ? 
_entity_src_gen.pdbx_host_org_tissue_fraction      ? 
_entity_src_gen.pdbx_host_org_strain               'BL21(DE3)' 
_entity_src_gen.pdbx_host_org_variant              ? 
_entity_src_gen.pdbx_host_org_cell_line            ? 
_entity_src_gen.pdbx_host_org_atcc                 ? 
_entity_src_gen.pdbx_host_org_culture_collection   ? 
_entity_src_gen.pdbx_host_org_cell                 ? 
_entity_src_gen.pdbx_host_org_organelle            ? 
_entity_src_gen.pdbx_host_org_cellular_location    ? 
_entity_src_gen.pdbx_host_org_vector_type          ? 
_entity_src_gen.pdbx_host_org_vector               ? 
_entity_src_gen.host_org_details                   ? 
_entity_src_gen.expression_system_id               ? 
_entity_src_gen.plasmid_name                       ? 
_entity_src_gen.plasmid_details                    ? 
_entity_src_gen.pdbx_description                   ? 
# 
_struct_ref.id                         1 
_struct_ref.db_name                    UNP 
_struct_ref.db_code                    Q8DQB5_STRR6 
_struct_ref.pdbx_db_accession          Q8DQB5 
_struct_ref.pdbx_db_isoform            ? 
_struct_ref.entity_id                  1 
_struct_ref.pdbx_seq_one_letter_code   
;MSKKEININNYNDDAIQVLEGLDAVRKRPGMYIGSTDGAGLHHLVWEIVDNAVDEALSGFGDRIDVTINKDGSLTVQDHG
RGMPTGMHAMGIPTVEVIFTILHAGGKFGQGGYKTSGGLHGVGSSVVNALSSWLEVEITRDGAVYKQRFENGGKPVTTLK
KIGTALKSKTGTKVTFMPDATIFSTTDFKYNTISERLNESAFLLKNVTLSLTDKRTDEAIEFHYEN
;
_struct_ref.pdbx_align_begin           1 
# 
_struct_ref_seq.align_id                      1 
_struct_ref_seq.ref_id                        1 
_struct_ref_seq.pdbx_PDB_id_code              5BOD 
_struct_ref_seq.pdbx_strand_id                A 
_struct_ref_seq.seq_align_beg                 1 
_struct_ref_seq.pdbx_seq_align_beg_ins_code   ? 
_struct_ref_seq.seq_align_end                 226 
_struct_ref_seq.pdbx_seq_align_end_ins_code   ? 
_struct_ref_seq.pdbx_db_accession             Q8DQB5 
_struct_ref_seq.db_align_beg                  1 
_struct_ref_seq.pdbx_db_align_beg_ins_code    ? 
_struct_ref_seq.db_align_end                  226 
_struct_ref_seq.pdbx_db_align_end_ins_code    ? 
_struct_ref_seq.pdbx_auth_seq_align_beg       1 
_struct_ref_seq.pdbx_auth_seq_align_end       226 
# 
loop_
_chem_comp.id 
_chem_comp.type 
_chem_comp.mon_nstd_flag 
_chem_comp.name 
_chem_comp.pdbx_synonyms 
_chem_comp.formula 
_chem_comp.formula_weight 
ALA 'L-peptide linking' y ALANINE                                                                     ? 'C3 H7 N O2'     89.093  
ARG 'L-peptide linking' y ARGININE                                                                    ? 'C6 H15 N4 O2 1' 175.209 
ASN 'L-peptide linking' y ASPARAGINE                                                                  ? 'C4 H8 N2 O3'    132.118 
ASP 'L-peptide linking' y 'ASPARTIC ACID'                                                             ? 'C4 H7 N O4'     133.103 
GLN 'L-peptide linking' y GLUTAMINE                                                                   ? 'C5 H10 N2 O3'   146.144 
GLU 'L-peptide linking' y 'GLUTAMIC ACID'                                                             ? 'C5 H9 N O4'     147.129 
GLY 'peptide linking'   y GLYCINE                                                                     ? 'C2 H5 N O2'     75.067  
HIS 'L-peptide linking' y HISTIDINE                                                                   ? 'C6 H10 N3 O2 1' 156.162 
HOH non-polymer         . WATER                                                                       ? 'H2 O'           18.015  
ILE 'L-peptide linking' y ISOLEUCINE                                                                  ? 'C6 H13 N O2'    131.173 
LEU 'L-peptide linking' y LEUCINE                                                                     ? 'C6 H13 N O2'    131.173 
LYS 'L-peptide linking' y LYSINE                                                                      ? 'C6 H15 N2 O2 1' 147.195 
MET 'L-peptide linking' y METHIONINE                                                                  ? 'C5 H11 N O2 S'  149.211 
PHE 'L-peptide linking' y PHENYLALANINE                                                               ? 'C9 H11 N O2'    165.189 
PRO 'L-peptide linking' y PROLINE                                                                     ? 'C5 H9 N O2'     115.130 
SER 'L-peptide linking' y SERINE                                                                      ? 'C3 H7 N O3'     105.093 
THR 'L-peptide linking' y THREONINE                                                                   ? 'C4 H9 N O3'     119.119 
TRP 'L-peptide linking' y TRYPTOPHAN                                                                  ? 'C11 H12 N2 O2'  204.225 
TTJ non-polymer         . '(2R)-N-[3-(3,5-dimethylphenyl)-1H-pyrazol-5-yl]-1,4-dioxane-2-carboxamide' ? 'C16 H19 N3 O3'  301.340 
TYR 'L-peptide linking' y TYROSINE                                                                    ? 'C9 H11 N O3'    181.189 
VAL 'L-peptide linking' y VALINE                                                                      ? 'C5 H11 N O2'    117.146 
# 
_exptl.absorpt_coefficient_mu     ? 
_exptl.absorpt_correction_T_max   ? 
_exptl.absorpt_correction_T_min   ? 
_exptl.absorpt_correction_type    ? 
_exptl.absorpt_process_details    ? 
_exptl.entry_id                   5BOD 
_exptl.crystals_number            1 
_exptl.details                    ? 
_exptl.method                     'X-RAY DIFFRACTION' 
_exptl.method_details             ? 
# 
_exptl_crystal.colour                      ? 
_exptl_crystal.density_diffrn              ? 
_exptl_crystal.density_Matthews            2.15 
_exptl_crystal.density_method              ? 
_exptl_crystal.density_percent_sol         42.73 
_exptl_crystal.description                 'Plate like' 
_exptl_crystal.F_000                       ? 
_exptl_crystal.id                          1 
_exptl_crystal.preparation                 ? 
_exptl_crystal.size_max                    ? 
_exptl_crystal.size_mid                    ? 
_exptl_crystal.size_min                    ? 
_exptl_crystal.size_rad                    ? 
_exptl_crystal.colour_lustre               ? 
_exptl_crystal.colour_modifier             ? 
_exptl_crystal.colour_primary              ? 
_exptl_crystal.density_meas                ? 
_exptl_crystal.density_meas_esd            ? 
_exptl_crystal.density_meas_gt             ? 
_exptl_crystal.density_meas_lt             ? 
_exptl_crystal.density_meas_temp           ? 
_exptl_crystal.density_meas_temp_esd       ? 
_exptl_crystal.density_meas_temp_gt        ? 
_exptl_crystal.density_meas_temp_lt        ? 
_exptl_crystal.pdbx_crystal_image_url      ? 
_exptl_crystal.pdbx_crystal_image_format   ? 
_exptl_crystal.pdbx_mosaicity              ? 
_exptl_crystal.pdbx_mosaicity_esd          ? 
# 
_exptl_crystal_grow.apparatus       ? 
_exptl_crystal_grow.atmosphere      ? 
_exptl_crystal_grow.crystal_id      1 
_exptl_crystal_grow.details         ? 
_exptl_crystal_grow.method          'VAPOR DIFFUSION, HANGING DROP' 
_exptl_crystal_grow.method_ref      ? 
_exptl_crystal_grow.pH              ? 
_exptl_crystal_grow.pressure        ? 
_exptl_crystal_grow.pressure_esd    ? 
_exptl_crystal_grow.seeding         ? 
_exptl_crystal_grow.seeding_ref     ? 
_exptl_crystal_grow.temp            298 
_exptl_crystal_grow.temp_details    ? 
_exptl_crystal_grow.temp_esd        ? 
_exptl_crystal_grow.time            ? 
_exptl_crystal_grow.pdbx_details    '0.2 M Sodium Acetate, 18-22% PEG3350' 
_exptl_crystal_grow.pdbx_pH_range   ? 
# 
_diffrn.ambient_environment    ? 
_diffrn.ambient_temp           100 
_diffrn.ambient_temp_details   ? 
_diffrn.ambient_temp_esd       ? 
_diffrn.crystal_id             1 
_diffrn.crystal_support        ? 
_diffrn.crystal_treatment      ? 
_diffrn.details                ? 
_diffrn.id                     1 
_diffrn.ambient_pressure       ? 
_diffrn.ambient_pressure_esd   ? 
_diffrn.ambient_pressure_gt    ? 
_diffrn.ambient_pressure_lt    ? 
_diffrn.ambient_temp_gt        ? 
_diffrn.ambient_temp_lt        ? 
# 
_diffrn_detector.details                      ? 
_diffrn_detector.detector                     CCD 
_diffrn_detector.diffrn_id                    1 
_diffrn_detector.type                         'Bruker Platinum 135' 
_diffrn_detector.area_resol_mean              ? 
_diffrn_detector.dtime                        ? 
_diffrn_detector.pdbx_frames_total            ? 
_diffrn_detector.pdbx_collection_time_total   ? 
_diffrn_detector.pdbx_collection_date         2013-09-16 
# 
_diffrn_radiation.collimation                      ? 
_diffrn_radiation.diffrn_id                        1 
_diffrn_radiation.filter_edge                      ? 
_diffrn_radiation.inhomogeneity                    ? 
_diffrn_radiation.monochromator                    ? 
_diffrn_radiation.polarisn_norm                    ? 
_diffrn_radiation.polarisn_ratio                   ? 
_diffrn_radiation.probe                            ? 
_diffrn_radiation.type                             ? 
_diffrn_radiation.xray_symbol                      ? 
_diffrn_radiation.wavelength_id                    1 
_diffrn_radiation.pdbx_monochromatic_or_laue_m_l   M 
_diffrn_radiation.pdbx_wavelength_list             ? 
_diffrn_radiation.pdbx_wavelength                  ? 
_diffrn_radiation.pdbx_diffrn_protocol             'SINGLE WAVELENGTH' 
_diffrn_radiation.pdbx_analyzer                    ? 
_diffrn_radiation.pdbx_scattering_type             x-ray 
# 
_diffrn_radiation_wavelength.id           1 
_diffrn_radiation_wavelength.wavelength   1.5 
_diffrn_radiation_wavelength.wt           1.0 
# 
_diffrn_source.current                     ? 
_diffrn_source.details                     ? 
_diffrn_source.diffrn_id                   1 
_diffrn_source.power                       ? 
_diffrn_source.size                        ? 
_diffrn_source.source                      'ROTATING ANODE' 
_diffrn_source.target                      ? 
_diffrn_source.type                        'BRUKER AXS MICROSTAR' 
_diffrn_source.voltage                     ? 
_diffrn_source.take-off_angle              ? 
_diffrn_source.pdbx_wavelength_list        1.5 
_diffrn_source.pdbx_wavelength             ? 
_diffrn_source.pdbx_synchrotron_beamline   ? 
_diffrn_source.pdbx_synchrotron_site       ? 
# 
_reflns.B_iso_Wilson_estimate            24.870 
_reflns.entry_id                         5BOD 
_reflns.data_reduction_details           ? 
_reflns.data_reduction_method            ? 
_reflns.d_resolution_high                2.2 
_reflns.d_resolution_low                 42 
_reflns.details                          ? 
_reflns.limit_h_max                      ? 
_reflns.limit_h_min                      ? 
_reflns.limit_k_max                      ? 
_reflns.limit_k_min                      ? 
_reflns.limit_l_max                      ? 
_reflns.limit_l_min                      ? 
_reflns.number_all                       ? 
_reflns.number_obs                       12502 
_reflns.observed_criterion               ? 
_reflns.observed_criterion_F_max         ? 
_reflns.observed_criterion_F_min         ? 
_reflns.observed_criterion_I_max         ? 
_reflns.observed_criterion_I_min         ? 
_reflns.observed_criterion_sigma_F       ? 
_reflns.observed_criterion_sigma_I       ? 
_reflns.percent_possible_obs             97.880 
_reflns.R_free_details                   ? 
_reflns.Rmerge_F_all                     ? 
_reflns.Rmerge_F_obs                     ? 
_reflns.Friedel_coverage                 ? 
_reflns.number_gt                        ? 
_reflns.threshold_expression             ? 
_reflns.pdbx_redundancy                  11.130 
_reflns.pdbx_Rmerge_I_obs                ? 
_reflns.pdbx_Rmerge_I_all                ? 
_reflns.pdbx_Rsym_value                  0.151 
_reflns.pdbx_netI_over_av_sigmaI         ? 
_reflns.pdbx_netI_over_sigmaI            15.54 
_reflns.pdbx_res_netI_over_av_sigmaI_2   ? 
_reflns.pdbx_res_netI_over_sigmaI_2      ? 
_reflns.pdbx_chi_squared                 ? 
_reflns.pdbx_scaling_rejects             ? 
_reflns.pdbx_d_res_high_opt              ? 
_reflns.pdbx_d_res_low_opt               ? 
_reflns.pdbx_d_res_opt_method            ? 
_reflns.phase_calculation_details        ? 
_reflns.pdbx_Rrim_I_all                  ? 
_reflns.pdbx_Rpim_I_all                  ? 
_reflns.pdbx_d_opt                       ? 
_reflns.pdbx_number_measured_all         139184 
_reflns.pdbx_diffrn_id                   1 
_reflns.pdbx_ordinal                     1 
_reflns.pdbx_CC_half                     ? 
_reflns.pdbx_R_split                     ? 
# 
loop_
_reflns_shell.d_res_high 
_reflns_shell.d_res_low 
_reflns_shell.meanI_over_sigI_all 
_reflns_shell.meanI_over_sigI_obs 
_reflns_shell.number_measured_all 
_reflns_shell.number_measured_obs 
_reflns_shell.number_possible 
_reflns_shell.number_unique_all 
_reflns_shell.number_unique_obs 
_reflns_shell.percent_possible_all 
_reflns_shell.percent_possible_obs 
_reflns_shell.Rmerge_F_all 
_reflns_shell.Rmerge_F_obs 
_reflns_shell.Rmerge_I_all 
_reflns_shell.Rmerge_I_obs 
_reflns_shell.meanI_over_sigI_gt 
_reflns_shell.meanI_over_uI_all 
_reflns_shell.meanI_over_uI_gt 
_reflns_shell.number_measured_gt 
_reflns_shell.number_unique_gt 
_reflns_shell.percent_possible_gt 
_reflns_shell.Rmerge_F_gt 
_reflns_shell.Rmerge_I_gt 
_reflns_shell.pdbx_redundancy 
_reflns_shell.pdbx_Rsym_value 
_reflns_shell.pdbx_chi_squared 
_reflns_shell.pdbx_netI_over_sigmaI_all 
_reflns_shell.pdbx_netI_over_sigmaI_obs 
_reflns_shell.pdbx_Rrim_I_all 
_reflns_shell.pdbx_Rpim_I_all 
_reflns_shell.pdbx_rejects 
_reflns_shell.pdbx_ordinal 
_reflns_shell.pdbx_diffrn_id 
_reflns_shell.pdbx_CC_half 
_reflns_shell.pdbx_R_split 
2.095 2.170 ? 3.05 ? ? ? ? ? 97.9 ? ? ? ? 0.427 ? ? ? ? ? ? ? ? 5.86 0.525 ? ? ? ? ? 0 1  1 ? ? 
2.170 2.257 ? ?    ? ? ? ? ? ?    ? ? ? ? ?     ? ? ? ? ? ? ? ? ?    0.465 ? ? ? ? ? 0 2  1 ? ? 
2.257 2.359 ? ?    ? ? ? ? ? ?    ? ? ? ? ?     ? ? ? ? ? ? ? ? ?    0.394 ? ? ? ? ? 0 3  1 ? ? 
2.359 2.484 ? ?    ? ? ? ? ? ?    ? ? ? ? ?     ? ? ? ? ? ? ? ? ?    0.343 ? ? ? ? ? 0 4  1 ? ? 
2.484 2.639 ? ?    ? ? ? ? ? ?    ? ? ? ? ?     ? ? ? ? ? ? ? ? ?    0.294 ? ? ? ? ? 0 5  1 ? ? 
2.639 2.843 ? ?    ? ? ? ? ? ?    ? ? ? ? ?     ? ? ? ? ? ? ? ? ?    0.225 ? ? ? ? ? 0 6  1 ? ? 
2.843 3.129 ? ?    ? ? ? ? ? ?    ? ? ? ? ?     ? ? ? ? ? ? ? ? ?    0.178 ? ? ? ? ? 0 7  1 ? ? 
3.129 3.582 ? ?    ? ? ? ? ? ?    ? ? ? ? ?     ? ? ? ? ? ? ? ? ?    0.150 ? ? ? ? ? 0 8  1 ? ? 
3.582 4.512 ? ?    ? ? ? ? ? ?    ? ? ? ? ?     ? ? ? ? ? ? ? ? ?    0.125 ? ? ? ? ? 0 9  1 ? ? 
4.512 ?     ? ?    ? ? ? ? ? ?    ? ? ? ? ?     ? ? ? ? ? ? ? ? ?    0.068 ? ? ? ? ? 0 10 1 ? ? 
# 
_refine.aniso_B[1][1]                            ? 
_refine.aniso_B[1][2]                            ? 
_refine.aniso_B[1][3]                            ? 
_refine.aniso_B[2][2]                            ? 
_refine.aniso_B[2][3]                            ? 
_refine.aniso_B[3][3]                            ? 
_refine.B_iso_max                                72.560 
_refine.B_iso_mean                               26.0232 
_refine.B_iso_min                                16.410 
_refine.correlation_coeff_Fo_to_Fc               ? 
_refine.correlation_coeff_Fo_to_Fc_free          ? 
_refine.details                                  ? 
_refine.diff_density_max                         ? 
_refine.diff_density_max_esd                     ? 
_refine.diff_density_min                         ? 
_refine.diff_density_min_esd                     ? 
_refine.diff_density_rms                         ? 
_refine.diff_density_rms_esd                     ? 
_refine.entry_id                                 5BOD 
_refine.pdbx_refine_id                           'X-RAY DIFFRACTION' 
_refine.ls_abs_structure_details                 ? 
_refine.ls_abs_structure_Flack                   ? 
_refine.ls_abs_structure_Flack_esd               ? 
_refine.ls_abs_structure_Rogers                  ? 
_refine.ls_abs_structure_Rogers_esd              ? 
_refine.ls_d_res_high                            2.2000 
_refine.ls_d_res_low                             42.00 
_refine.ls_extinction_coef                       ? 
_refine.ls_extinction_coef_esd                   ? 
_refine.ls_extinction_expression                 ? 
_refine.ls_extinction_method                     ? 
_refine.ls_goodness_of_fit_all                   ? 
_refine.ls_goodness_of_fit_all_esd               ? 
_refine.ls_goodness_of_fit_obs                   ? 
_refine.ls_goodness_of_fit_obs_esd               ? 
_refine.ls_hydrogen_treatment                    ? 
_refine.ls_matrix_type                           ? 
_refine.ls_number_constraints                    ? 
_refine.ls_number_parameters                     ? 
_refine.ls_number_reflns_all                     ? 
_refine.ls_number_reflns_obs                     10364 
_refine.ls_number_reflns_R_free                  1037 
_refine.ls_number_reflns_R_work                  18654 
_refine.ls_number_restraints                     ? 
_refine.ls_percent_reflns_obs                    99.6100 
_refine.ls_percent_reflns_R_free                 10.0000 
_refine.ls_R_factor_all                          ? 
_refine.ls_R_factor_obs                          0.2088 
_refine.ls_R_factor_R_free                       0.2357 
_refine.ls_R_factor_R_free_error                 ? 
_refine.ls_R_factor_R_free_error_details         ? 
_refine.ls_R_factor_R_work                       0.2057 
_refine.ls_R_Fsqd_factor_obs                     ? 
_refine.ls_R_I_factor_obs                        ? 
_refine.ls_redundancy_reflns_all                 ? 
_refine.ls_redundancy_reflns_obs                 ? 
_refine.ls_restrained_S_all                      ? 
_refine.ls_restrained_S_obs                      ? 
_refine.ls_shift_over_esd_max                    ? 
_refine.ls_shift_over_esd_mean                   ? 
_refine.ls_structure_factor_coef                 ? 
_refine.ls_weighting_details                     ? 
_refine.ls_weighting_scheme                      ? 
_refine.ls_wR_factor_all                         ? 
_refine.ls_wR_factor_obs                         ? 
_refine.ls_wR_factor_R_free                      ? 
_refine.ls_wR_factor_R_work                      ? 
_refine.occupancy_max                            ? 
_refine.occupancy_min                            ? 
_refine.solvent_model_details                    'FLAT BULK SOLVENT MODEL' 
_refine.solvent_model_param_bsol                 ? 
_refine.solvent_model_param_ksol                 ? 
_refine.ls_R_factor_gt                           ? 
_refine.ls_goodness_of_fit_gt                    ? 
_refine.ls_goodness_of_fit_ref                   ? 
_refine.ls_shift_over_su_max                     ? 
_refine.ls_shift_over_su_max_lt                  ? 
_refine.ls_shift_over_su_mean                    ? 
_refine.ls_shift_over_su_mean_lt                 ? 
_refine.pdbx_ls_sigma_I                          ? 
_refine.pdbx_ls_sigma_F                          1.330 
_refine.pdbx_ls_sigma_Fsqd                       ? 
_refine.pdbx_data_cutoff_high_absF               ? 
_refine.pdbx_data_cutoff_high_rms_absF           ? 
_refine.pdbx_data_cutoff_low_absF                ? 
_refine.pdbx_isotropic_thermal_model             ? 
_refine.pdbx_ls_cross_valid_method               'FREE R-VALUE' 
_refine.pdbx_method_to_determine_struct          'MOLECULAR REPLACEMENT' 
_refine.pdbx_starting_model                      4EM7 
_refine.pdbx_stereochemistry_target_values       ML 
_refine.pdbx_R_Free_selection_details            ? 
_refine.pdbx_stereochem_target_val_spec_case     ? 
_refine.pdbx_overall_ESU_R                       ? 
_refine.pdbx_overall_ESU_R_Free                  ? 
_refine.pdbx_solvent_vdw_probe_radii             1.1100 
_refine.pdbx_solvent_ion_probe_radii             ? 
_refine.pdbx_solvent_shrinkage_radii             0.9000 
_refine.pdbx_real_space_R                        ? 
_refine.pdbx_density_correlation                 ? 
_refine.pdbx_pd_number_of_powder_patterns        ? 
_refine.pdbx_pd_number_of_points                 ? 
_refine.pdbx_pd_meas_number_of_points            ? 
_refine.pdbx_pd_proc_ls_prof_R_factor            ? 
_refine.pdbx_pd_proc_ls_prof_wR_factor           ? 
_refine.pdbx_pd_Marquardt_correlation_coeff      ? 
_refine.pdbx_pd_Fsqrd_R_factor                   ? 
_refine.pdbx_pd_ls_matrix_band_width             ? 
_refine.pdbx_overall_phase_error                 23.3600 
_refine.pdbx_overall_SU_R_free_Cruickshank_DPI   ? 
_refine.pdbx_overall_SU_R_free_Blow_DPI          ? 
_refine.pdbx_overall_SU_R_Blow_DPI               ? 
_refine.pdbx_TLS_residual_ADP_flag               ? 
_refine.pdbx_diffrn_id                           1 
_refine.overall_SU_B                             ? 
_refine.overall_SU_ML                            0.2000 
_refine.overall_SU_R_Cruickshank_DPI             ? 
_refine.overall_SU_R_free                        ? 
_refine.overall_FOM_free_R_set                   ? 
_refine.overall_FOM_work_R_set                   ? 
_refine.pdbx_average_fsc_overall                 ? 
_refine.pdbx_average_fsc_work                    ? 
_refine.pdbx_average_fsc_free                    ? 
# 
_refine_hist.cycle_id                         final 
_refine_hist.pdbx_refine_id                   'X-RAY DIFFRACTION' 
_refine_hist.d_res_high                       2.2000 
_refine_hist.d_res_low                        42.00 
_refine_hist.pdbx_number_atoms_ligand         22 
_refine_hist.number_atoms_solvent             28 
_refine_hist.number_atoms_total               1524 
_refine_hist.pdbx_number_residues_total       192 
_refine_hist.pdbx_B_iso_mean_ligand           29.69 
_refine_hist.pdbx_B_iso_mean_solvent          24.69 
_refine_hist.pdbx_number_atoms_protein        1474 
_refine_hist.pdbx_number_atoms_nucleic_acid   0 
# 
loop_
_refine_ls_restr.pdbx_refine_id 
_refine_ls_restr.criterion 
_refine_ls_restr.dev_ideal 
_refine_ls_restr.dev_ideal_target 
_refine_ls_restr.number 
_refine_ls_restr.rejects 
_refine_ls_restr.type 
_refine_ls_restr.weight 
_refine_ls_restr.pdbx_restraint_function 
'X-RAY DIFFRACTION' ? 0.002  ? 1563 ? f_bond_d           ? ? 
'X-RAY DIFFRACTION' ? 0.690  ? 2123 ? f_angle_d          ? ? 
'X-RAY DIFFRACTION' ? 0.022  ? 244  ? f_chiral_restr     ? ? 
'X-RAY DIFFRACTION' ? 0.002  ? 272  ? f_plane_restr      ? ? 
'X-RAY DIFFRACTION' ? 11.048 ? 584  ? f_dihedral_angle_d ? ? 
# 
loop_
_refine_ls_shell.pdbx_refine_id 
_refine_ls_shell.d_res_high 
_refine_ls_shell.d_res_low 
_refine_ls_shell.number_reflns_all 
_refine_ls_shell.number_reflns_obs 
_refine_ls_shell.number_reflns_R_free 
_refine_ls_shell.number_reflns_R_work 
_refine_ls_shell.percent_reflns_obs 
_refine_ls_shell.percent_reflns_R_free 
_refine_ls_shell.R_factor_all 
_refine_ls_shell.R_factor_obs 
_refine_ls_shell.R_factor_R_free 
_refine_ls_shell.R_factor_R_free_error 
_refine_ls_shell.R_factor_R_work 
_refine_ls_shell.redundancy_reflns_all 
_refine_ls_shell.redundancy_reflns_obs 
_refine_ls_shell.wR_factor_all 
_refine_ls_shell.wR_factor_obs 
_refine_ls_shell.wR_factor_R_free 
_refine_ls_shell.wR_factor_R_work 
_refine_ls_shell.pdbx_total_number_of_bins_used 
_refine_ls_shell.pdbx_phase_error 
_refine_ls_shell.pdbx_fsc_work 
_refine_ls_shell.pdbx_fsc_free 
'X-RAY DIFFRACTION' 2.2001 2.2512  . . 129 1206 95.0000  . . . .      . .      . . . . . . . . . . 
'X-RAY DIFFRACTION' 2.2512 2.3075  . . 140 1252 99.0000  . . . 0.2689 . 0.2618 . . . . . . . . . . 
'X-RAY DIFFRACTION' 2.3075 2.3699  . . 134 1251 100.0000 . . . 0.2899 . 0.2329 . . . . . . . . . . 
'X-RAY DIFFRACTION' 2.3699 2.4397  . . 139 1258 100.0000 . . . 0.2834 . 0.2330 . . . . . . . . . . 
'X-RAY DIFFRACTION' 2.4397 2.5184  . . 137 1220 100.0000 . . . 0.2664 . 0.2526 . . . . . . . . . . 
'X-RAY DIFFRACTION' 2.5184 2.6084  . . 139 1241 100.0000 . . . 0.3259 . 0.2421 . . . . . . . . . . 
'X-RAY DIFFRACTION' 2.6084 2.7128  . . 136 1254 100.0000 . . . 0.2960 . 0.2445 . . . . . . . . . . 
'X-RAY DIFFRACTION' 2.7128 2.8362  . . 139 1237 100.0000 . . . 0.2700 . 0.2236 . . . . . . . . . . 
'X-RAY DIFFRACTION' 2.8362 2.9857  . . 142 1248 100.0000 . . . 0.2568 . 0.2156 . . . . . . . . . . 
'X-RAY DIFFRACTION' 2.9857 3.1727  . . 139 1264 100.0000 . . . 0.2112 . 0.2242 . . . . . . . . . . 
'X-RAY DIFFRACTION' 3.1727 3.4176  . . 142 1240 100.0000 . . . 0.2326 . 0.2042 . . . . . . . . . . 
'X-RAY DIFFRACTION' 3.4176 3.7613  . . 139 1228 100.0000 . . . 0.2079 . 0.1939 . . . . . . . . . . 
'X-RAY DIFFRACTION' 3.7613 4.3051  . . 142 1263 100.0000 . . . 0.2216 . 0.1746 . . . . . . . . . . 
'X-RAY DIFFRACTION' 4.3051 5.4222  . . 137 1243 100.0000 . . . 0.1959 . 0.1623 . . . . . . . . . . 
'X-RAY DIFFRACTION' 5.4222 42.0142 . . 139 1249 100.0000 . . . 0.1958 . 0.1774 . . . . . . . . . . 
# 
_struct.entry_id                     5BOD 
_struct.title                        'Crystal structure of Streptococcus pneumonia ParE inhibitor' 
_struct.pdbx_model_details           ? 
_struct.pdbx_formula_weight          ? 
_struct.pdbx_formula_weight_method   ? 
_struct.pdbx_model_type_details      ? 
_struct.pdbx_CASP_flag               ? 
# 
_struct_keywords.entry_id        5BOD 
_struct_keywords.text            'Inhibitor, Topoisomerase, ParE, ISOMERASE-ISOMERASE INHIBITOR complex' 
_struct_keywords.pdbx_keywords   'ISOMERASE/ISOMERASE INHIBITOR' 
# 
loop_
_struct_asym.id 
_struct_asym.pdbx_blank_PDB_chainid_flag 
_struct_asym.pdbx_modified 
_struct_asym.entity_id 
_struct_asym.details 
A N N 1 ? 
B N N 2 ? 
C N N 3 ? 
# 
loop_
_struct_conf.conf_type_id 
_struct_conf.id 
_struct_conf.pdbx_PDB_helix_id 
_struct_conf.beg_label_comp_id 
_struct_conf.beg_label_asym_id 
_struct_conf.beg_label_seq_id 
_struct_conf.pdbx_beg_PDB_ins_code 
_struct_conf.end_label_comp_id 
_struct_conf.end_label_asym_id 
_struct_conf.end_label_seq_id 
_struct_conf.pdbx_end_PDB_ins_code 
_struct_conf.beg_auth_comp_id 
_struct_conf.beg_auth_asym_id 
_struct_conf.beg_auth_seq_id 
_struct_conf.end_auth_comp_id 
_struct_conf.end_auth_asym_id 
_struct_conf.end_auth_seq_id 
_struct_conf.pdbx_PDB_helix_class 
_struct_conf.details 
_struct_conf.pdbx_PDB_helix_length 
HELX_P HELX_P1 AA1 GLY A 21  ? ARG A 28  ? GLY A 21  ARG A 28  1 ? 8  
HELX_P HELX_P2 AA2 PRO A 29  ? GLY A 34  ? PRO A 29  GLY A 34  1 ? 6  
HELX_P HELX_P3 AA3 ASP A 37  ? SER A 58  ? ASP A 37  SER A 58  1 ? 22 
HELX_P HELX_P4 AA4 HIS A 88  ? ILE A 92  ? HIS A 88  ILE A 92  5 ? 5  
HELX_P HELX_P5 AA5 PRO A 93  ? ILE A 101 ? PRO A 93  ILE A 101 1 ? 9  
HELX_P HELX_P6 AA6 SER A 124 ? LEU A 130 ? SER A 124 LEU A 130 1 ? 7  
HELX_P HELX_P7 AA7 LYS A 189 ? LYS A 205 ? LYS A 189 LYS A 205 1 ? 17 
# 
_struct_conf_type.id          HELX_P 
_struct_conf_type.criteria    ? 
_struct_conf_type.reference   ? 
# 
loop_
_struct_sheet.id 
_struct_sheet.type 
_struct_sheet.number_strands 
_struct_sheet.details 
AA1 ? 3 ? 
AA2 ? 8 ? 
# 
loop_
_struct_sheet_order.sheet_id 
_struct_sheet_order.range_id_1 
_struct_sheet_order.range_id_2 
_struct_sheet_order.offset 
_struct_sheet_order.sense 
AA1 1 2 ? anti-parallel 
AA1 2 3 ? anti-parallel 
AA2 1 2 ? anti-parallel 
AA2 2 3 ? anti-parallel 
AA2 3 4 ? anti-parallel 
AA2 4 5 ? anti-parallel 
AA2 5 6 ? anti-parallel 
AA2 6 7 ? parallel      
AA2 7 8 ? anti-parallel 
# 
loop_
_struct_sheet_range.sheet_id 
_struct_sheet_range.id 
_struct_sheet_range.beg_label_comp_id 
_struct_sheet_range.beg_label_asym_id 
_struct_sheet_range.beg_label_seq_id 
_struct_sheet_range.pdbx_beg_PDB_ins_code 
_struct_sheet_range.end_label_comp_id 
_struct_sheet_range.end_label_asym_id 
_struct_sheet_range.end_label_seq_id 
_struct_sheet_range.pdbx_end_PDB_ins_code 
_struct_sheet_range.beg_auth_comp_id 
_struct_sheet_range.beg_auth_asym_id 
_struct_sheet_range.beg_auth_seq_id 
_struct_sheet_range.end_auth_comp_id 
_struct_sheet_range.end_auth_asym_id 
_struct_sheet_range.end_auth_seq_id 
AA1 1 LYS A 154 ? PRO A 155 ? LYS A 154 PRO A 155 
AA1 2 ALA A 143 ? GLU A 150 ? ALA A 143 GLU A 150 
AA1 3 LYS A 160 ? THR A 164 ? LYS A 160 THR A 164 
AA2 1 LYS A 154 ? PRO A 155 ? LYS A 154 PRO A 155 
AA2 2 ALA A 143 ? GLU A 150 ? ALA A 143 GLU A 150 
AA2 3 SER A 131 ? ARG A 140 ? SER A 131 ARG A 140 
AA2 4 GLY A 171 ? PRO A 178 ? GLY A 171 PRO A 178 
AA2 5 LEU A 74  ? GLN A 77  ? LEU A 74  GLN A 77  
AA2 6 ARG A 63  ? ILE A 68  ? ARG A 63  ILE A 68  
AA2 7 THR A 208 ? ASP A 213 ? THR A 208 ASP A 213 
AA2 8 ALA A 219 ? PHE A 222 ? ALA A 219 PHE A 222 
# 
loop_
_pdbx_struct_sheet_hbond.sheet_id 
_pdbx_struct_sheet_hbond.range_id_1 
_pdbx_struct_sheet_hbond.range_id_2 
_pdbx_struct_sheet_hbond.range_1_label_atom_id 
_pdbx_struct_sheet_hbond.range_1_label_comp_id 
_pdbx_struct_sheet_hbond.range_1_label_asym_id 
_pdbx_struct_sheet_hbond.range_1_label_seq_id 
_pdbx_struct_sheet_hbond.range_1_PDB_ins_code 
_pdbx_struct_sheet_hbond.range_1_auth_atom_id 
_pdbx_struct_sheet_hbond.range_1_auth_comp_id 
_pdbx_struct_sheet_hbond.range_1_auth_asym_id 
_pdbx_struct_sheet_hbond.range_1_auth_seq_id 
_pdbx_struct_sheet_hbond.range_2_label_atom_id 
_pdbx_struct_sheet_hbond.range_2_label_comp_id 
_pdbx_struct_sheet_hbond.range_2_label_asym_id 
_pdbx_struct_sheet_hbond.range_2_label_seq_id 
_pdbx_struct_sheet_hbond.range_2_PDB_ins_code 
_pdbx_struct_sheet_hbond.range_2_auth_atom_id 
_pdbx_struct_sheet_hbond.range_2_auth_comp_id 
_pdbx_struct_sheet_hbond.range_2_auth_asym_id 
_pdbx_struct_sheet_hbond.range_2_auth_seq_id 
AA1 1 2 O LYS A 154 ? O LYS A 154 N GLU A 150 ? N GLU A 150 
AA1 2 3 N VAL A 144 ? N VAL A 144 O ILE A 162 ? O ILE A 162 
AA2 1 2 O LYS A 154 ? O LYS A 154 N GLU A 150 ? N GLU A 150 
AA2 2 3 O PHE A 149 ? O PHE A 149 N LEU A 134 ? N LEU A 134 
AA2 3 4 N GLU A 137 ? N GLU A 137 O LYS A 173 ? O LYS A 173 
AA2 4 5 O VAL A 174 ? O VAL A 174 N VAL A 76  ? N VAL A 76  
AA2 5 6 O THR A 75  ? O THR A 75  N THR A 67  ? N THR A 67  
AA2 6 7 N ILE A 64  ? N ILE A 64  O THR A 208 ? O THR A 208 
AA2 7 8 N LEU A 209 ? N LEU A 209 O PHE A 222 ? O PHE A 222 
# 
_struct_site.id                   AC1 
_struct_site.pdbx_evidence_code   Software 
_struct_site.pdbx_auth_asym_id    A 
_struct_site.pdbx_auth_comp_id    TTJ 
_struct_site.pdbx_auth_seq_id     301 
_struct_site.pdbx_auth_ins_code   ? 
_struct_site.pdbx_num_residues    10 
_struct_site.details              'binding site for residue TTJ A 301' 
# 
loop_
_struct_site_gen.id 
_struct_site_gen.site_id 
_struct_site_gen.pdbx_num_res 
_struct_site_gen.label_comp_id 
_struct_site_gen.label_asym_id 
_struct_site_gen.label_seq_id 
_struct_site_gen.pdbx_auth_ins_code 
_struct_site_gen.auth_comp_id 
_struct_site_gen.auth_asym_id 
_struct_site_gen.auth_seq_id 
_struct_site_gen.label_atom_id 
_struct_site_gen.label_alt_id 
_struct_site_gen.symmetry 
_struct_site_gen.details 
1  AC1 10 ILE A 48  ? ILE A 48  . ? 1_555 ? 
2  AC1 10 ASN A 51  ? ASN A 51  . ? 1_555 ? 
3  AC1 10 GLU A 55  ? GLU A 55  . ? 1_555 ? 
4  AC1 10 ASP A 78  ? ASP A 78  . ? 1_555 ? 
5  AC1 10 ARG A 81  ? ARG A 81  . ? 1_555 ? 
6  AC1 10 GLY A 82  ? GLY A 82  . ? 1_555 ? 
7  AC1 10 MET A 83  ? MET A 83  . ? 1_555 ? 
8  AC1 10 SER A 124 ? SER A 124 . ? 1_555 ? 
9  AC1 10 VAL A 174 ? VAL A 174 . ? 1_555 ? 
10 AC1 10 HOH C .   ? HOH A 409 . ? 1_555 ? 
# 
_atom_sites.entry_id                    5BOD 
_atom_sites.fract_transf_matrix[1][1]   -0.00159039 
_atom_sites.fract_transf_matrix[1][2]   0.01350299 
_atom_sites.fract_transf_matrix[1][3]   0.00086791 
_atom_sites.fract_transf_matrix[2][1]   -0.00730759 
_atom_sites.fract_transf_matrix[2][2]   -0.00134542 
_atom_sites.fract_transf_matrix[2][3]   0.00754145 
_atom_sites.fract_transf_matrix[3][1]   0.01171267 
_atom_sites.fract_transf_matrix[3][2]   0.00064266 
_atom_sites.fract_transf_matrix[3][3]   0.01146411 
_atom_sites.fract_transf_vector[1]      0.180565 
_atom_sites.fract_transf_vector[2]      0.162073 
_atom_sites.fract_transf_vector[3]      1.011182 
# 
loop_
_atom_type.symbol 
C 
N 
O 
S 
# 
loop_
_atom_site.group_PDB 
_atom_site.id 
_atom_site.type_symbol 
_atom_site.label_atom_id 
_atom_site.label_alt_id 
_atom_site.label_comp_id 
_atom_site.label_asym_id 
_atom_site.label_entity_id 
_atom_site.label_seq_id 
_atom_site.pdbx_PDB_ins_code 
_atom_site.Cartn_x 
_atom_site.Cartn_y 
_atom_site.Cartn_z 
_atom_site.occupancy 
_atom_site.B_iso_or_equiv 
_atom_site.pdbx_formal_charge 
_atom_site.auth_seq_id 
_atom_site.auth_comp_id 
_atom_site.auth_asym_id 
_atom_site.auth_atom_id 
_atom_site.pdbx_PDB_model_num 
ATOM   1    N N   . GLN A 1 17  ? -11.669 -0.815  23.231  1.00 39.93 ? 17  GLN A N   1 
ATOM   2    C CA  . GLN A 1 17  ? -11.034 -1.096  21.949  1.00 42.20 ? 17  GLN A CA  1 
ATOM   3    C C   . GLN A 1 17  ? -9.950  -2.159  22.103  1.00 38.51 ? 17  GLN A C   1 
ATOM   4    O O   . GLN A 1 17  ? -8.887  -1.900  22.670  1.00 36.91 ? 17  GLN A O   1 
ATOM   5    C CB  . GLN A 1 17  ? -10.452 0.175   21.353  1.00 44.99 ? 17  GLN A CB  1 
ATOM   6    N N   . VAL A 1 18  ? -10.226 -3.355  21.593  1.00 36.50 ? 18  VAL A N   1 
ATOM   7    C CA  . VAL A 1 18  ? -9.316  -4.485  21.743  1.00 35.20 ? 18  VAL A CA  1 
ATOM   8    C C   . VAL A 1 18  ? -8.407  -4.656  20.528  1.00 34.25 ? 18  VAL A C   1 
ATOM   9    O O   . VAL A 1 18  ? -8.876  -4.751  19.394  1.00 37.26 ? 18  VAL A O   1 
ATOM   10   C CB  . VAL A 1 18  ? -10.092 -5.796  21.974  1.00 36.18 ? 18  VAL A CB  1 
ATOM   11   C CG1 . VAL A 1 18  ? -9.128  -6.941  22.247  1.00 34.43 ? 18  VAL A CG1 1 
ATOM   12   C CG2 . VAL A 1 18  ? -11.082 -5.633  23.121  1.00 35.71 ? 18  VAL A CG2 1 
ATOM   13   N N   . LEU A 1 19  ? -7.102  -4.697  20.775  1.00 32.51 ? 19  LEU A N   1 
ATOM   14   C CA  . LEU A 1 19  ? -6.128  -4.880  19.706  1.00 31.08 ? 19  LEU A CA  1 
ATOM   15   C C   . LEU A 1 19  ? -5.940  -6.360  19.393  1.00 30.42 ? 19  LEU A C   1 
ATOM   16   O O   . LEU A 1 19  ? -6.083  -7.212  20.270  1.00 29.02 ? 19  LEU A O   1 
ATOM   17   C CB  . LEU A 1 19  ? -4.792  -4.242  20.086  1.00 28.42 ? 19  LEU A CB  1 
ATOM   18   C CG  . LEU A 1 19  ? -4.864  -2.743  20.385  1.00 29.50 ? 19  LEU A CG  1 
ATOM   19   C CD1 . LEU A 1 19  ? -3.515  -2.229  20.832  1.00 26.57 ? 19  LEU A CD1 1 
ATOM   20   C CD2 . LEU A 1 19  ? -5.366  -1.974  19.171  1.00 31.15 ? 19  LEU A CD2 1 
ATOM   21   N N   . GLU A 1 20  ? -5.617  -6.658  18.139  1.00 30.35 ? 20  GLU A N   1 
ATOM   22   C CA  . GLU A 1 20  ? -5.427  -8.037  17.706  1.00 30.78 ? 20  GLU A CA  1 
ATOM   23   C C   . GLU A 1 20  ? -4.221  -8.188  16.792  1.00 27.62 ? 20  GLU A C   1 
ATOM   24   O O   . GLU A 1 20  ? -3.731  -7.211  16.223  1.00 27.89 ? 20  GLU A O   1 
ATOM   25   C CB  . GLU A 1 20  ? -6.676  -8.554  16.988  1.00 32.99 ? 20  GLU A CB  1 
ATOM   26   C CG  . GLU A 1 20  ? -7.884  -8.752  17.888  1.00 36.73 ? 20  GLU A CG  1 
ATOM   27   C CD  . GLU A 1 20  ? -9.095  -9.256  17.128  1.00 40.52 ? 20  GLU A CD  1 
ATOM   28   O OE1 . GLU A 1 20  ? -9.366  -10.474 17.178  1.00 41.98 ? 20  GLU A OE1 1 
ATOM   29   O OE2 . GLU A 1 20  ? -9.777  -8.432  16.481  1.00 41.47 ? 20  GLU A OE2 1 
ATOM   30   N N   . GLY A 1 21  ? -3.746  -9.422  16.658  1.00 26.70 ? 21  GLY A N   1 
ATOM   31   C CA  . GLY A 1 21  ? -2.681  -9.739  15.728  1.00 27.06 ? 21  GLY A CA  1 
ATOM   32   C C   . GLY A 1 21  ? -3.231  -9.968  14.333  1.00 27.26 ? 21  GLY A C   1 
ATOM   33   O O   . GLY A 1 21  ? -4.443  -9.944  14.125  1.00 26.89 ? 21  GLY A O   1 
ATOM   34   N N   . LEU A 1 22  ? -2.341  -10.198 13.375  1.00 25.68 ? 22  LEU A N   1 
ATOM   35   C CA  . LEU A 1 22  ? -2.745  -10.359 11.982  1.00 25.59 ? 22  LEU A CA  1 
ATOM   36   C C   . LEU A 1 22  ? -3.427  -11.700 11.736  1.00 27.54 ? 22  LEU A C   1 
ATOM   37   O O   . LEU A 1 22  ? -4.138  -11.871 10.745  1.00 26.43 ? 22  LEU A O   1 
ATOM   38   C CB  . LEU A 1 22  ? -1.535  -10.205 11.062  1.00 23.93 ? 22  LEU A CB  1 
ATOM   39   C CG  . LEU A 1 22  ? -0.882  -8.823  11.118  1.00 23.13 ? 22  LEU A CG  1 
ATOM   40   C CD1 . LEU A 1 22  ? 0.248   -8.711  10.107  1.00 20.67 ? 22  LEU A CD1 1 
ATOM   41   C CD2 . LEU A 1 22  ? -1.920  -7.729  10.898  1.00 23.18 ? 22  LEU A CD2 1 
ATOM   42   N N   . ASP A 1 23  ? -3.205  -12.645 12.644  1.00 29.86 ? 23  ASP A N   1 
ATOM   43   C CA  . ASP A 1 23  ? -3.834  -13.960 12.564  1.00 30.08 ? 23  ASP A CA  1 
ATOM   44   C C   . ASP A 1 23  ? -5.356  -13.854 12.581  1.00 29.69 ? 23  ASP A C   1 
ATOM   45   O O   . ASP A 1 23  ? -6.052  -14.658 11.960  1.00 29.04 ? 23  ASP A O   1 
ATOM   46   C CB  . ASP A 1 23  ? -3.360  -14.846 13.718  1.00 34.20 ? 23  ASP A CB  1 
ATOM   47   C CG  . ASP A 1 23  ? -3.636  -14.228 15.077  1.00 41.87 ? 23  ASP A CG  1 
ATOM   48   O OD1 . ASP A 1 23  ? -4.751  -14.424 15.604  1.00 42.74 ? 23  ASP A OD1 1 
ATOM   49   O OD2 . ASP A 1 23  ? -2.738  -13.546 15.618  1.00 43.58 ? 23  ASP A OD2 1 
ATOM   50   N N   . ALA A 1 24  ? -5.861  -12.852 13.293  1.00 28.77 ? 24  ALA A N   1 
ATOM   51   C CA  . ALA A 1 24  ? -7.297  -12.631 13.416  1.00 29.55 ? 24  ALA A CA  1 
ATOM   52   C C   . ALA A 1 24  ? -7.913  -12.264 12.071  1.00 28.41 ? 24  ALA A C   1 
ATOM   53   O O   . ALA A 1 24  ? -9.025  -12.687 11.754  1.00 26.78 ? 24  ALA A O   1 
ATOM   54   C CB  . ALA A 1 24  ? -7.579  -11.543 14.441  1.00 29.25 ? 24  ALA A CB  1 
ATOM   55   N N   . VAL A 1 25  ? -7.188  -11.469 11.290  1.00 27.49 ? 25  VAL A N   1 
ATOM   56   C CA  . VAL A 1 25  ? -7.650  -11.080 9.963   1.00 26.74 ? 25  VAL A CA  1 
ATOM   57   C C   . VAL A 1 25  ? -7.670  -12.288 9.033   1.00 25.61 ? 25  VAL A C   1 
ATOM   58   O O   . VAL A 1 25  ? -8.623  -12.487 8.281   1.00 25.57 ? 25  VAL A O   1 
ATOM   59   C CB  . VAL A 1 25  ? -6.761  -9.981  9.344   1.00 26.47 ? 25  VAL A CB  1 
ATOM   60   C CG1 . VAL A 1 25  ? -7.325  -9.538  7.998   1.00 22.74 ? 25  VAL A CG1 1 
ATOM   61   C CG2 . VAL A 1 25  ? -6.642  -8.796  10.288  1.00 27.13 ? 25  VAL A CG2 1 
ATOM   62   N N   . ARG A 1 26  ? -6.619  -13.098 9.100   1.00 24.86 ? 26  ARG A N   1 
ATOM   63   C CA  . ARG A 1 26  ? -6.482  -14.254 8.220   1.00 26.19 ? 26  ARG A CA  1 
ATOM   64   C C   . ARG A 1 26  ? -7.542  -15.322 8.498   1.00 27.15 ? 26  ARG A C   1 
ATOM   65   O O   . ARG A 1 26  ? -7.928  -16.068 7.599   1.00 27.00 ? 26  ARG A O   1 
ATOM   66   C CB  . ARG A 1 26  ? -5.078  -14.851 8.351   1.00 24.46 ? 26  ARG A CB  1 
ATOM   67   C CG  . ARG A 1 26  ? -3.980  -13.905 7.887   1.00 26.08 ? 26  ARG A CG  1 
ATOM   68   C CD  . ARG A 1 26  ? -2.592  -14.514 8.009   1.00 24.46 ? 26  ARG A CD  1 
ATOM   69   N NE  . ARG A 1 26  ? -2.434  -15.734 7.221   1.00 25.57 ? 26  ARG A NE  1 
ATOM   70   C CZ  . ARG A 1 26  ? -2.077  -15.760 5.940   1.00 27.34 ? 26  ARG A CZ  1 
ATOM   71   N NH1 . ARG A 1 26  ? -1.848  -14.630 5.286   1.00 25.33 ? 26  ARG A NH1 1 
ATOM   72   N NH2 . ARG A 1 26  ? -1.956  -16.920 5.309   1.00 27.80 ? 26  ARG A NH2 1 
ATOM   73   N N   . LYS A 1 27  ? -8.014  -15.391 9.738   1.00 25.95 ? 27  LYS A N   1 
ATOM   74   C CA  . LYS A 1 27  ? -9.054  -16.353 10.090  1.00 28.12 ? 27  LYS A CA  1 
ATOM   75   C C   . LYS A 1 27  ? -10.448 -15.823 9.758   1.00 28.49 ? 27  LYS A C   1 
ATOM   76   O O   . LYS A 1 27  ? -11.409 -16.589 9.674   1.00 28.60 ? 27  LYS A O   1 
ATOM   77   C CB  . LYS A 1 27  ? -8.967  -16.724 11.571  1.00 26.98 ? 27  LYS A CB  1 
ATOM   78   C CG  . LYS A 1 27  ? -7.769  -17.601 11.902  1.00 28.61 ? 27  LYS A CG  1 
ATOM   79   C CD  . LYS A 1 27  ? -7.785  -18.065 13.349  1.00 29.07 ? 27  LYS A CD  1 
ATOM   80   C CE  . LYS A 1 27  ? -6.642  -19.032 13.620  1.00 28.10 ? 27  LYS A CE  1 
ATOM   81   N NZ  . LYS A 1 27  ? -6.581  -19.468 15.042  1.00 27.40 ? 27  LYS A NZ  1 
ATOM   82   N N   . ARG A 1 28  ? -10.553 -14.514 9.560   1.00 26.90 ? 28  ARG A N   1 
ATOM   83   C CA  . ARG A 1 28  ? -11.826 -13.899 9.198   1.00 29.48 ? 28  ARG A CA  1 
ATOM   84   C C   . ARG A 1 28  ? -11.665 -12.778 8.172   1.00 28.16 ? 28  ARG A C   1 
ATOM   85   O O   . ARG A 1 28  ? -12.043 -11.638 8.442   1.00 27.97 ? 28  ARG A O   1 
ATOM   86   C CB  . ARG A 1 28  ? -12.518 -13.353 10.449  1.00 34.85 ? 28  ARG A CB  1 
ATOM   87   C CG  . ARG A 1 28  ? -13.742 -14.134 10.888  1.00 44.33 ? 28  ARG A CG  1 
ATOM   88   C CD  . ARG A 1 28  ? -14.976 -13.664 10.135  1.00 54.30 ? 28  ARG A CD  1 
ATOM   89   N NE  . ARG A 1 28  ? -16.139 -14.497 10.417  1.00 67.63 ? 28  ARG A NE  1 
ATOM   90   C CZ  . ARG A 1 28  ? -17.251 -14.502 9.689   1.00 69.09 ? 28  ARG A CZ  1 
ATOM   91   N NH1 . ARG A 1 28  ? -17.359 -13.716 8.625   1.00 65.96 ? 28  ARG A NH1 1 
ATOM   92   N NH2 . ARG A 1 28  ? -18.260 -15.297 10.026  1.00 72.56 ? 28  ARG A NH2 1 
ATOM   93   N N   . PRO A 1 29  ? -11.119 -13.098 6.984   1.00 27.56 ? 29  PRO A N   1 
ATOM   94   C CA  . PRO A 1 29  ? -10.829 -12.049 5.998   1.00 26.82 ? 29  PRO A CA  1 
ATOM   95   C C   . PRO A 1 29  ? -12.079 -11.328 5.505   1.00 28.15 ? 29  PRO A C   1 
ATOM   96   O O   . PRO A 1 29  ? -12.025 -10.124 5.256   1.00 26.56 ? 29  PRO A O   1 
ATOM   97   C CB  . PRO A 1 29  ? -10.156 -12.817 4.854   1.00 25.41 ? 29  PRO A CB  1 
ATOM   98   C CG  . PRO A 1 29  ? -10.632 -14.214 4.999   1.00 26.54 ? 29  PRO A CG  1 
ATOM   99   C CD  . PRO A 1 29  ? -10.799 -14.442 6.470   1.00 26.93 ? 29  PRO A CD  1 
ATOM   100  N N   . GLY A 1 30  ? -13.185 -12.054 5.381   1.00 27.14 ? 30  GLY A N   1 
ATOM   101  C CA  . GLY A 1 30  ? -14.433 -11.476 4.917   1.00 26.35 ? 30  GLY A CA  1 
ATOM   102  C C   . GLY A 1 30  ? -14.936 -10.360 5.812   1.00 28.62 ? 30  GLY A C   1 
ATOM   103  O O   . GLY A 1 30  ? -15.630 -9.449  5.361   1.00 27.00 ? 30  GLY A O   1 
ATOM   104  N N   . MET A 1 31  ? -14.579 -10.430 7.089   1.00 29.23 ? 31  MET A N   1 
ATOM   105  C CA  . MET A 1 31  ? -15.007 -9.436  8.065   1.00 30.17 ? 31  MET A CA  1 
ATOM   106  C C   . MET A 1 31  ? -14.331 -8.080  7.831   1.00 30.75 ? 31  MET A C   1 
ATOM   107  O O   . MET A 1 31  ? -14.823 -7.043  8.283   1.00 29.74 ? 31  MET A O   1 
ATOM   108  C CB  . MET A 1 31  ? -14.719 -9.942  9.483   1.00 34.29 ? 31  MET A CB  1 
ATOM   109  C CG  . MET A 1 31  ? -15.171 -9.013  10.601  1.00 36.64 ? 31  MET A CG  1 
ATOM   110  S SD  . MET A 1 31  ? -14.918 -9.703  12.247  1.00 52.28 ? 31  MET A SD  1 
ATOM   111  C CE  . MET A 1 31  ? -16.141 -11.010 12.251  1.00 47.25 ? 31  MET A CE  1 
ATOM   112  N N   . TYR A 1 32  ? -13.216 -8.084  7.107   1.00 27.87 ? 32  TYR A N   1 
ATOM   113  C CA  . TYR A 1 32  ? -12.426 -6.868  6.944   1.00 28.46 ? 32  TYR A CA  1 
ATOM   114  C C   . TYR A 1 32  ? -12.428 -6.337  5.513   1.00 27.84 ? 32  TYR A C   1 
ATOM   115  O O   . TYR A 1 32  ? -12.422 -5.125  5.301   1.00 27.22 ? 32  TYR A O   1 
ATOM   116  C CB  . TYR A 1 32  ? -10.991 -7.118  7.416   1.00 27.07 ? 32  TYR A CB  1 
ATOM   117  C CG  . TYR A 1 32  ? -10.923 -7.505  8.875   1.00 27.87 ? 32  TYR A CG  1 
ATOM   118  C CD1 . TYR A 1 32  ? -10.874 -6.535  9.868   1.00 29.40 ? 32  TYR A CD1 1 
ATOM   119  C CD2 . TYR A 1 32  ? -10.940 -8.838  9.262   1.00 29.22 ? 32  TYR A CD2 1 
ATOM   120  C CE1 . TYR A 1 32  ? -10.826 -6.882  11.206  1.00 31.46 ? 32  TYR A CE1 1 
ATOM   121  C CE2 . TYR A 1 32  ? -10.893 -9.197  10.597  1.00 30.11 ? 32  TYR A CE2 1 
ATOM   122  C CZ  . TYR A 1 32  ? -10.835 -8.215  11.565  1.00 32.52 ? 32  TYR A CZ  1 
ATOM   123  O OH  . TYR A 1 32  ? -10.789 -8.567  12.895  1.00 35.38 ? 32  TYR A OH  1 
ATOM   124  N N   . ILE A 1 33  ? -12.447 -7.237  4.534   1.00 27.53 ? 33  ILE A N   1 
ATOM   125  C CA  . ILE A 1 33  ? -12.446 -6.817  3.136   1.00 27.33 ? 33  ILE A CA  1 
ATOM   126  C C   . ILE A 1 33  ? -13.684 -7.294  2.382   1.00 27.78 ? 33  ILE A C   1 
ATOM   127  O O   . ILE A 1 33  ? -13.752 -7.186  1.158   1.00 25.11 ? 33  ILE A O   1 
ATOM   128  C CB  . ILE A 1 33  ? -11.196 -7.317  2.395   1.00 26.23 ? 33  ILE A CB  1 
ATOM   129  C CG1 . ILE A 1 33  ? -11.163 -8.844  2.378   1.00 25.42 ? 33  ILE A CG1 1 
ATOM   130  C CG2 . ILE A 1 33  ? -9.934  -6.755  3.034   1.00 25.88 ? 33  ILE A CG2 1 
ATOM   131  C CD1 . ILE A 1 33  ? -10.044 -9.404  1.555   1.00 24.67 ? 33  ILE A CD1 1 
ATOM   132  N N   . GLY A 1 34  ? -14.660 -7.825  3.112   1.00 27.08 ? 34  GLY A N   1 
ATOM   133  C CA  . GLY A 1 34  ? -15.946 -8.164  2.526   1.00 28.03 ? 34  GLY A CA  1 
ATOM   134  C C   . GLY A 1 34  ? -16.040 -9.550  1.914   1.00 28.94 ? 34  GLY A C   1 
ATOM   135  O O   . GLY A 1 34  ? -17.036 -10.248 2.103   1.00 30.31 ? 34  GLY A O   1 
ATOM   136  N N   . SER A 1 35  ? -15.008 -9.947  1.176   1.00 27.85 ? 35  SER A N   1 
ATOM   137  C CA  . SER A 1 35  ? -15.011 -11.228 0.479   1.00 27.84 ? 35  SER A CA  1 
ATOM   138  C C   . SER A 1 35  ? -13.594 -11.640 0.100   1.00 27.64 ? 35  SER A C   1 
ATOM   139  O O   . SER A 1 35  ? -12.649 -10.880 0.296   1.00 26.11 ? 35  SER A O   1 
ATOM   140  C CB  . SER A 1 35  ? -15.891 -11.155 -0.769  1.00 31.10 ? 35  SER A CB  1 
ATOM   141  O OG  . SER A 1 35  ? -15.416 -10.165 -1.668  1.00 28.92 ? 35  SER A OG  1 
ATOM   142  N N   . THR A 1 36  ? -13.449 -12.844 -0.443  1.00 26.72 ? 36  THR A N   1 
ATOM   143  C CA  . THR A 1 36  ? -12.142 -13.324 -0.879  1.00 27.99 ? 36  THR A CA  1 
ATOM   144  C C   . THR A 1 36  ? -12.114 -13.618 -2.376  1.00 27.02 ? 36  THR A C   1 
ATOM   145  O O   . THR A 1 36  ? -11.305 -14.420 -2.844  1.00 26.08 ? 36  THR A O   1 
ATOM   146  C CB  . THR A 1 36  ? -11.721 -14.591 -0.108  1.00 28.57 ? 36  THR A CB  1 
ATOM   147  O OG1 . THR A 1 36  ? -12.757 -15.577 -0.199  1.00 30.68 ? 36  THR A OG1 1 
ATOM   148  C CG2 . THR A 1 36  ? -11.469 -14.261 1.354   1.00 30.52 ? 36  THR A CG2 1 
ATOM   149  N N   . ASP A 1 37  ? -12.998 -12.966 -3.124  1.00 27.80 ? 37  ASP A N   1 
ATOM   150  C CA  . ASP A 1 37  ? -12.983 -13.067 -4.580  1.00 27.10 ? 37  ASP A CA  1 
ATOM   151  C C   . ASP A 1 37  ? -12.313 -11.838 -5.186  1.00 26.94 ? 37  ASP A C   1 
ATOM   152  O O   . ASP A 1 37  ? -11.453 -11.219 -4.558  1.00 23.94 ? 37  ASP A O   1 
ATOM   153  C CB  . ASP A 1 37  ? -14.401 -13.239 -5.140  1.00 25.21 ? 37  ASP A CB  1 
ATOM   154  C CG  . ASP A 1 37  ? -15.372 -12.191 -4.623  1.00 27.88 ? 37  ASP A CG  1 
ATOM   155  O OD1 . ASP A 1 37  ? -14.927 -11.212 -3.986  1.00 27.29 ? 37  ASP A OD1 1 
ATOM   156  O OD2 . ASP A 1 37  ? -16.589 -12.344 -4.863  1.00 29.63 ? 37  ASP A OD2 1 
ATOM   157  N N   . GLY A 1 38  ? -12.714 -11.488 -6.403  1.00 24.99 ? 38  GLY A N   1 
ATOM   158  C CA  . GLY A 1 38  ? -12.144 -10.349 -7.099  1.00 24.83 ? 38  GLY A CA  1 
ATOM   159  C C   . GLY A 1 38  ? -12.399 -9.033  -6.392  1.00 25.58 ? 38  GLY A C   1 
ATOM   160  O O   . GLY A 1 38  ? -11.540 -8.151  -6.381  1.00 24.46 ? 38  GLY A O   1 
ATOM   161  N N   . ALA A 1 39  ? -13.584 -8.903  -5.803  1.00 24.14 ? 39  ALA A N   1 
ATOM   162  C CA  . ALA A 1 39  ? -13.957 -7.690  -5.085  1.00 25.05 ? 39  ALA A CA  1 
ATOM   163  C C   . ALA A 1 39  ? -13.073 -7.485  -3.860  1.00 26.08 ? 39  ALA A C   1 
ATOM   164  O O   . ALA A 1 39  ? -12.589 -6.382  -3.610  1.00 25.30 ? 39  ALA A O   1 
ATOM   165  C CB  . ALA A 1 39  ? -15.426 -7.740  -4.681  1.00 25.92 ? 39  ALA A CB  1 
ATOM   166  N N   . GLY A 1 40  ? -12.868 -8.556  -3.098  1.00 25.42 ? 40  GLY A N   1 
ATOM   167  C CA  . GLY A 1 40  ? -12.036 -8.500  -1.911  1.00 24.08 ? 40  GLY A CA  1 
ATOM   168  C C   . GLY A 1 40  ? -10.582 -8.228  -2.242  1.00 24.06 ? 40  GLY A C   1 
ATOM   169  O O   . GLY A 1 40  ? -9.902  -7.483  -1.536  1.00 22.70 ? 40  GLY A O   1 
ATOM   170  N N   . LEU A 1 41  ? -10.105 -8.842  -3.321  1.00 24.49 ? 41  LEU A N   1 
ATOM   171  C CA  . LEU A 1 41  ? -8.735  -8.652  -3.779  1.00 23.75 ? 41  LEU A CA  1 
ATOM   172  C C   . LEU A 1 41  ? -8.443  -7.185  -4.081  1.00 24.73 ? 41  LEU A C   1 
ATOM   173  O O   . LEU A 1 41  ? -7.366  -6.673  -3.759  1.00 22.25 ? 41  LEU A O   1 
ATOM   174  C CB  . LEU A 1 41  ? -8.468  -9.503  -5.022  1.00 24.12 ? 41  LEU A CB  1 
ATOM   175  C CG  . LEU A 1 41  ? -7.126  -9.282  -5.726  1.00 24.74 ? 41  LEU A CG  1 
ATOM   176  C CD1 . LEU A 1 41  ? -5.986  -9.866  -4.910  1.00 23.31 ? 41  LEU A CD1 1 
ATOM   177  C CD2 . LEU A 1 41  ? -7.143  -9.870  -7.128  1.00 23.50 ? 41  LEU A CD2 1 
ATOM   178  N N   . HIS A 1 42  ? -9.407  -6.510  -4.699  1.00 24.13 ? 42  HIS A N   1 
ATOM   179  C CA  . HIS A 1 42  ? -9.224  -5.121  -5.100  1.00 23.91 ? 42  HIS A CA  1 
ATOM   180  C C   . HIS A 1 42  ? -9.468  -4.162  -3.941  1.00 24.18 ? 42  HIS A C   1 
ATOM   181  O O   . HIS A 1 42  ? -9.063  -3.000  -4.002  1.00 23.28 ? 42  HIS A O   1 
ATOM   182  C CB  . HIS A 1 42  ? -10.133 -4.783  -6.282  1.00 22.69 ? 42  HIS A CB  1 
ATOM   183  C CG  . HIS A 1 42  ? -9.619  -5.293  -7.593  1.00 24.16 ? 42  HIS A CG  1 
ATOM   184  N ND1 . HIS A 1 42  ? -9.784  -6.602  -7.995  1.00 22.50 ? 42  HIS A ND1 1 
ATOM   185  C CD2 . HIS A 1 42  ? -8.916  -4.683  -8.573  1.00 23.83 ? 42  HIS A CD2 1 
ATOM   186  C CE1 . HIS A 1 42  ? -9.220  -6.768  -9.178  1.00 25.06 ? 42  HIS A CE1 1 
ATOM   187  N NE2 . HIS A 1 42  ? -8.684  -5.622  -9.552  1.00 24.14 ? 42  HIS A NE2 1 
ATOM   188  N N   . HIS A 1 43  ? -10.123 -4.641  -2.887  1.00 23.69 ? 43  HIS A N   1 
ATOM   189  C CA  A HIS A 1 43  ? -10.276 -3.848  -1.673  0.55 24.84 ? 43  HIS A CA  1 
ATOM   190  C CA  B HIS A 1 43  ? -10.279 -3.855  -1.670  0.45 24.80 ? 43  HIS A CA  1 
ATOM   191  C C   . HIS A 1 43  ? -8.907  -3.559  -1.073  1.00 24.47 ? 43  HIS A C   1 
ATOM   192  O O   . HIS A 1 43  ? -8.686  -2.496  -0.497  1.00 24.16 ? 43  HIS A O   1 
ATOM   193  C CB  A HIS A 1 43  ? -11.166 -4.560  -0.649  0.55 25.87 ? 43  HIS A CB  1 
ATOM   194  C CB  B HIS A 1 43  ? -11.160 -4.589  -0.657  0.45 25.77 ? 43  HIS A CB  1 
ATOM   195  C CG  A HIS A 1 43  ? -12.626 -4.275  -0.809  0.55 26.02 ? 43  HIS A CG  1 
ATOM   196  C CG  B HIS A 1 43  ? -11.514 -3.769  0.545   0.45 26.61 ? 43  HIS A CG  1 
ATOM   197  N ND1 A HIS A 1 43  ? -13.168 -3.021  -0.612  0.55 28.20 ? 43  HIS A ND1 1 
ATOM   198  N ND1 B HIS A 1 43  ? -12.644 -2.982  0.604   0.45 27.70 ? 43  HIS A ND1 1 
ATOM   199  C CD2 A HIS A 1 43  ? -13.664 -5.083  -1.130  0.55 26.46 ? 43  HIS A CD2 1 
ATOM   200  C CD2 B HIS A 1 43  ? -10.886 -3.612  1.734   0.45 27.79 ? 43  HIS A CD2 1 
ATOM   201  C CE1 A HIS A 1 43  ? -14.471 -3.068  -0.814  0.55 26.69 ? 43  HIS A CE1 1 
ATOM   202  C CE1 B HIS A 1 43  ? -12.698 -2.377  1.777   0.45 28.20 ? 43  HIS A CE1 1 
ATOM   203  N NE2 A HIS A 1 43  ? -14.799 -4.309  -1.132  0.55 26.81 ? 43  HIS A NE2 1 
ATOM   204  N NE2 B HIS A 1 43  ? -11.643 -2.742  2.482   0.45 28.66 ? 43  HIS A NE2 1 
ATOM   205  N N   . LEU A 1 44  ? -7.989  -4.514  -1.220  1.00 23.61 ? 44  LEU A N   1 
ATOM   206  C CA  . LEU A 1 44  ? -6.610  -4.349  -0.769  1.00 23.85 ? 44  LEU A CA  1 
ATOM   207  C C   . LEU A 1 44  ? -5.972  -3.144  -1.445  1.00 24.03 ? 44  LEU A C   1 
ATOM   208  O O   . LEU A 1 44  ? -5.291  -2.345  -0.804  1.00 22.96 ? 44  LEU A O   1 
ATOM   209  C CB  . LEU A 1 44  ? -5.774  -5.597  -1.069  1.00 21.71 ? 44  LEU A CB  1 
ATOM   210  C CG  . LEU A 1 44  ? -6.169  -6.951  -0.482  1.00 23.56 ? 44  LEU A CG  1 
ATOM   211  C CD1 . LEU A 1 44  ? -5.207  -8.015  -0.983  1.00 21.46 ? 44  LEU A CD1 1 
ATOM   212  C CD2 . LEU A 1 44  ? -6.173  -6.903  1.034   1.00 21.52 ? 44  LEU A CD2 1 
ATOM   213  N N   . VAL A 1 45  ? -6.197  -3.031  -2.752  1.00 21.41 ? 45  VAL A N   1 
ATOM   214  C CA  . VAL A 1 45  ? -5.665  -1.921  -3.529  1.00 22.15 ? 45  VAL A CA  1 
ATOM   215  C C   . VAL A 1 45  ? -6.259  -0.599  -3.062  1.00 23.25 ? 45  VAL A C   1 
ATOM   216  O O   . VAL A 1 45  ? -5.546  0.395   -2.933  1.00 21.56 ? 45  VAL A O   1 
ATOM   217  C CB  . VAL A 1 45  ? -5.944  -2.092  -5.035  1.00 22.27 ? 45  VAL A CB  1 
ATOM   218  C CG1 . VAL A 1 45  ? -5.252  -0.995  -5.832  1.00 19.97 ? 45  VAL A CG1 1 
ATOM   219  C CG2 . VAL A 1 45  ? -5.488  -3.462  -5.506  1.00 21.51 ? 45  VAL A CG2 1 
ATOM   220  N N   . TRP A 1 46  ? -7.565  -0.594  -2.803  1.00 22.05 ? 46  TRP A N   1 
ATOM   221  C CA  . TRP A 1 46  ? -8.248  0.623   -2.375  1.00 23.99 ? 46  TRP A CA  1 
ATOM   222  C C   . TRP A 1 46  ? -7.685  1.134   -1.050  1.00 24.20 ? 46  TRP A C   1 
ATOM   223  O O   . TRP A 1 46  ? -7.482  2.335   -0.882  1.00 24.95 ? 46  TRP A O   1 
ATOM   224  C CB  . TRP A 1 46  ? -9.760  0.397   -2.236  1.00 23.96 ? 46  TRP A CB  1 
ATOM   225  C CG  . TRP A 1 46  ? -10.493 -0.243  -3.411  1.00 24.67 ? 46  TRP A CG  1 
ATOM   226  C CD1 . TRP A 1 46  ? -11.692 -0.895  -3.343  1.00 24.05 ? 46  TRP A CD1 1 
ATOM   227  C CD2 . TRP A 1 46  ? -10.099 -0.285  -4.799  1.00 24.35 ? 46  TRP A CD2 1 
ATOM   228  N NE1 . TRP A 1 46  ? -12.066 -1.340  -4.586  1.00 24.49 ? 46  TRP A NE1 1 
ATOM   229  C CE2 . TRP A 1 46  ? -11.108 -0.982  -5.496  1.00 25.51 ? 46  TRP A CE2 1 
ATOM   230  C CE3 . TRP A 1 46  ? -8.995  0.193   -5.517  1.00 23.91 ? 46  TRP A CE3 1 
ATOM   231  C CZ2 . TRP A 1 46  ? -11.047 -1.213  -6.870  1.00 24.01 ? 46  TRP A CZ2 1 
ATOM   232  C CZ3 . TRP A 1 46  ? -8.935  -0.043  -6.880  1.00 24.40 ? 46  TRP A CZ3 1 
ATOM   233  C CH2 . TRP A 1 46  ? -9.957  -0.737  -7.541  1.00 24.02 ? 46  TRP A CH2 1 
ATOM   234  N N   . GLU A 1 47  ? -7.436  0.219   -0.117  1.00 22.57 ? 47  GLU A N   1 
ATOM   235  C CA  . GLU A 1 47  ? -6.886  0.575   1.189   1.00 26.27 ? 47  GLU A CA  1 
ATOM   236  C C   . GLU A 1 47  ? -5.548  1.299   1.072   1.00 24.55 ? 47  GLU A C   1 
ATOM   237  O O   . GLU A 1 47  ? -5.347  2.355   1.673   1.00 23.77 ? 47  GLU A O   1 
ATOM   238  C CB  . GLU A 1 47  ? -6.717  -0.675  2.059   1.00 26.57 ? 47  GLU A CB  1 
ATOM   239  C CG  . GLU A 1 47  ? -8.010  -1.407  2.384   1.00 30.46 ? 47  GLU A CG  1 
ATOM   240  C CD  . GLU A 1 47  ? -8.873  -0.666  3.390   1.00 43.25 ? 47  GLU A CD  1 
ATOM   241  O OE1 . GLU A 1 47  ? -8.374  0.295   4.013   1.00 39.21 ? 47  GLU A OE1 1 
ATOM   242  O OE2 . GLU A 1 47  ? -10.050 -1.053  3.560   1.00 45.29 ? 47  GLU A OE2 1 
ATOM   243  N N   . ILE A 1 48  ? -4.637  0.728   0.293   1.00 22.02 ? 48  ILE A N   1 
ATOM   244  C CA  . ILE A 1 48  ? -3.303  1.294   0.135   1.00 23.12 ? 48  ILE A CA  1 
ATOM   245  C C   . ILE A 1 48  ? -3.342  2.618   -0.627  1.00 22.33 ? 48  ILE A C   1 
ATOM   246  O O   . ILE A 1 48  ? -2.663  3.576   -0.256  1.00 23.27 ? 48  ILE A O   1 
ATOM   247  C CB  . ILE A 1 48  ? -2.367  0.310   -0.592  1.00 21.69 ? 48  ILE A CB  1 
ATOM   248  C CG1 . ILE A 1 48  ? -2.291  -1.011  0.179   1.00 22.73 ? 48  ILE A CG1 1 
ATOM   249  C CG2 . ILE A 1 48  ? -0.981  0.906   -0.748  1.00 20.31 ? 48  ILE A CG2 1 
ATOM   250  C CD1 . ILE A 1 48  ? -1.804  -0.857  1.609   1.00 19.41 ? 48  ILE A CD1 1 
ATOM   251  N N   . VAL A 1 49  ? -4.143  2.669   -1.687  1.00 22.47 ? 49  VAL A N   1 
ATOM   252  C CA  . VAL A 1 49  ? -4.290  3.890   -2.474  1.00 21.58 ? 49  VAL A CA  1 
ATOM   253  C C   . VAL A 1 49  ? -4.908  5.021   -1.650  1.00 23.03 ? 49  VAL A C   1 
ATOM   254  O O   . VAL A 1 49  ? -4.441  6.162   -1.707  1.00 21.44 ? 49  VAL A O   1 
ATOM   255  C CB  . VAL A 1 49  ? -5.144  3.646   -3.738  1.00 20.13 ? 49  VAL A CB  1 
ATOM   256  C CG1 . VAL A 1 49  ? -5.555  4.965   -4.376  1.00 20.22 ? 49  VAL A CG1 1 
ATOM   257  C CG2 . VAL A 1 49  ? -4.376  2.782   -4.736  1.00 21.15 ? 49  VAL A CG2 1 
ATOM   258  N N   . ASP A 1 50  ? -5.946  4.701   -0.878  1.00 22.09 ? 50  ASP A N   1 
ATOM   259  C CA  . ASP A 1 50  ? -6.628  5.703   -0.056  1.00 24.68 ? 50  ASP A CA  1 
ATOM   260  C C   . ASP A 1 50  ? -5.685  6.378   0.934   1.00 22.94 ? 50  ASP A C   1 
ATOM   261  O O   . ASP A 1 50  ? -5.856  7.554   1.255   1.00 23.58 ? 50  ASP A O   1 
ATOM   262  C CB  . ASP A 1 50  ? -7.808  5.082   0.698   1.00 25.86 ? 50  ASP A CB  1 
ATOM   263  C CG  . ASP A 1 50  ? -9.022  4.871   -0.188  1.00 30.93 ? 50  ASP A CG  1 
ATOM   264  O OD1 . ASP A 1 50  ? -9.146  5.585   -1.204  1.00 32.85 ? 50  ASP A OD1 1 
ATOM   265  O OD2 . ASP A 1 50  ? -9.854  3.996   0.134   1.00 40.41 ? 50  ASP A OD2 1 
ATOM   266  N N   . ASN A 1 51  ? -4.691  5.637   1.417   1.00 23.61 ? 51  ASN A N   1 
ATOM   267  C CA  . ASN A 1 51  ? -3.676  6.215   2.289   1.00 24.73 ? 51  ASN A CA  1 
ATOM   268  C C   . ASN A 1 51  ? -2.891  7.306   1.573   1.00 24.78 ? 51  ASN A C   1 
ATOM   269  O O   . ASN A 1 51  ? -2.694  8.395   2.107   1.00 23.08 ? 51  ASN A O   1 
ATOM   270  C CB  . ASN A 1 51  ? -2.724  5.136   2.803   1.00 25.54 ? 51  ASN A CB  1 
ATOM   271  C CG  . ASN A 1 51  ? -3.359  4.259   3.864   1.00 29.08 ? 51  ASN A CG  1 
ATOM   272  O OD1 . ASN A 1 51  ? -4.209  4.711   4.630   1.00 36.47 ? 51  ASN A OD1 1 
ATOM   273  N ND2 . ASN A 1 51  ? -2.949  2.997   3.913   1.00 29.18 ? 51  ASN A ND2 1 
ATOM   274  N N   . ALA A 1 52  ? -2.447  7.003   0.357   1.00 22.86 ? 52  ALA A N   1 
ATOM   275  C CA  . ALA A 1 52  ? -1.739  7.977   -0.462  1.00 23.07 ? 52  ALA A CA  1 
ATOM   276  C C   . ALA A 1 52  ? -2.653  9.156   -0.789  1.00 21.86 ? 52  ALA A C   1 
ATOM   277  O O   . ALA A 1 52  ? -2.231  10.312  -0.738  1.00 19.59 ? 52  ALA A O   1 
ATOM   278  C CB  . ALA A 1 52  ? -1.226  7.325   -1.738  1.00 19.12 ? 52  ALA A CB  1 
ATOM   279  N N   . VAL A 1 53  ? -3.906  8.851   -1.116  1.00 21.99 ? 53  VAL A N   1 
ATOM   280  C CA  . VAL A 1 53  ? -4.890  9.874   -1.460  1.00 23.12 ? 53  VAL A CA  1 
ATOM   281  C C   . VAL A 1 53  ? -5.183  10.796  -0.274  1.00 24.04 ? 53  VAL A C   1 
ATOM   282  O O   . VAL A 1 53  ? -5.220  12.019  -0.428  1.00 22.63 ? 53  VAL A O   1 
ATOM   283  C CB  . VAL A 1 53  ? -6.203  9.240   -1.959  1.00 24.73 ? 53  VAL A CB  1 
ATOM   284  C CG1 . VAL A 1 53  ? -7.286  10.297  -2.109  1.00 24.43 ? 53  VAL A CG1 1 
ATOM   285  C CG2 . VAL A 1 53  ? -5.973  8.521   -3.278  1.00 22.35 ? 53  VAL A CG2 1 
ATOM   286  N N   . ASP A 1 54  ? -5.386  10.209  0.904   1.00 23.48 ? 54  ASP A N   1 
ATOM   287  C CA  . ASP A 1 54  ? -5.584  10.991  2.123   1.00 23.45 ? 54  ASP A CA  1 
ATOM   288  C C   . ASP A 1 54  ? -4.424  11.953  2.361   1.00 23.99 ? 54  ASP A C   1 
ATOM   289  O O   . ASP A 1 54  ? -4.627  13.104  2.739   1.00 21.40 ? 54  ASP A O   1 
ATOM   290  C CB  . ASP A 1 54  ? -5.751  10.079  3.341   1.00 25.27 ? 54  ASP A CB  1 
ATOM   291  C CG  . ASP A 1 54  ? -7.086  9.361   3.357   1.00 26.75 ? 54  ASP A CG  1 
ATOM   292  O OD1 . ASP A 1 54  ? -7.992  9.748   2.587   1.00 26.94 ? 54  ASP A OD1 1 
ATOM   293  O OD2 . ASP A 1 54  ? -7.233  8.407   4.153   1.00 30.57 ? 54  ASP A OD2 1 
ATOM   294  N N   . GLU A 1 55  ? -3.207  11.471  2.134   1.00 23.11 ? 55  GLU A N   1 
ATOM   295  C CA  . GLU A 1 55  ? -2.020  12.298  2.301   1.00 24.02 ? 55  GLU A CA  1 
ATOM   296  C C   . GLU A 1 55  ? -2.012  13.463  1.315   1.00 22.87 ? 55  GLU A C   1 
ATOM   297  O O   . GLU A 1 55  ? -1.656  14.589  1.668   1.00 21.44 ? 55  GLU A O   1 
ATOM   298  C CB  . GLU A 1 55  ? -0.758  11.454  2.130   1.00 23.72 ? 55  GLU A CB  1 
ATOM   299  C CG  . GLU A 1 55  ? 0.533   12.232  2.305   1.00 24.91 ? 55  GLU A CG  1 
ATOM   300  C CD  . GLU A 1 55  ? 0.895   12.459  3.761   1.00 26.56 ? 55  GLU A CD  1 
ATOM   301  O OE1 . GLU A 1 55  ? 0.079   12.129  4.645   1.00 26.58 ? 55  GLU A OE1 1 
ATOM   302  O OE2 . GLU A 1 55  ? 2.006   12.971  4.020   1.00 28.09 ? 55  GLU A OE2 1 
ATOM   303  N N   . ALA A 1 56  ? -2.407  13.183  0.076   1.00 21.71 ? 56  ALA A N   1 
ATOM   304  C CA  . ALA A 1 56  ? -2.466  14.210  -0.958  1.00 22.87 ? 56  ALA A CA  1 
ATOM   305  C C   . ALA A 1 56  ? -3.592  15.202  -0.678  1.00 23.37 ? 56  ALA A C   1 
ATOM   306  O O   . ALA A 1 56  ? -3.483  16.384  -1.006  1.00 22.64 ? 56  ALA A O   1 
ATOM   307  C CB  . ALA A 1 56  ? -2.644  13.574  -2.329  1.00 22.51 ? 56  ALA A CB  1 
ATOM   308  N N   . LEU A 1 57  ? -4.671  14.718  -0.070  1.00 22.19 ? 57  LEU A N   1 
ATOM   309  C CA  . LEU A 1 57  ? -5.786  15.586  0.287   1.00 25.57 ? 57  LEU A CA  1 
ATOM   310  C C   . LEU A 1 57  ? -5.337  16.615  1.318   1.00 23.96 ? 57  LEU A C   1 
ATOM   311  O O   . LEU A 1 57  ? -5.807  17.755  1.325   1.00 25.84 ? 57  LEU A O   1 
ATOM   312  C CB  . LEU A 1 57  ? -6.964  14.774  0.827   1.00 24.60 ? 57  LEU A CB  1 
ATOM   313  C CG  . LEU A 1 57  ? -8.189  15.601  1.222   1.00 30.44 ? 57  LEU A CG  1 
ATOM   314  C CD1 . LEU A 1 57  ? -8.755  16.319  0.006   1.00 26.40 ? 57  LEU A CD1 1 
ATOM   315  C CD2 . LEU A 1 57  ? -9.253  14.741  1.896   1.00 27.21 ? 57  LEU A CD2 1 
ATOM   316  N N   . SER A 1 58  ? -4.412  16.207  2.180   1.00 22.70 ? 58  SER A N   1 
ATOM   317  C CA  . SER A 1 58  ? -3.851  17.100  3.183   1.00 24.45 ? 58  SER A CA  1 
ATOM   318  C C   . SER A 1 58  ? -2.806  18.030  2.567   1.00 23.99 ? 58  SER A C   1 
ATOM   319  O O   . SER A 1 58  ? -2.216  18.857  3.260   1.00 24.54 ? 58  SER A O   1 
ATOM   320  C CB  . SER A 1 58  ? -3.235  16.300  4.333   1.00 24.43 ? 58  SER A CB  1 
ATOM   321  O OG  . SER A 1 58  ? -4.217  15.521  4.995   1.00 23.36 ? 58  SER A OG  1 
ATOM   322  N N   . GLY A 1 59  ? -2.579  17.880  1.265   1.00 24.42 ? 59  GLY A N   1 
ATOM   323  C CA  . GLY A 1 59  ? -1.711  18.779  0.526   1.00 25.43 ? 59  GLY A CA  1 
ATOM   324  C C   . GLY A 1 59  ? -0.278  18.305  0.371   1.00 25.50 ? 59  GLY A C   1 
ATOM   325  O O   . GLY A 1 59  ? 0.590   19.067  -0.052  1.00 25.83 ? 59  GLY A O   1 
ATOM   326  N N   . PHE A 1 60  ? -0.027  17.044  0.702   1.00 22.99 ? 60  PHE A N   1 
ATOM   327  C CA  . PHE A 1 60  ? 1.326   16.501  0.633   1.00 24.96 ? 60  PHE A CA  1 
ATOM   328  C C   . PHE A 1 60  ? 1.494   15.515  -0.520  1.00 23.09 ? 60  PHE A C   1 
ATOM   329  O O   . PHE A 1 60  ? 0.967   14.404  -0.481  1.00 23.10 ? 60  PHE A O   1 
ATOM   330  C CB  . PHE A 1 60  ? 1.691   15.832  1.959   1.00 25.30 ? 60  PHE A CB  1 
ATOM   331  C CG  . PHE A 1 60  ? 1.613   16.757  3.140   1.00 27.15 ? 60  PHE A CG  1 
ATOM   332  C CD1 . PHE A 1 60  ? 2.580   17.730  3.333   1.00 27.51 ? 60  PHE A CD1 1 
ATOM   333  C CD2 . PHE A 1 60  ? 0.575   16.659  4.052   1.00 26.29 ? 60  PHE A CD2 1 
ATOM   334  C CE1 . PHE A 1 60  ? 2.516   18.586  4.414   1.00 27.42 ? 60  PHE A CE1 1 
ATOM   335  C CE2 . PHE A 1 60  ? 0.506   17.513  5.137   1.00 28.15 ? 60  PHE A CE2 1 
ATOM   336  C CZ  . PHE A 1 60  ? 1.479   18.477  5.318   1.00 29.07 ? 60  PHE A CZ  1 
ATOM   337  N N   . GLY A 1 61  ? 2.238   15.930  -1.542  1.00 22.67 ? 61  GLY A N   1 
ATOM   338  C CA  . GLY A 1 61  ? 2.457   15.104  -2.716  1.00 23.44 ? 61  GLY A CA  1 
ATOM   339  C C   . GLY A 1 61  ? 1.455   15.435  -3.804  1.00 25.03 ? 61  GLY A C   1 
ATOM   340  O O   . GLY A 1 61  ? 0.278   15.650  -3.518  1.00 25.69 ? 61  GLY A O   1 
ATOM   341  N N   . ASP A 1 62  ? 1.914   15.480  -5.052  1.00 23.87 ? 62  ASP A N   1 
ATOM   342  C CA  . ASP A 1 62  ? 1.045   15.868  -6.160  1.00 25.83 ? 62  ASP A CA  1 
ATOM   343  C C   . ASP A 1 62  ? 0.925   14.781  -7.231  1.00 23.83 ? 62  ASP A C   1 
ATOM   344  O O   . ASP A 1 62  ? 0.285   14.992  -8.261  1.00 23.85 ? 62  ASP A O   1 
ATOM   345  C CB  . ASP A 1 62  ? 1.539   17.171  -6.795  1.00 26.67 ? 62  ASP A CB  1 
ATOM   346  C CG  . ASP A 1 62  ? 2.884   17.015  -7.470  1.00 29.53 ? 62  ASP A CG  1 
ATOM   347  O OD1 . ASP A 1 62  ? 3.651   16.115  -7.073  1.00 31.35 ? 62  ASP A OD1 1 
ATOM   348  O OD2 . ASP A 1 62  ? 3.172   17.792  -8.405  1.00 45.44 ? 62  ASP A OD2 1 
ATOM   349  N N   . ARG A 1 63  ? 1.539   13.625  -6.999  1.00 23.88 ? 63  ARG A N   1 
ATOM   350  C CA  . ARG A 1 63  ? 1.307   12.482  -7.878  1.00 23.17 ? 63  ARG A CA  1 
ATOM   351  C C   . ARG A 1 63  ? 1.342   11.160  -7.117  1.00 21.58 ? 63  ARG A C   1 
ATOM   352  O O   . ARG A 1 63  ? 2.068   11.001  -6.135  1.00 21.65 ? 63  ARG A O   1 
ATOM   353  C CB  . ARG A 1 63  ? 2.315   12.458  -9.039  1.00 24.50 ? 63  ARG A CB  1 
ATOM   354  C CG  . ARG A 1 63  ? 3.728   12.041  -8.676  1.00 28.05 ? 63  ARG A CG  1 
ATOM   355  C CD  . ARG A 1 63  ? 4.607   11.905  -9.919  1.00 27.32 ? 63  ARG A CD  1 
ATOM   356  N NE  . ARG A 1 63  ? 4.114   10.887  -10.847 1.00 25.71 ? 63  ARG A NE  1 
ATOM   357  C CZ  . ARG A 1 63  ? 3.642   11.143  -12.063 1.00 27.78 ? 63  ARG A CZ  1 
ATOM   358  N NH1 . ARG A 1 63  ? 3.606   12.389  -12.515 1.00 26.52 ? 63  ARG A NH1 1 
ATOM   359  N NH2 . ARG A 1 63  ? 3.210   10.151  -12.829 1.00 25.58 ? 63  ARG A NH2 1 
ATOM   360  N N   . ILE A 1 64  ? 0.526   10.221  -7.580  1.00 21.29 ? 64  ILE A N   1 
ATOM   361  C CA  . ILE A 1 64  ? 0.384   8.918   -6.947  1.00 20.89 ? 64  ILE A CA  1 
ATOM   362  C C   . ILE A 1 64  ? 0.478   7.829   -8.006  1.00 20.22 ? 64  ILE A C   1 
ATOM   363  O O   . ILE A 1 64  ? -0.420  7.690   -8.836  1.00 18.97 ? 64  ILE A O   1 
ATOM   364  C CB  . ILE A 1 64  ? -0.959  8.802   -6.195  1.00 19.07 ? 64  ILE A CB  1 
ATOM   365  C CG1 . ILE A 1 64  ? -1.075  9.904   -5.135  1.00 20.99 ? 64  ILE A CG1 1 
ATOM   366  C CG2 . ILE A 1 64  ? -1.110  7.419   -5.580  1.00 16.86 ? 64  ILE A CG2 1 
ATOM   367  C CD1 . ILE A 1 64  ? -2.428  9.979   -4.459  1.00 19.43 ? 64  ILE A CD1 1 
ATOM   368  N N   . ASP A 1 65  ? 1.564   7.062   -7.978  1.00 18.21 ? 65  ASP A N   1 
ATOM   369  C CA  . ASP A 1 65  ? 1.831   6.087   -9.032  1.00 19.21 ? 65  ASP A CA  1 
ATOM   370  C C   . ASP A 1 65  ? 1.511   4.652   -8.622  1.00 19.79 ? 65  ASP A C   1 
ATOM   371  O O   . ASP A 1 65  ? 2.049   4.133   -7.641  1.00 17.83 ? 65  ASP A O   1 
ATOM   372  C CB  . ASP A 1 65  ? 3.291   6.181   -9.474  1.00 20.48 ? 65  ASP A CB  1 
ATOM   373  C CG  . ASP A 1 65  ? 3.601   7.487   -10.180 1.00 22.87 ? 65  ASP A CG  1 
ATOM   374  O OD1 . ASP A 1 65  ? 2.839   7.865   -11.097 1.00 23.38 ? 65  ASP A OD1 1 
ATOM   375  O OD2 . ASP A 1 65  ? 4.601   8.140   -9.815  1.00 25.63 ? 65  ASP A OD2 1 
ATOM   376  N N   . VAL A 1 66  ? 0.637   4.013   -9.393  1.00 17.02 ? 66  VAL A N   1 
ATOM   377  C CA  . VAL A 1 66  ? 0.273   2.623   -9.160  1.00 18.27 ? 66  VAL A CA  1 
ATOM   378  C C   . VAL A 1 66  ? 0.850   1.733   -10.253 1.00 19.14 ? 66  VAL A C   1 
ATOM   379  O O   . VAL A 1 66  ? 0.719   2.033   -11.440 1.00 19.27 ? 66  VAL A O   1 
ATOM   380  C CB  . VAL A 1 66  ? -1.256  2.438   -9.107  1.00 16.41 ? 66  VAL A CB  1 
ATOM   381  C CG1 . VAL A 1 66  ? -1.605  0.986   -8.805  1.00 16.45 ? 66  VAL A CG1 1 
ATOM   382  C CG2 . VAL A 1 66  ? -1.871  3.371   -8.066  1.00 17.11 ? 66  VAL A CG2 1 
ATOM   383  N N   . THR A 1 67  ? 1.491   0.642   -9.851  1.00 18.28 ? 67  THR A N   1 
ATOM   384  C CA  . THR A 1 67  ? 2.072   -0.281  -10.813 1.00 20.76 ? 67  THR A CA  1 
ATOM   385  C C   . THR A 1 67  ? 1.674   -1.722  -10.526 1.00 22.21 ? 67  THR A C   1 
ATOM   386  O O   . THR A 1 67  ? 1.898   -2.234  -9.429  1.00 22.95 ? 67  THR A O   1 
ATOM   387  C CB  . THR A 1 67  ? 3.608   -0.190  -10.829 1.00 19.69 ? 67  THR A CB  1 
ATOM   388  O OG1 . THR A 1 67  ? 4.005   1.168   -11.046 1.00 19.81 ? 67  THR A OG1 1 
ATOM   389  C CG2 . THR A 1 67  ? 4.180   -1.069  -11.931 1.00 19.74 ? 67  THR A CG2 1 
ATOM   390  N N   . ILE A 1 68  ? 1.075   -2.367  -11.520 1.00 21.34 ? 68  ILE A N   1 
ATOM   391  C CA  . ILE A 1 68  ? 0.823   -3.797  -11.450 1.00 21.44 ? 68  ILE A CA  1 
ATOM   392  C C   . ILE A 1 68  ? 2.067   -4.506  -11.966 1.00 23.95 ? 68  ILE A C   1 
ATOM   393  O O   . ILE A 1 68  ? 2.352   -4.486  -13.163 1.00 22.83 ? 68  ILE A O   1 
ATOM   394  C CB  . ILE A 1 68  ? -0.408  -4.210  -12.269 1.00 23.31 ? 68  ILE A CB  1 
ATOM   395  C CG1 . ILE A 1 68  ? -1.597  -3.302  -11.944 1.00 21.14 ? 68  ILE A CG1 1 
ATOM   396  C CG2 . ILE A 1 68  ? -0.756  -5.671  -12.008 1.00 23.32 ? 68  ILE A CG2 1 
ATOM   397  C CD1 . ILE A 1 68  ? -2.802  -3.529  -12.839 1.00 23.06 ? 68  ILE A CD1 1 
ATOM   398  N N   . ASN A 1 69  ? 2.817   -5.112  -11.052 1.00 23.52 ? 69  ASN A N   1 
ATOM   399  C CA  . ASN A 1 69  ? 4.110   -5.689  -11.390 1.00 26.31 ? 69  ASN A CA  1 
ATOM   400  C C   . ASN A 1 69  ? 3.972   -7.036  -12.095 1.00 26.99 ? 69  ASN A C   1 
ATOM   401  O O   . ASN A 1 69  ? 2.940   -7.700  -11.991 1.00 23.40 ? 69  ASN A O   1 
ATOM   402  C CB  . ASN A 1 69  ? 4.961   -5.830  -10.129 1.00 24.27 ? 69  ASN A CB  1 
ATOM   403  C CG  . ASN A 1 69  ? 5.209   -4.497  -9.448  1.00 24.03 ? 69  ASN A CG  1 
ATOM   404  O OD1 . ASN A 1 69  ? 5.591   -3.521  -10.092 1.00 20.98 ? 69  ASN A OD1 1 
ATOM   405  N ND2 . ASN A 1 69  ? 4.977   -4.445  -8.140  1.00 20.96 ? 69  ASN A ND2 1 
ATOM   406  N N   . LYS A 1 70  ? 5.021   -7.430  -12.812 1.00 27.98 ? 70  LYS A N   1 
ATOM   407  C CA  . LYS A 1 70  ? 4.988   -8.631  -13.641 1.00 29.89 ? 70  LYS A CA  1 
ATOM   408  C C   . LYS A 1 70  ? 4.776   -9.904  -12.826 1.00 29.00 ? 70  LYS A C   1 
ATOM   409  O O   . LYS A 1 70  ? 4.162   -10.856 -13.305 1.00 29.22 ? 70  LYS A O   1 
ATOM   410  C CB  . LYS A 1 70  ? 6.280   -8.744  -14.454 1.00 33.52 ? 70  LYS A CB  1 
ATOM   411  C CG  . LYS A 1 70  ? 6.061   -8.879  -15.951 1.00 42.04 ? 70  LYS A CG  1 
ATOM   412  C CD  . LYS A 1 70  ? 7.370   -9.130  -16.687 1.00 43.92 ? 70  LYS A CD  1 
ATOM   413  C CE  . LYS A 1 70  ? 7.159   -10.020 -17.904 1.00 52.91 ? 70  LYS A CE  1 
ATOM   414  N NZ  . LYS A 1 70  ? 8.348   -10.025 -18.801 1.00 62.90 ? 70  LYS A NZ  1 
ATOM   415  N N   . ASP A 1 71  ? 5.280   -9.918  -11.595 1.00 27.96 ? 71  ASP A N   1 
ATOM   416  C CA  . ASP A 1 71  ? 5.146   -11.095 -10.739 1.00 27.93 ? 71  ASP A CA  1 
ATOM   417  C C   . ASP A 1 71  ? 3.762   -11.187 -10.100 1.00 28.15 ? 71  ASP A C   1 
ATOM   418  O O   . ASP A 1 71  ? 3.466   -12.140 -9.378  1.00 30.23 ? 71  ASP A O   1 
ATOM   419  C CB  . ASP A 1 71  ? 6.222   -11.100 -9.648  1.00 27.32 ? 71  ASP A CB  1 
ATOM   420  C CG  . ASP A 1 71  ? 6.237   -9.823  -8.823  1.00 27.09 ? 71  ASP A CG  1 
ATOM   421  O OD1 . ASP A 1 71  ? 5.315   -8.991  -8.967  1.00 26.21 ? 71  ASP A OD1 1 
ATOM   422  O OD2 . ASP A 1 71  ? 7.174   -9.657  -8.014  1.00 27.91 ? 71  ASP A OD2 1 
ATOM   423  N N   . GLY A 1 72  ? 2.921   -10.191 -10.359 1.00 27.99 ? 72  GLY A N   1 
ATOM   424  C CA  . GLY A 1 72  ? 1.566   -10.186 -9.837  1.00 26.89 ? 72  GLY A CA  1 
ATOM   425  C C   . GLY A 1 72  ? 1.363   -9.233  -8.676  1.00 26.51 ? 72  GLY A C   1 
ATOM   426  O O   . GLY A 1 72  ? 0.229   -8.931  -8.305  1.00 27.71 ? 72  GLY A O   1 
ATOM   427  N N   . SER A 1 73  ? 2.462   -8.756  -8.098  1.00 24.34 ? 73  SER A N   1 
ATOM   428  C CA  . SER A 1 73  ? 2.386   -7.818  -6.983  1.00 23.48 ? 73  SER A CA  1 
ATOM   429  C C   . SER A 1 73  ? 1.944   -6.447  -7.478  1.00 23.89 ? 73  SER A C   1 
ATOM   430  O O   . SER A 1 73  ? 1.963   -6.175  -8.680  1.00 24.25 ? 73  SER A O   1 
ATOM   431  C CB  . SER A 1 73  ? 3.734   -7.711  -6.268  1.00 24.21 ? 73  SER A CB  1 
ATOM   432  O OG  . SER A 1 73  ? 4.709   -7.114  -7.105  1.00 22.29 ? 73  SER A OG  1 
ATOM   433  N N   . LEU A 1 74  ? 1.542   -5.587  -6.550  1.00 21.30 ? 74  LEU A N   1 
ATOM   434  C CA  . LEU A 1 74  ? 1.107   -4.241  -6.896  1.00 21.39 ? 74  LEU A CA  1 
ATOM   435  C C   . LEU A 1 74  ? 1.837   -3.203  -6.053  1.00 20.12 ? 74  LEU A C   1 
ATOM   436  O O   . LEU A 1 74  ? 2.021   -3.387  -4.851  1.00 19.49 ? 74  LEU A O   1 
ATOM   437  C CB  . LEU A 1 74  ? -0.407  -4.102  -6.720  1.00 19.54 ? 74  LEU A CB  1 
ATOM   438  C CG  . LEU A 1 74  ? -1.014  -2.746  -7.096  1.00 21.75 ? 74  LEU A CG  1 
ATOM   439  C CD1 . LEU A 1 74  ? -2.202  -2.929  -8.024  1.00 21.60 ? 74  LEU A CD1 1 
ATOM   440  C CD2 . LEU A 1 74  ? -1.424  -1.980  -5.850  1.00 19.90 ? 74  LEU A CD2 1 
ATOM   441  N N   . THR A 1 75  ? 2.247   -2.113  -6.695  1.00 18.24 ? 75  THR A N   1 
ATOM   442  C CA  . THR A 1 75  ? 2.990   -1.052  -6.026  1.00 17.02 ? 75  THR A CA  1 
ATOM   443  C C   . THR A 1 75  ? 2.209   0.262   -6.015  1.00 19.35 ? 75  THR A C   1 
ATOM   444  O O   . THR A 1 75  ? 1.631   0.664   -7.027  1.00 20.13 ? 75  THR A O   1 
ATOM   445  C CB  . THR A 1 75  ? 4.366   -0.820  -6.701  1.00 19.69 ? 75  THR A CB  1 
ATOM   446  O OG1 . THR A 1 75  ? 5.195   -1.975  -6.521  1.00 18.44 ? 75  THR A OG1 1 
ATOM   447  C CG2 . THR A 1 75  ? 5.072   0.385   -6.101  1.00 18.42 ? 75  THR A CG2 1 
ATOM   448  N N   . VAL A 1 76  ? 2.179   0.919   -4.860  1.00 18.35 ? 76  VAL A N   1 
ATOM   449  C CA  . VAL A 1 76  ? 1.630   2.265   -4.760  1.00 19.21 ? 76  VAL A CA  1 
ATOM   450  C C   . VAL A 1 76  ? 2.673   3.204   -4.166  1.00 18.28 ? 76  VAL A C   1 
ATOM   451  O O   . VAL A 1 76  ? 3.159   2.982   -3.061  1.00 19.76 ? 76  VAL A O   1 
ATOM   452  C CB  . VAL A 1 76  ? 0.356   2.309   -3.902  1.00 18.54 ? 76  VAL A CB  1 
ATOM   453  C CG1 . VAL A 1 76  ? -0.220  3.717   -3.885  1.00 17.97 ? 76  VAL A CG1 1 
ATOM   454  C CG2 . VAL A 1 76  ? -0.672  1.319   -4.426  1.00 18.52 ? 76  VAL A CG2 1 
ATOM   455  N N   . GLN A 1 77  ? 3.017   4.252   -4.906  1.00 19.15 ? 77  GLN A N   1 
ATOM   456  C CA  . GLN A 1 77  ? 4.004   5.215   -4.438  1.00 20.76 ? 77  GLN A CA  1 
ATOM   457  C C   . GLN A 1 77  ? 3.433   6.623   -4.422  1.00 19.23 ? 77  GLN A C   1 
ATOM   458  O O   . GLN A 1 77  ? 2.857   7.076   -5.412  1.00 19.95 ? 77  GLN A O   1 
ATOM   459  C CB  . GLN A 1 77  ? 5.260   5.168   -5.317  1.00 19.84 ? 77  GLN A CB  1 
ATOM   460  C CG  . GLN A 1 77  ? 6.377   6.093   -4.851  1.00 21.77 ? 77  GLN A CG  1 
ATOM   461  C CD  . GLN A 1 77  ? 7.682   5.853   -5.591  1.00 25.26 ? 77  GLN A CD  1 
ATOM   462  O OE1 . GLN A 1 77  ? 7.717   5.146   -6.597  1.00 25.34 ? 77  GLN A OE1 1 
ATOM   463  N NE2 . GLN A 1 77  ? 8.765   6.433   -5.085  1.00 25.27 ? 77  GLN A NE2 1 
ATOM   464  N N   . ASP A 1 78  ? 3.583   7.313   -3.295  1.00 20.49 ? 78  ASP A N   1 
ATOM   465  C CA  . ASP A 1 78  ? 3.212   8.720   -3.237  1.00 20.05 ? 78  ASP A CA  1 
ATOM   466  C C   . ASP A 1 78  ? 4.437   9.557   -2.905  1.00 22.90 ? 78  ASP A C   1 
ATOM   467  O O   . ASP A 1 78  ? 5.536   9.030   -2.717  1.00 19.38 ? 78  ASP A O   1 
ATOM   468  C CB  . ASP A 1 78  ? 2.086   8.974   -2.219  1.00 20.76 ? 78  ASP A CB  1 
ATOM   469  C CG  . ASP A 1 78  ? 2.492   8.682   -0.772  1.00 24.11 ? 78  ASP A CG  1 
ATOM   470  O OD1 . ASP A 1 78  ? 3.529   9.192   -0.290  1.00 20.66 ? 78  ASP A OD1 1 
ATOM   471  O OD2 . ASP A 1 78  ? 1.734   7.956   -0.095  1.00 23.39 ? 78  ASP A OD2 1 
ATOM   472  N N   . HIS A 1 79  ? 4.239   10.865  -2.831  1.00 21.36 ? 79  HIS A N   1 
ATOM   473  C CA  . HIS A 1 79  ? 5.314   11.782  -2.493  1.00 23.14 ? 79  HIS A CA  1 
ATOM   474  C C   . HIS A 1 79  ? 4.882   12.686  -1.348  1.00 22.46 ? 79  HIS A C   1 
ATOM   475  O O   . HIS A 1 79  ? 5.200   13.874  -1.324  1.00 20.94 ? 79  HIS A O   1 
ATOM   476  C CB  . HIS A 1 79  ? 5.721   12.590  -3.723  1.00 23.56 ? 79  HIS A CB  1 
ATOM   477  C CG  . HIS A 1 79  ? 6.259   11.745  -4.834  1.00 24.27 ? 79  HIS A CG  1 
ATOM   478  N ND1 . HIS A 1 79  ? 7.607   11.628  -5.095  1.00 27.82 ? 79  HIS A ND1 1 
ATOM   479  C CD2 . HIS A 1 79  ? 5.633   10.946  -5.730  1.00 24.81 ? 79  HIS A CD2 1 
ATOM   480  C CE1 . HIS A 1 79  ? 7.788   10.810  -6.116  1.00 26.58 ? 79  HIS A CE1 1 
ATOM   481  N NE2 . HIS A 1 79  ? 6.605   10.380  -6.519  1.00 27.81 ? 79  HIS A NE2 1 
ATOM   482  N N   . GLY A 1 80  ? 4.153   12.102  -0.402  1.00 22.36 ? 80  GLY A N   1 
ATOM   483  C CA  . GLY A 1 80  ? 3.742   12.806  0.798   1.00 23.00 ? 80  GLY A CA  1 
ATOM   484  C C   . GLY A 1 80  ? 4.886   12.880  1.789   1.00 24.67 ? 80  GLY A C   1 
ATOM   485  O O   . GLY A 1 80  ? 6.048   12.783  1.404   1.00 23.22 ? 80  GLY A O   1 
ATOM   486  N N   . ARG A 1 81  ? 4.559   13.034  3.068   1.00 24.83 ? 81  ARG A N   1 
ATOM   487  C CA  . ARG A 1 81  ? 5.571   13.232  4.104   1.00 26.48 ? 81  ARG A CA  1 
ATOM   488  C C   . ARG A 1 81  ? 6.361   11.963  4.411   1.00 28.47 ? 81  ARG A C   1 
ATOM   489  O O   . ARG A 1 81  ? 7.448   12.021  4.990   1.00 30.08 ? 81  ARG A O   1 
ATOM   490  C CB  . ARG A 1 81  ? 4.916   13.749  5.385   1.00 26.96 ? 81  ARG A CB  1 
ATOM   491  C CG  . ARG A 1 81  ? 4.374   15.160  5.274   1.00 26.66 ? 81  ARG A CG  1 
ATOM   492  C CD  . ARG A 1 81  ? 3.408   15.473  6.406   1.00 26.27 ? 81  ARG A CD  1 
ATOM   493  N NE  . ARG A 1 81  ? 2.162   14.721  6.289   1.00 26.59 ? 81  ARG A NE  1 
ATOM   494  C CZ  . ARG A 1 81  ? 1.139   14.840  7.128   1.00 29.80 ? 81  ARG A CZ  1 
ATOM   495  N NH1 . ARG A 1 81  ? 1.215   15.685  8.149   1.00 26.89 ? 81  ARG A NH1 1 
ATOM   496  N NH2 . ARG A 1 81  ? 0.041   14.118  6.947   1.00 28.72 ? 81  ARG A NH2 1 
ATOM   497  N N   . GLY A 1 82  ? 5.811   10.820  4.021   1.00 26.52 ? 82  GLY A N   1 
ATOM   498  C CA  . GLY A 1 82  ? 6.394   9.542   4.377   1.00 24.98 ? 82  GLY A CA  1 
ATOM   499  C C   . GLY A 1 82  ? 5.857   9.095   5.722   1.00 27.97 ? 82  GLY A C   1 
ATOM   500  O O   . GLY A 1 82  ? 5.617   9.920   6.601   1.00 27.50 ? 82  GLY A O   1 
ATOM   501  N N   . MET A 1 83  ? 5.655   7.789   5.877   1.00 27.29 ? 83  MET A N   1 
ATOM   502  C CA  . MET A 1 83  ? 5.201   7.224   7.143   1.00 27.31 ? 83  MET A CA  1 
ATOM   503  C C   . MET A 1 83  ? 6.228   7.496   8.243   1.00 26.52 ? 83  MET A C   1 
ATOM   504  O O   . MET A 1 83  ? 7.376   7.821   7.944   1.00 28.01 ? 83  MET A O   1 
ATOM   505  C CB  . MET A 1 83  ? 4.955   5.718   6.996   1.00 27.44 ? 83  MET A CB  1 
ATOM   506  C CG  . MET A 1 83  ? 3.888   5.360   5.976   1.00 27.67 ? 83  MET A CG  1 
ATOM   507  S SD  . MET A 1 83  ? 3.518   3.596   5.984   1.00 29.04 ? 83  MET A SD  1 
ATOM   508  C CE  . MET A 1 83  ? 2.712   3.429   7.575   1.00 26.72 ? 83  MET A CE  1 
ATOM   509  N N   . PRO A 1 84  ? 5.817   7.384   9.520   1.00 28.71 ? 84  PRO A N   1 
ATOM   510  C CA  . PRO A 1 84  ? 6.775   7.619   10.608  1.00 27.34 ? 84  PRO A CA  1 
ATOM   511  C C   . PRO A 1 84  ? 7.976   6.678   10.553  1.00 25.11 ? 84  PRO A C   1 
ATOM   512  O O   . PRO A 1 84  ? 7.811   5.464   10.411  1.00 25.70 ? 84  PRO A O   1 
ATOM   513  C CB  . PRO A 1 84  ? 5.942   7.362   11.870  1.00 26.58 ? 84  PRO A CB  1 
ATOM   514  C CG  . PRO A 1 84  ? 4.540   7.626   11.454  1.00 27.80 ? 84  PRO A CG  1 
ATOM   515  C CD  . PRO A 1 84  ? 4.451   7.166   10.029  1.00 26.82 ? 84  PRO A CD  1 
ATOM   516  N N   . THR A 1 85  ? 9.174   7.242   10.655  1.00 25.02 ? 85  THR A N   1 
ATOM   517  C CA  . THR A 1 85  ? 10.400  6.458   10.596  1.00 25.85 ? 85  THR A CA  1 
ATOM   518  C C   . THR A 1 85  ? 10.959  6.192   11.988  1.00 25.06 ? 85  THR A C   1 
ATOM   519  O O   . THR A 1 85  ? 11.972  5.512   12.138  1.00 23.00 ? 85  THR A O   1 
ATOM   520  C CB  . THR A 1 85  ? 11.484  7.166   9.759   1.00 25.38 ? 85  THR A CB  1 
ATOM   521  O OG1 . THR A 1 85  ? 11.678  8.496   10.258  1.00 26.96 ? 85  THR A OG1 1 
ATOM   522  C CG2 . THR A 1 85  ? 11.077  7.236   8.296   1.00 25.03 ? 85  THR A CG2 1 
ATOM   523  N N   . GLY A 1 86  ? 10.287  6.730   13.003  1.00 26.12 ? 86  GLY A N   1 
ATOM   524  C CA  . GLY A 1 86  ? 10.772  6.644   14.368  1.00 26.35 ? 86  GLY A CA  1 
ATOM   525  C C   . GLY A 1 86  ? 10.490  5.316   15.043  1.00 27.60 ? 86  GLY A C   1 
ATOM   526  O O   . GLY A 1 86  ? 10.045  4.362   14.403  1.00 26.16 ? 86  GLY A O   1 
ATOM   527  N N   . MET A 1 87  ? 10.754  5.262   16.346  1.00 26.46 ? 87  MET A N   1 
ATOM   528  C CA  . MET A 1 87  ? 10.547  4.053   17.134  1.00 27.15 ? 87  MET A CA  1 
ATOM   529  C C   . MET A 1 87  ? 9.278   4.135   17.976  1.00 28.37 ? 87  MET A C   1 
ATOM   530  O O   . MET A 1 87  ? 8.927   5.196   18.490  1.00 25.01 ? 87  MET A O   1 
ATOM   531  C CB  . MET A 1 87  ? 11.747  3.799   18.051  1.00 30.58 ? 87  MET A CB  1 
ATOM   532  C CG  . MET A 1 87  ? 13.064  3.546   17.332  1.00 32.68 ? 87  MET A CG  1 
ATOM   533  S SD  . MET A 1 87  ? 13.121  1.911   16.580  1.00 48.48 ? 87  MET A SD  1 
ATOM   534  C CE  . MET A 1 87  ? 14.826  1.838   16.037  1.00 48.65 ? 87  MET A CE  1 
ATOM   535  N N   . HIS A 1 88  ? 8.595   3.005   18.112  1.00 27.62 ? 88  HIS A N   1 
ATOM   536  C CA  . HIS A 1 88  ? 7.499   2.884   19.061  1.00 28.34 ? 88  HIS A CA  1 
ATOM   537  C C   . HIS A 1 88  ? 8.096   2.461   20.400  1.00 30.36 ? 88  HIS A C   1 
ATOM   538  O O   . HIS A 1 88  ? 9.146   2.963   20.804  1.00 31.30 ? 88  HIS A O   1 
ATOM   539  C CB  . HIS A 1 88  ? 6.464   1.872   18.569  1.00 29.18 ? 88  HIS A CB  1 
ATOM   540  C CG  . HIS A 1 88  ? 5.088   2.088   19.114  1.00 29.11 ? 88  HIS A CG  1 
ATOM   541  N ND1 . HIS A 1 88  ? 4.608   1.410   20.216  1.00 29.31 ? 88  HIS A ND1 1 
ATOM   542  C CD2 . HIS A 1 88  ? 4.082   2.896   18.702  1.00 28.97 ? 88  HIS A CD2 1 
ATOM   543  C CE1 . HIS A 1 88  ? 3.370   1.796   20.462  1.00 29.01 ? 88  HIS A CE1 1 
ATOM   544  N NE2 . HIS A 1 88  ? 3.025   2.696   19.557  1.00 30.98 ? 88  HIS A NE2 1 
ATOM   545  N N   . ALA A 1 89  ? 7.446   1.526   21.079  1.00 30.89 ? 89  ALA A N   1 
ATOM   546  C CA  . ALA A 1 89  ? 7.987   0.987   22.318  1.00 31.21 ? 89  ALA A CA  1 
ATOM   547  C C   . ALA A 1 89  ? 8.952   -0.156  22.017  1.00 29.82 ? 89  ALA A C   1 
ATOM   548  O O   . ALA A 1 89  ? 8.862   -0.785  20.963  1.00 29.65 ? 89  ALA A O   1 
ATOM   549  C CB  . ALA A 1 89  ? 6.865   0.515   23.230  1.00 29.79 ? 89  ALA A CB  1 
ATOM   550  N N   . MET A 1 90  ? 9.880   -0.400  22.941  1.00 29.74 ? 90  MET A N   1 
ATOM   551  C CA  . MET A 1 90  ? 10.780  -1.557  22.887  1.00 29.59 ? 90  MET A CA  1 
ATOM   552  C C   . MET A 1 90  ? 11.603  -1.650  21.604  1.00 30.08 ? 90  MET A C   1 
ATOM   553  O O   . MET A 1 90  ? 11.961  -2.745  21.169  1.00 29.34 ? 90  MET A O   1 
ATOM   554  C CB  . MET A 1 90  ? 9.980   -2.848  23.071  1.00 29.70 ? 90  MET A CB  1 
ATOM   555  C CG  . MET A 1 90  ? 9.472   -3.061  24.483  1.00 30.00 ? 90  MET A CG  1 
ATOM   556  S SD  . MET A 1 90  ? 8.117   -4.247  24.569  1.00 35.72 ? 90  MET A SD  1 
ATOM   557  C CE  . MET A 1 90  ? 6.788   -3.258  23.893  1.00 29.84 ? 90  MET A CE  1 
ATOM   558  N N   . GLY A 1 91  ? 11.899  -0.504  21.004  1.00 29.56 ? 91  GLY A N   1 
ATOM   559  C CA  . GLY A 1 91  ? 12.730  -0.465  19.815  1.00 31.89 ? 91  GLY A CA  1 
ATOM   560  C C   . GLY A 1 91  ? 12.014  -0.913  18.554  1.00 31.73 ? 91  GLY A C   1 
ATOM   561  O O   . GLY A 1 91  ? 12.630  -1.043  17.497  1.00 33.25 ? 91  GLY A O   1 
ATOM   562  N N   . ILE A 1 92  ? 10.712  -1.153  18.665  1.00 29.77 ? 92  ILE A N   1 
ATOM   563  C CA  . ILE A 1 92  ? 9.907   -1.541  17.515  1.00 27.49 ? 92  ILE A CA  1 
ATOM   564  C C   . ILE A 1 92  ? 9.559   -0.312  16.687  1.00 28.42 ? 92  ILE A C   1 
ATOM   565  O O   . ILE A 1 92  ? 9.060   0.673   17.226  1.00 28.51 ? 92  ILE A O   1 
ATOM   566  C CB  . ILE A 1 92  ? 8.613   -2.257  17.944  1.00 28.52 ? 92  ILE A CB  1 
ATOM   567  C CG1 . ILE A 1 92  ? 8.943   -3.529  18.727  1.00 27.56 ? 92  ILE A CG1 1 
ATOM   568  C CG2 . ILE A 1 92  ? 7.749   -2.575  16.735  1.00 25.45 ? 92  ILE A CG2 1 
ATOM   569  C CD1 . ILE A 1 92  ? 7.723   -4.276  19.218  1.00 30.99 ? 92  ILE A CD1 1 
ATOM   570  N N   . PRO A 1 93  ? 9.840   -0.356  15.376  1.00 25.41 ? 93  PRO A N   1 
ATOM   571  C CA  . PRO A 1 93  ? 9.527   0.771   14.488  1.00 26.70 ? 93  PRO A CA  1 
ATOM   572  C C   . PRO A 1 93  ? 8.036   1.097   14.481  1.00 23.61 ? 93  PRO A C   1 
ATOM   573  O O   . PRO A 1 93  ? 7.211   0.185   14.507  1.00 24.51 ? 93  PRO A O   1 
ATOM   574  C CB  . PRO A 1 93  ? 9.986   0.276   13.111  1.00 23.09 ? 93  PRO A CB  1 
ATOM   575  C CG  . PRO A 1 93  ? 11.007  -0.776  13.405  1.00 25.15 ? 93  PRO A CG  1 
ATOM   576  C CD  . PRO A 1 93  ? 10.548  -1.440  14.672  1.00 26.06 ? 93  PRO A CD  1 
ATOM   577  N N   . THR A 1 94  ? 7.708   2.386   14.466  1.00 23.16 ? 94  THR A N   1 
ATOM   578  C CA  . THR A 1 94  ? 6.323   2.843   14.394  1.00 25.94 ? 94  THR A CA  1 
ATOM   579  C C   . THR A 1 94  ? 5.593   2.218   13.209  1.00 24.35 ? 94  THR A C   1 
ATOM   580  O O   . THR A 1 94  ? 4.429   1.826   13.315  1.00 23.42 ? 94  THR A O   1 
ATOM   581  C CB  . THR A 1 94  ? 6.249   4.376   14.276  1.00 23.88 ? 94  THR A CB  1 
ATOM   582  O OG1 . THR A 1 94  ? 6.938   4.974   15.380  1.00 27.48 ? 94  THR A OG1 1 
ATOM   583  C CG2 . THR A 1 94  ? 4.801   4.849   14.267  1.00 24.56 ? 94  THR A CG2 1 
ATOM   584  N N   . VAL A 1 95  ? 6.291   2.118   12.083  1.00 23.45 ? 95  VAL A N   1 
ATOM   585  C CA  . VAL A 1 95  ? 5.703   1.581   10.864  1.00 21.93 ? 95  VAL A CA  1 
ATOM   586  C C   . VAL A 1 95  ? 5.382   0.090   11.017  1.00 22.35 ? 95  VAL A C   1 
ATOM   587  O O   . VAL A 1 95  ? 4.414   -0.402  10.439  1.00 22.03 ? 95  VAL A O   1 
ATOM   588  C CB  . VAL A 1 95  ? 6.633   1.816   9.644   1.00 23.47 ? 95  VAL A CB  1 
ATOM   589  C CG1 . VAL A 1 95  ? 7.945   1.052   9.794   1.00 21.94 ? 95  VAL A CG1 1 
ATOM   590  C CG2 . VAL A 1 95  ? 5.930   1.438   8.346   1.00 22.43 ? 95  VAL A CG2 1 
ATOM   591  N N   . GLU A 1 96  ? 6.180   -0.626  11.806  1.00 22.00 ? 96  GLU A N   1 
ATOM   592  C CA  . GLU A 1 96  ? 5.932   -2.045  12.040  1.00 23.31 ? 96  GLU A CA  1 
ATOM   593  C C   . GLU A 1 96  ? 4.663   -2.239  12.869  1.00 23.99 ? 96  GLU A C   1 
ATOM   594  O O   . GLU A 1 96  ? 3.919   -3.204  12.676  1.00 23.68 ? 96  GLU A O   1 
ATOM   595  C CB  . GLU A 1 96  ? 7.126   -2.702  12.738  1.00 21.47 ? 96  GLU A CB  1 
ATOM   596  C CG  . GLU A 1 96  ? 6.875   -4.144  13.157  1.00 23.29 ? 96  GLU A CG  1 
ATOM   597  C CD  . GLU A 1 96  ? 8.107   -4.825  13.718  1.00 23.12 ? 96  GLU A CD  1 
ATOM   598  O OE1 . GLU A 1 96  ? 9.231   -4.355  13.448  1.00 23.03 ? 96  GLU A OE1 1 
ATOM   599  O OE2 . GLU A 1 96  ? 7.946   -5.838  14.429  1.00 25.16 ? 96  GLU A OE2 1 
ATOM   600  N N   . VAL A 1 97  ? 4.424   -1.312  13.791  1.00 22.32 ? 97  VAL A N   1 
ATOM   601  C CA  . VAL A 1 97  ? 3.228   -1.352  14.626  1.00 24.94 ? 97  VAL A CA  1 
ATOM   602  C C   . VAL A 1 97  ? 1.984   -1.146  13.770  1.00 23.93 ? 97  VAL A C   1 
ATOM   603  O O   . VAL A 1 97  ? 0.983   -1.845  13.933  1.00 26.24 ? 97  VAL A O   1 
ATOM   604  C CB  . VAL A 1 97  ? 3.275   -0.282  15.740  1.00 25.63 ? 97  VAL A CB  1 
ATOM   605  C CG1 . VAL A 1 97  ? 1.933   -0.193  16.460  1.00 26.07 ? 97  VAL A CG1 1 
ATOM   606  C CG2 . VAL A 1 97  ? 4.397   -0.589  16.722  1.00 25.55 ? 97  VAL A CG2 1 
ATOM   607  N N   . ILE A 1 98  ? 2.062   -0.190  12.850  1.00 22.57 ? 98  ILE A N   1 
ATOM   608  C CA  . ILE A 1 98  ? 0.958   0.112   11.946  1.00 23.45 ? 98  ILE A CA  1 
ATOM   609  C C   . ILE A 1 98  ? 0.636   -1.074  11.034  1.00 23.30 ? 98  ILE A C   1 
ATOM   610  O O   . ILE A 1 98  ? -0.522  -1.305  10.683  1.00 22.79 ? 98  ILE A O   1 
ATOM   611  C CB  . ILE A 1 98  ? 1.271   1.363   11.084  1.00 23.92 ? 98  ILE A CB  1 
ATOM   612  C CG1 . ILE A 1 98  ? 1.512   2.581   11.981  1.00 25.07 ? 98  ILE A CG1 1 
ATOM   613  C CG2 . ILE A 1 98  ? 0.150   1.645   10.089  1.00 22.69 ? 98  ILE A CG2 1 
ATOM   614  C CD1 . ILE A 1 98  ? 1.888   3.838   11.225  1.00 24.07 ? 98  ILE A CD1 1 
ATOM   615  N N   . PHE A 1 99  ? 1.661   -1.839  10.671  1.00 22.18 ? 99  PHE A N   1 
ATOM   616  C CA  . PHE A 1 99  ? 1.490   -2.934  9.720   1.00 22.47 ? 99  PHE A CA  1 
ATOM   617  C C   . PHE A 1 99  ? 1.241   -4.301  10.363  1.00 22.27 ? 99  PHE A C   1 
ATOM   618  O O   . PHE A 1 99  ? 0.941   -5.263  9.659   1.00 22.03 ? 99  PHE A O   1 
ATOM   619  C CB  . PHE A 1 99  ? 2.715   -3.025  8.802   1.00 21.44 ? 99  PHE A CB  1 
ATOM   620  C CG  . PHE A 1 99  ? 2.641   -2.124  7.601   1.00 22.09 ? 99  PHE A CG  1 
ATOM   621  C CD1 . PHE A 1 99  ? 1.916   -2.500  6.481   1.00 22.13 ? 99  PHE A CD1 1 
ATOM   622  C CD2 . PHE A 1 99  ? 3.298   -0.906  7.588   1.00 23.21 ? 99  PHE A CD2 1 
ATOM   623  C CE1 . PHE A 1 99  ? 1.845   -1.674  5.373   1.00 21.15 ? 99  PHE A CE1 1 
ATOM   624  C CE2 . PHE A 1 99  ? 3.231   -0.075  6.485   1.00 23.65 ? 99  PHE A CE2 1 
ATOM   625  C CZ  . PHE A 1 99  ? 2.504   -0.460  5.375   1.00 23.73 ? 99  PHE A CZ  1 
ATOM   626  N N   . THR A 1 100 ? 1.362   -4.399  11.686  1.00 21.84 ? 100 THR A N   1 
ATOM   627  C CA  . THR A 1 100 ? 1.222   -5.700  12.344  1.00 23.70 ? 100 THR A CA  1 
ATOM   628  C C   . THR A 1 100 ? 0.209   -5.722  13.490  1.00 25.04 ? 100 THR A C   1 
ATOM   629  O O   . THR A 1 100 ? -0.065  -6.781  14.052  1.00 24.82 ? 100 THR A O   1 
ATOM   630  C CB  . THR A 1 100 ? 2.579   -6.202  12.897  1.00 23.67 ? 100 THR A CB  1 
ATOM   631  O OG1 . THR A 1 100 ? 3.112   -5.244  13.822  1.00 21.64 ? 100 THR A OG1 1 
ATOM   632  C CG2 . THR A 1 100 ? 3.575   -6.422  11.764  1.00 20.71 ? 100 THR A CG2 1 
ATOM   633  N N   . ILE A 1 101 ? -0.346  -4.568  13.844  1.00 25.59 ? 101 ILE A N   1 
ATOM   634  C CA  . ILE A 1 101 ? -1.340  -4.527  14.912  1.00 27.51 ? 101 ILE A CA  1 
ATOM   635  C C   . ILE A 1 101 ? -2.694  -4.047  14.399  1.00 30.94 ? 101 ILE A C   1 
ATOM   636  O O   . ILE A 1 101 ? -2.814  -2.943  13.871  1.00 32.26 ? 101 ILE A O   1 
ATOM   637  C CB  . ILE A 1 101 ? -0.889  -3.627  16.077  1.00 29.16 ? 101 ILE A CB  1 
ATOM   638  C CG1 . ILE A 1 101 ? 0.267   -4.282  16.836  1.00 27.86 ? 101 ILE A CG1 1 
ATOM   639  C CG2 . ILE A 1 101 ? -2.046  -3.363  17.028  1.00 31.76 ? 101 ILE A CG2 1 
ATOM   640  C CD1 . ILE A 1 101 ? 0.720   -3.494  18.043  1.00 28.71 ? 101 ILE A CD1 1 
ATOM   641  N N   . LEU A 1 102 ? -3.705  -4.895  14.560  1.00 31.82 ? 102 LEU A N   1 
ATOM   642  C CA  . LEU A 1 102 ? -5.054  -4.584  14.111  1.00 34.66 ? 102 LEU A CA  1 
ATOM   643  C C   . LEU A 1 102 ? -5.813  -3.798  15.174  1.00 36.86 ? 102 LEU A C   1 
ATOM   644  O O   . LEU A 1 102 ? -6.022  -4.281  16.289  1.00 33.96 ? 102 LEU A O   1 
ATOM   645  C CB  . LEU A 1 102 ? -5.808  -5.869  13.766  1.00 33.37 ? 102 LEU A CB  1 
ATOM   646  C CG  . LEU A 1 102 ? -7.254  -5.718  13.296  1.00 37.02 ? 102 LEU A CG  1 
ATOM   647  C CD1 . LEU A 1 102 ? -7.304  -5.138  11.891  1.00 34.03 ? 102 LEU A CD1 1 
ATOM   648  C CD2 . LEU A 1 102 ? -7.979  -7.054  13.363  1.00 40.85 ? 102 LEU A CD2 1 
ATOM   649  N N   . HIS A 1 103 ? -6.230  -2.588  14.820  1.00 40.42 ? 103 HIS A N   1 
ATOM   650  C CA  . HIS A 1 103 ? -6.920  -1.710  15.759  1.00 44.86 ? 103 HIS A CA  1 
ATOM   651  C C   . HIS A 1 103 ? -8.428  -1.945  15.751  1.00 45.33 ? 103 HIS A C   1 
ATOM   652  O O   . HIS A 1 103 ? -9.207  -1.041  16.057  1.00 44.24 ? 103 HIS A O   1 
ATOM   653  C CB  . HIS A 1 103 ? -6.616  -0.246  15.433  1.00 46.98 ? 103 HIS A CB  1 
ATOM   654  C CG  . HIS A 1 103 ? -5.161  0.100   15.522  1.00 47.47 ? 103 HIS A CG  1 
ATOM   655  N ND1 . HIS A 1 103 ? -4.289  -0.557  16.360  1.00 46.65 ? 103 HIS A ND1 1 
ATOM   656  C CD2 . HIS A 1 103 ? -4.428  1.036   14.873  1.00 51.34 ? 103 HIS A CD2 1 
ATOM   657  C CE1 . HIS A 1 103 ? -3.078  -0.041  16.226  1.00 47.01 ? 103 HIS A CE1 1 
ATOM   658  N NE2 . HIS A 1 103 ? -3.137  0.925   15.330  1.00 53.98 ? 103 HIS A NE2 1 
ATOM   659  N N   . ALA A 1 104 ? -8.833  -3.162  15.398  1.00 45.90 ? 104 ALA A N   1 
ATOM   660  C CA  . ALA A 1 104 ? -10.249 -3.510  15.333  1.00 48.85 ? 104 ALA A CA  1 
ATOM   661  C C   . ALA A 1 104 ? -10.631 -4.456  16.465  1.00 54.31 ? 104 ALA A C   1 
ATOM   662  O O   . ALA A 1 104 ? -9.925  -5.426  16.740  1.00 50.00 ? 104 ALA A O   1 
ATOM   663  C CB  . ALA A 1 104 ? -10.581 -4.133  13.986  1.00 45.48 ? 104 ALA A CB  1 
ATOM   664  N N   . GLY A 1 123 ? -6.282  -0.714  8.384   1.00 31.88 ? 123 GLY A N   1 
ATOM   665  C CA  . GLY A 1 123 ? -6.224  -0.669  6.935   1.00 31.31 ? 123 GLY A CA  1 
ATOM   666  C C   . GLY A 1 123 ? -4.947  -1.276  6.386   1.00 30.37 ? 123 GLY A C   1 
ATOM   667  O O   . GLY A 1 123 ? -4.986  -2.226  5.604   1.00 31.95 ? 123 GLY A O   1 
ATOM   668  N N   . SER A 1 124 ? -3.810  -0.723  6.798   1.00 28.10 ? 124 SER A N   1 
ATOM   669  C CA  . SER A 1 124 ? -2.508  -1.191  6.335   1.00 25.65 ? 124 SER A CA  1 
ATOM   670  C C   . SER A 1 124 ? -2.226  -2.615  6.806   1.00 24.36 ? 124 SER A C   1 
ATOM   671  O O   . SER A 1 124 ? -1.740  -3.449  6.040   1.00 21.78 ? 124 SER A O   1 
ATOM   672  C CB  . SER A 1 124 ? -1.403  -0.253  6.823   1.00 26.61 ? 124 SER A CB  1 
ATOM   673  O OG  . SER A 1 124 ? -1.715  1.094   6.524   1.00 35.47 ? 124 SER A OG  1 
ATOM   674  N N   . SER A 1 125 ? -2.534  -2.882  8.071   1.00 22.97 ? 125 SER A N   1 
ATOM   675  C CA  . SER A 1 125 ? -2.291  -4.188  8.669   1.00 22.78 ? 125 SER A CA  1 
ATOM   676  C C   . SER A 1 125 ? -3.132  -5.278  8.008   1.00 20.58 ? 125 SER A C   1 
ATOM   677  O O   . SER A 1 125 ? -2.699  -6.424  7.902   1.00 19.52 ? 125 SER A O   1 
ATOM   678  C CB  . SER A 1 125 ? -2.572  -4.142  10.172  1.00 22.04 ? 125 SER A CB  1 
ATOM   679  O OG  . SER A 1 125 ? -3.893  -3.700  10.427  1.00 23.21 ? 125 SER A OG  1 
ATOM   680  N N   . VAL A 1 126 ? -4.332  -4.914  7.566   1.00 19.73 ? 126 VAL A N   1 
ATOM   681  C CA  . VAL A 1 126 ? -5.222  -5.857  6.894   1.00 22.25 ? 126 VAL A CA  1 
ATOM   682  C C   . VAL A 1 126 ? -4.604  -6.358  5.590   1.00 20.04 ? 126 VAL A C   1 
ATOM   683  O O   . VAL A 1 126 ? -4.602  -7.558  5.315   1.00 19.01 ? 126 VAL A O   1 
ATOM   684  C CB  . VAL A 1 126 ? -6.599  -5.222  6.598   1.00 22.51 ? 126 VAL A CB  1 
ATOM   685  C CG1 . VAL A 1 126 ? -7.463  -6.169  5.775   1.00 19.60 ? 126 VAL A CG1 1 
ATOM   686  C CG2 . VAL A 1 126 ? -7.296  -4.840  7.898   1.00 21.66 ? 126 VAL A CG2 1 
ATOM   687  N N   . VAL A 1 127 ? -4.073  -5.435  4.796   1.00 22.11 ? 127 VAL A N   1 
ATOM   688  C CA  . VAL A 1 127 ? -3.412  -5.791  3.543   1.00 21.03 ? 127 VAL A CA  1 
ATOM   689  C C   . VAL A 1 127 ? -2.184  -6.655  3.812   1.00 19.08 ? 127 VAL A C   1 
ATOM   690  O O   . VAL A 1 127 ? -1.946  -7.647  3.122   1.00 19.08 ? 127 VAL A O   1 
ATOM   691  C CB  . VAL A 1 127 ? -2.999  -4.538  2.751   1.00 20.48 ? 127 VAL A CB  1 
ATOM   692  C CG1 . VAL A 1 127 ? -2.190  -4.922  1.521   1.00 21.98 ? 127 VAL A CG1 1 
ATOM   693  C CG2 . VAL A 1 127 ? -4.229  -3.742  2.356   1.00 21.25 ? 127 VAL A CG2 1 
ATOM   694  N N   . ASN A 1 128 ? -1.415  -6.276  4.826   1.00 18.50 ? 128 ASN A N   1 
ATOM   695  C CA  . ASN A 1 128 ? -0.224  -7.022  5.205   1.00 19.23 ? 128 ASN A CA  1 
ATOM   696  C C   . ASN A 1 128 ? -0.572  -8.439  5.646   1.00 20.30 ? 128 ASN A C   1 
ATOM   697  O O   . ASN A 1 128 ? 0.127   -9.396  5.305   1.00 19.54 ? 128 ASN A O   1 
ATOM   698  C CB  . ASN A 1 128 ? 0.533   -6.296  6.318   1.00 18.46 ? 128 ASN A CB  1 
ATOM   699  C CG  . ASN A 1 128 ? 1.917   -6.873  6.555   1.00 19.68 ? 128 ASN A CG  1 
ATOM   700  O OD1 . ASN A 1 128 ? 2.493   -7.518  5.676   1.00 17.53 ? 128 ASN A OD1 1 
ATOM   701  N ND2 . ASN A 1 128 ? 2.458   -6.641  7.745   1.00 18.63 ? 128 ASN A ND2 1 
ATOM   702  N N   . ALA A 1 129 ? -1.663  -8.562  6.397   1.00 19.19 ? 129 ALA A N   1 
ATOM   703  C CA  . ALA A 1 129 ? -2.113  -9.856  6.898   1.00 21.84 ? 129 ALA A CA  1 
ATOM   704  C C   . ALA A 1 129 ? -2.541  -10.785 5.766   1.00 19.62 ? 129 ALA A C   1 
ATOM   705  O O   . ALA A 1 129 ? -2.376  -12.001 5.854   1.00 21.40 ? 129 ALA A O   1 
ATOM   706  C CB  . ALA A 1 129 ? -3.259  -9.673  7.886   1.00 19.53 ? 129 ALA A CB  1 
ATOM   707  N N   . LEU A 1 130 ? -3.084  -10.207 4.701   1.00 19.49 ? 130 LEU A N   1 
ATOM   708  C CA  . LEU A 1 130 ? -3.603  -10.993 3.589   1.00 19.31 ? 130 LEU A CA  1 
ATOM   709  C C   . LEU A 1 130 ? -2.628  -11.032 2.417   1.00 21.22 ? 130 LEU A C   1 
ATOM   710  O O   . LEU A 1 130 ? -3.018  -11.295 1.277   1.00 20.13 ? 130 LEU A O   1 
ATOM   711  C CB  . LEU A 1 130 ? -4.954  -10.434 3.140   1.00 19.80 ? 130 LEU A CB  1 
ATOM   712  C CG  . LEU A 1 130 ? -5.994  -10.385 4.261   1.00 18.79 ? 130 LEU A CG  1 
ATOM   713  C CD1 . LEU A 1 130 ? -7.284  -9.743  3.786   1.00 21.36 ? 130 LEU A CD1 1 
ATOM   714  C CD2 . LEU A 1 130 ? -6.256  -11.783 4.792   1.00 22.37 ? 130 LEU A CD2 1 
ATOM   715  N N   . SER A 1 131 ? -1.356  -10.777 2.706   1.00 19.88 ? 131 SER A N   1 
ATOM   716  C CA  . SER A 1 131 ? -0.320  -10.792 1.682   1.00 21.93 ? 131 SER A CA  1 
ATOM   717  C C   . SER A 1 131 ? 0.744   -11.843 1.989   1.00 21.17 ? 131 SER A C   1 
ATOM   718  O O   . SER A 1 131 ? 1.152   -12.008 3.141   1.00 22.43 ? 131 SER A O   1 
ATOM   719  C CB  . SER A 1 131 ? 0.329   -9.411  1.553   1.00 19.42 ? 131 SER A CB  1 
ATOM   720  O OG  . SER A 1 131 ? -0.618  -8.428  1.172   1.00 19.10 ? 131 SER A OG  1 
ATOM   721  N N   . SER A 1 132 ? 1.188   -12.560 0.961   1.00 21.15 ? 132 SER A N   1 
ATOM   722  C CA  . SER A 1 132 ? 2.268   -13.527 1.130   1.00 23.02 ? 132 SER A CA  1 
ATOM   723  C C   . SER A 1 132 ? 3.587   -12.791 1.364   1.00 23.33 ? 132 SER A C   1 
ATOM   724  O O   . SER A 1 132 ? 4.498   -13.327 1.994   1.00 24.12 ? 132 SER A O   1 
ATOM   725  C CB  . SER A 1 132 ? 2.364   -14.458 -0.080  1.00 23.27 ? 132 SER A CB  1 
ATOM   726  O OG  . SER A 1 132 ? 2.527   -13.724 -1.278  1.00 30.59 ? 132 SER A OG  1 
ATOM   727  N N   . TRP A 1 133 ? 3.685   -11.566 0.851   1.00 20.05 ? 133 TRP A N   1 
ATOM   728  C CA  . TRP A 1 133 ? 4.748   -10.651 1.263   1.00 22.26 ? 133 TRP A CA  1 
ATOM   729  C C   . TRP A 1 133 ? 4.392   -9.197  0.977   1.00 21.60 ? 133 TRP A C   1 
ATOM   730  O O   . TRP A 1 133 ? 3.556   -8.899  0.121   1.00 21.24 ? 133 TRP A O   1 
ATOM   731  C CB  . TRP A 1 133 ? 6.090   -11.007 0.606   1.00 22.15 ? 133 TRP A CB  1 
ATOM   732  C CG  . TRP A 1 133 ? 6.157   -10.918 -0.897  1.00 21.92 ? 133 TRP A CG  1 
ATOM   733  C CD1 . TRP A 1 133 ? 6.037   -11.949 -1.781  1.00 21.90 ? 133 TRP A CD1 1 
ATOM   734  C CD2 . TRP A 1 133 ? 6.413   -9.743  -1.685  1.00 20.99 ? 133 TRP A CD2 1 
ATOM   735  N NE1 . TRP A 1 133 ? 6.182   -11.490 -3.068  1.00 19.69 ? 133 TRP A NE1 1 
ATOM   736  C CE2 . TRP A 1 133 ? 6.413   -10.142 -3.038  1.00 20.37 ? 133 TRP A CE2 1 
ATOM   737  C CE3 . TRP A 1 133 ? 6.630   -8.396  -1.380  1.00 19.72 ? 133 TRP A CE3 1 
ATOM   738  C CZ2 . TRP A 1 133 ? 6.618   -9.241  -4.083  1.00 21.79 ? 133 TRP A CZ2 1 
ATOM   739  C CZ3 . TRP A 1 133 ? 6.837   -7.505  -2.419  1.00 22.35 ? 133 TRP A CZ3 1 
ATOM   740  C CH2 . TRP A 1 133 ? 6.828   -7.932  -3.755  1.00 20.76 ? 133 TRP A CH2 1 
ATOM   741  N N   . LEU A 1 134 ? 5.025   -8.297  1.724   1.00 20.25 ? 134 LEU A N   1 
ATOM   742  C CA  . LEU A 1 134 ? 4.797   -6.863  1.593   1.00 19.55 ? 134 LEU A CA  1 
ATOM   743  C C   . LEU A 1 134 ? 6.072   -6.100  1.920   1.00 18.32 ? 134 LEU A C   1 
ATOM   744  O O   . LEU A 1 134 ? 6.787   -6.445  2.860   1.00 17.21 ? 134 LEU A O   1 
ATOM   745  C CB  . LEU A 1 134 ? 3.653   -6.405  2.509   1.00 17.19 ? 134 LEU A CB  1 
ATOM   746  C CG  . LEU A 1 134 ? 3.238   -4.927  2.486   1.00 21.11 ? 134 LEU A CG  1 
ATOM   747  C CD1 . LEU A 1 134 ? 1.745   -4.793  2.751   1.00 19.16 ? 134 LEU A CD1 1 
ATOM   748  C CD2 . LEU A 1 134 ? 4.022   -4.084  3.494   1.00 17.71 ? 134 LEU A CD2 1 
ATOM   749  N N   . GLU A 1 135 ? 6.352   -5.061  1.144   1.00 17.39 ? 135 GLU A N   1 
ATOM   750  C CA  . GLU A 1 135 ? 7.483   -4.190  1.429   1.00 19.69 ? 135 GLU A CA  1 
ATOM   751  C C   . GLU A 1 135 ? 7.030   -2.737  1.481   1.00 19.97 ? 135 GLU A C   1 
ATOM   752  O O   . GLU A 1 135 ? 6.207   -2.302  0.675   1.00 20.91 ? 135 GLU A O   1 
ATOM   753  C CB  . GLU A 1 135 ? 8.583   -4.368  0.385   1.00 20.96 ? 135 GLU A CB  1 
ATOM   754  C CG  . GLU A 1 135 ? 9.215   -5.748  0.393   1.00 20.75 ? 135 GLU A CG  1 
ATOM   755  C CD  . GLU A 1 135 ? 10.372  -5.865  -0.578  1.00 24.42 ? 135 GLU A CD  1 
ATOM   756  O OE1 . GLU A 1 135 ? 10.628  -4.895  -1.320  1.00 22.78 ? 135 GLU A OE1 1 
ATOM   757  O OE2 . GLU A 1 135 ? 11.030  -6.926  -0.593  1.00 25.54 ? 135 GLU A OE2 1 
ATOM   758  N N   . VAL A 1 136 ? 7.558   -1.998  2.449   1.00 18.24 ? 136 VAL A N   1 
ATOM   759  C CA  . VAL A 1 136 ? 7.262   -0.579  2.570   1.00 18.85 ? 136 VAL A CA  1 
ATOM   760  C C   . VAL A 1 136 ? 8.562   0.211   2.538   1.00 20.15 ? 136 VAL A C   1 
ATOM   761  O O   . VAL A 1 136 ? 9.506   -0.095  3.264   1.00 23.40 ? 136 VAL A O   1 
ATOM   762  C CB  . VAL A 1 136 ? 6.476   -0.252  3.861   1.00 20.00 ? 136 VAL A CB  1 
ATOM   763  C CG1 . VAL A 1 136 ? 7.129   -0.891  5.083   1.00 20.10 ? 136 VAL A CG1 1 
ATOM   764  C CG2 . VAL A 1 136 ? 6.335   1.257   4.037   1.00 20.91 ? 136 VAL A CG2 1 
ATOM   765  N N   . GLU A 1 137 ? 8.616   1.215   1.673   1.00 20.03 ? 137 GLU A N   1 
ATOM   766  C CA  A GLU A 1 137 ? 9.797   2.056   1.549   0.40 21.72 ? 137 GLU A CA  1 
ATOM   767  C CA  B GLU A 1 137 ? 9.800   2.055   1.568   0.60 22.47 ? 137 GLU A CA  1 
ATOM   768  C C   . GLU A 1 137 ? 9.460   3.503   1.886   1.00 21.93 ? 137 GLU A C   1 
ATOM   769  O O   . GLU A 1 137 ? 8.549   4.085   1.298   1.00 21.36 ? 137 GLU A O   1 
ATOM   770  C CB  A GLU A 1 137 ? 10.376  1.959   0.135   0.40 23.05 ? 137 GLU A CB  1 
ATOM   771  C CB  B GLU A 1 137 ? 10.422  1.948   0.174   0.60 23.36 ? 137 GLU A CB  1 
ATOM   772  C CG  A GLU A 1 137 ? 11.607  2.815   -0.096  0.40 23.41 ? 137 GLU A CG  1 
ATOM   773  C CG  B GLU A 1 137 ? 10.983  0.573   -0.152  0.60 23.90 ? 137 GLU A CG  1 
ATOM   774  C CD  A GLU A 1 137 ? 12.217  2.600   -1.468  0.40 25.02 ? 137 GLU A CD  1 
ATOM   775  C CD  B GLU A 1 137 ? 11.810  0.564   -1.422  0.60 25.30 ? 137 GLU A CD  1 
ATOM   776  O OE1 A GLU A 1 137 ? 12.692  1.478   -1.741  0.40 25.49 ? 137 GLU A OE1 1 
ATOM   777  O OE1 B GLU A 1 137 ? 12.128  1.658   -1.940  0.60 25.99 ? 137 GLU A OE1 1 
ATOM   778  O OE2 A GLU A 1 137 ? 12.219  3.553   -2.276  0.40 25.39 ? 137 GLU A OE2 1 
ATOM   779  O OE2 B GLU A 1 137 ? 12.146  -0.537  -1.905  0.60 25.56 ? 137 GLU A OE2 1 
ATOM   780  N N   . ILE A 1 138 ? 10.195  4.079   2.831   1.00 21.50 ? 138 ILE A N   1 
ATOM   781  C CA  . ILE A 1 138 ? 9.960   5.455   3.245   1.00 20.11 ? 138 ILE A CA  1 
ATOM   782  C C   . ILE A 1 138 ? 11.145  6.348   2.903   1.00 22.06 ? 138 ILE A C   1 
ATOM   783  O O   . ILE A 1 138 ? 12.295  5.995   3.160   1.00 22.18 ? 138 ILE A O   1 
ATOM   784  C CB  . ILE A 1 138 ? 9.685   5.554   4.761   1.00 22.55 ? 138 ILE A CB  1 
ATOM   785  C CG1 . ILE A 1 138 ? 8.610   4.551   5.181   1.00 21.49 ? 138 ILE A CG1 1 
ATOM   786  C CG2 . ILE A 1 138 ? 9.272   6.971   5.138   1.00 21.85 ? 138 ILE A CG2 1 
ATOM   787  C CD1 . ILE A 1 138 ? 8.433   4.446   6.681   1.00 22.92 ? 138 ILE A CD1 1 
ATOM   788  N N   . THR A 1 139 ? 10.852  7.505   2.320   1.00 21.31 ? 139 THR A N   1 
ATOM   789  C CA  . THR A 1 139 ? 11.879  8.490   2.003   1.00 21.70 ? 139 THR A CA  1 
ATOM   790  C C   . THR A 1 139 ? 11.605  9.799   2.734   1.00 24.27 ? 139 THR A C   1 
ATOM   791  O O   . THR A 1 139 ? 10.528  10.374  2.591   1.00 22.16 ? 139 THR A O   1 
ATOM   792  C CB  . THR A 1 139 ? 11.952  8.763   0.486   1.00 23.58 ? 139 THR A CB  1 
ATOM   793  O OG1 . THR A 1 139 ? 12.231  7.542   -0.209  1.00 21.51 ? 139 THR A OG1 1 
ATOM   794  C CG2 . THR A 1 139 ? 13.037  9.783   0.177   1.00 24.09 ? 139 THR A CG2 1 
ATOM   795  N N   . ARG A 1 140 ? 12.575  10.251  3.528   1.00 24.41 ? 140 ARG A N   1 
ATOM   796  C CA  . ARG A 1 140 ? 12.511  11.562  4.178   1.00 27.41 ? 140 ARG A CA  1 
ATOM   797  C C   . ARG A 1 140 ? 13.829  11.912  4.856   1.00 28.21 ? 140 ARG A C   1 
ATOM   798  O O   . ARG A 1 140 ? 14.598  11.029  5.238   1.00 24.95 ? 140 ARG A O   1 
ATOM   799  C CB  . ARG A 1 140 ? 11.372  11.621  5.203   1.00 30.18 ? 140 ARG A CB  1 
ATOM   800  C CG  . ARG A 1 140 ? 11.386  10.514  6.243   1.00 31.85 ? 140 ARG A CG  1 
ATOM   801  C CD  . ARG A 1 140 ? 10.085  10.503  7.035   1.00 35.36 ? 140 ARG A CD  1 
ATOM   802  N NE  . ARG A 1 140 ? 9.918   11.711  7.839   1.00 39.02 ? 140 ARG A NE  1 
ATOM   803  C CZ  . ARG A 1 140 ? 8.813   12.010  8.515   1.00 46.67 ? 140 ARG A CZ  1 
ATOM   804  N NH1 . ARG A 1 140 ? 7.772   11.188  8.483   1.00 36.33 ? 140 ARG A NH1 1 
ATOM   805  N NH2 . ARG A 1 140 ? 8.747   13.131  9.220   1.00 46.58 ? 140 ARG A NH2 1 
ATOM   806  N N   . ASP A 1 141 ? 14.075  13.214  4.988   1.00 27.86 ? 141 ASP A N   1 
ATOM   807  C CA  . ASP A 1 141 ? 15.253  13.750  5.667   1.00 30.84 ? 141 ASP A CA  1 
ATOM   808  C C   . ASP A 1 141 ? 16.564  13.202  5.110   1.00 29.32 ? 141 ASP A C   1 
ATOM   809  O O   . ASP A 1 141 ? 17.531  13.014  5.849   1.00 30.33 ? 141 ASP A O   1 
ATOM   810  C CB  . ASP A 1 141 ? 15.172  13.474  7.171   1.00 31.98 ? 141 ASP A CB  1 
ATOM   811  C CG  . ASP A 1 141 ? 13.893  14.001  7.793   1.00 36.74 ? 141 ASP A CG  1 
ATOM   812  O OD1 . ASP A 1 141 ? 13.752  15.238  7.907   1.00 44.26 ? 141 ASP A OD1 1 
ATOM   813  O OD2 . ASP A 1 141 ? 13.034  13.179  8.177   1.00 38.21 ? 141 ASP A OD2 1 
ATOM   814  N N   . GLY A 1 142 ? 16.589  12.948  3.805   1.00 26.74 ? 142 GLY A N   1 
ATOM   815  C CA  . GLY A 1 142 ? 17.801  12.523  3.129   1.00 25.95 ? 142 GLY A CA  1 
ATOM   816  C C   . GLY A 1 142 ? 18.096  11.037  3.206   1.00 24.68 ? 142 GLY A C   1 
ATOM   817  O O   . GLY A 1 142 ? 19.122  10.577  2.707   1.00 23.79 ? 142 GLY A O   1 
ATOM   818  N N   . ALA A 1 143 ? 17.198  10.277  3.821   1.00 22.96 ? 143 ALA A N   1 
ATOM   819  C CA  . ALA A 1 143 ? 17.407  8.843   3.977   1.00 24.34 ? 143 ALA A CA  1 
ATOM   820  C C   . ALA A 1 143 ? 16.266  8.035   3.370   1.00 22.52 ? 143 ALA A C   1 
ATOM   821  O O   . ALA A 1 143 ? 15.135  8.510   3.273   1.00 23.82 ? 143 ALA A O   1 
ATOM   822  C CB  . ALA A 1 143 ? 17.577  8.494   5.449   1.00 25.05 ? 143 ALA A CB  1 
ATOM   823  N N   . VAL A 1 144 ? 16.577  6.809   2.961   1.00 23.15 ? 144 VAL A N   1 
ATOM   824  C CA  . VAL A 1 144 ? 15.569  5.888   2.453   1.00 22.79 ? 144 VAL A CA  1 
ATOM   825  C C   . VAL A 1 144 ? 15.526  4.643   3.332   1.00 22.55 ? 144 VAL A C   1 
ATOM   826  O O   . VAL A 1 144 ? 16.537  3.961   3.498   1.00 23.22 ? 144 VAL A O   1 
ATOM   827  C CB  . VAL A 1 144 ? 15.848  5.479   0.993   1.00 24.22 ? 144 VAL A CB  1 
ATOM   828  C CG1 . VAL A 1 144 ? 14.761  4.544   0.491   1.00 22.68 ? 144 VAL A CG1 1 
ATOM   829  C CG2 . VAL A 1 144 ? 15.955  6.713   0.101   1.00 23.92 ? 144 VAL A CG2 1 
ATOM   830  N N   . TYR A 1 145 ? 14.357  4.354   3.895   1.00 21.34 ? 145 TYR A N   1 
ATOM   831  C CA  . TYR A 1 145 ? 14.189  3.211   4.789   1.00 20.53 ? 145 TYR A CA  1 
ATOM   832  C C   . TYR A 1 145 ? 13.291  2.153   4.167   1.00 22.02 ? 145 TYR A C   1 
ATOM   833  O O   . TYR A 1 145 ? 12.471  2.457   3.304   1.00 21.88 ? 145 TYR A O   1 
ATOM   834  C CB  . TYR A 1 145 ? 13.602  3.652   6.132   1.00 21.04 ? 145 TYR A CB  1 
ATOM   835  C CG  . TYR A 1 145 ? 14.337  4.794   6.794   1.00 23.76 ? 145 TYR A CG  1 
ATOM   836  C CD1 . TYR A 1 145 ? 14.026  6.114   6.491   1.00 22.50 ? 145 TYR A CD1 1 
ATOM   837  C CD2 . TYR A 1 145 ? 15.336  4.555   7.731   1.00 22.90 ? 145 TYR A CD2 1 
ATOM   838  C CE1 . TYR A 1 145 ? 14.693  7.161   7.095   1.00 24.91 ? 145 TYR A CE1 1 
ATOM   839  C CE2 . TYR A 1 145 ? 16.007  5.598   8.341   1.00 22.28 ? 145 TYR A CE2 1 
ATOM   840  C CZ  . TYR A 1 145 ? 15.682  6.899   8.021   1.00 24.22 ? 145 TYR A CZ  1 
ATOM   841  O OH  . TYR A 1 145 ? 16.349  7.940   8.625   1.00 31.25 ? 145 TYR A OH  1 
ATOM   842  N N   . LYS A 1 146 ? 13.437  0.913   4.620   1.00 22.88 ? 146 LYS A N   1 
ATOM   843  C CA  . LYS A 1 146 ? 12.650  -0.186  4.079   1.00 21.29 ? 146 LYS A CA  1 
ATOM   844  C C   . LYS A 1 146 ? 12.451  -1.299  5.099   1.00 22.69 ? 146 LYS A C   1 
ATOM   845  O O   . LYS A 1 146 ? 13.384  -1.688  5.801   1.00 21.88 ? 146 LYS A O   1 
ATOM   846  C CB  . LYS A 1 146 ? 13.319  -0.742  2.820   1.00 23.26 ? 146 LYS A CB  1 
ATOM   847  C CG  . LYS A 1 146 ? 12.708  -2.027  2.287   1.00 24.29 ? 146 LYS A CG  1 
ATOM   848  C CD  . LYS A 1 146 ? 13.431  -2.482  1.028   1.00 28.59 ? 146 LYS A CD  1 
ATOM   849  C CE  . LYS A 1 146 ? 12.978  -3.864  0.595   1.00 29.36 ? 146 LYS A CE  1 
ATOM   850  N NZ  . LYS A 1 146 ? 13.647  -4.310  -0.661  1.00 39.18 ? 146 LYS A NZ  1 
ATOM   851  N N   . GLN A 1 147 ? 11.221  -1.800  5.181   1.00 20.27 ? 147 GLN A N   1 
ATOM   852  C CA  . GLN A 1 147 ? 10.922  -2.983  5.977   1.00 20.23 ? 147 GLN A CA  1 
ATOM   853  C C   . GLN A 1 147 ? 10.171  -3.994  5.119   1.00 21.42 ? 147 GLN A C   1 
ATOM   854  O O   . GLN A 1 147 ? 9.330   -3.619  4.299   1.00 19.50 ? 147 GLN A O   1 
ATOM   855  C CB  . GLN A 1 147 ? 10.107  -2.621  7.223   1.00 21.50 ? 147 GLN A CB  1 
ATOM   856  C CG  . GLN A 1 147 ? 9.931   -3.781  8.198   1.00 21.51 ? 147 GLN A CG  1 
ATOM   857  C CD  . GLN A 1 147 ? 9.440   -3.337  9.564   1.00 22.33 ? 147 GLN A CD  1 
ATOM   858  O OE1 . GLN A 1 147 ? 8.818   -2.285  9.704   1.00 23.11 ? 147 GLN A OE1 1 
ATOM   859  N NE2 . GLN A 1 147 ? 9.728   -4.141  10.583  1.00 20.99 ? 147 GLN A NE2 1 
ATOM   860  N N   . ARG A 1 148 ? 10.481  -5.273  5.302   1.00 19.60 ? 148 ARG A N   1 
ATOM   861  C CA  . ARG A 1 148 ? 9.845   -6.328  4.527   1.00 20.22 ? 148 ARG A CA  1 
ATOM   862  C C   . ARG A 1 148 ? 9.106   -7.315  5.426   1.00 20.87 ? 148 ARG A C   1 
ATOM   863  O O   . ARG A 1 148 ? 9.635   -7.749  6.449   1.00 18.87 ? 148 ARG A O   1 
ATOM   864  C CB  . ARG A 1 148 ? 10.881  -7.067  3.677   1.00 20.87 ? 148 ARG A CB  1 
ATOM   865  C CG  . ARG A 1 148 ? 10.312  -8.246  2.906   1.00 22.91 ? 148 ARG A CG  1 
ATOM   866  C CD  . ARG A 1 148 ? 11.362  -8.920  2.043   1.00 21.33 ? 148 ARG A CD  1 
ATOM   867  N NE  . ARG A 1 148 ? 10.865  -10.161 1.458   1.00 23.24 ? 148 ARG A NE  1 
ATOM   868  C CZ  . ARG A 1 148 ? 10.236  -10.240 0.288   1.00 24.04 ? 148 ARG A CZ  1 
ATOM   869  N NH1 . ARG A 1 148 ? 10.026  -9.144  -0.428  1.00 22.34 ? 148 ARG A NH1 1 
ATOM   870  N NH2 . ARG A 1 148 ? 9.819   -11.414 -0.162  1.00 22.10 ? 148 ARG A NH2 1 
ATOM   871  N N   . PHE A 1 149 ? 7.881   -7.659  5.038   1.00 20.51 ? 149 PHE A N   1 
ATOM   872  C CA  . PHE A 1 149 ? 7.079   -8.644  5.761   1.00 21.65 ? 149 PHE A CA  1 
ATOM   873  C C   . PHE A 1 149 ? 6.799   -9.848  4.865   1.00 21.75 ? 149 PHE A C   1 
ATOM   874  O O   . PHE A 1 149 ? 6.703   -9.708  3.648   1.00 20.93 ? 149 PHE A O   1 
ATOM   875  C CB  . PHE A 1 149 ? 5.758   -8.035  6.241   1.00 19.65 ? 149 PHE A CB  1 
ATOM   876  C CG  . PHE A 1 149 ? 5.918   -6.779  7.052   1.00 21.96 ? 149 PHE A CG  1 
ATOM   877  C CD1 . PHE A 1 149 ? 6.052   -5.547  6.431   1.00 19.96 ? 149 PHE A CD1 1 
ATOM   878  C CD2 . PHE A 1 149 ? 5.914   -6.828  8.436   1.00 20.44 ? 149 PHE A CD2 1 
ATOM   879  C CE1 . PHE A 1 149 ? 6.193   -4.390  7.174   1.00 20.32 ? 149 PHE A CE1 1 
ATOM   880  C CE2 . PHE A 1 149 ? 6.055   -5.675  9.186   1.00 18.97 ? 149 PHE A CE2 1 
ATOM   881  C CZ  . PHE A 1 149 ? 6.195   -4.455  8.554   1.00 20.25 ? 149 PHE A CZ  1 
ATOM   882  N N   . GLU A 1 150 ? 6.663   -11.028 5.465   1.00 20.43 ? 150 GLU A N   1 
ATOM   883  C CA  . GLU A 1 150 ? 6.366   -12.241 4.705   1.00 24.23 ? 150 GLU A CA  1 
ATOM   884  C C   . GLU A 1 150 ? 5.368   -13.148 5.422   1.00 24.93 ? 150 GLU A C   1 
ATOM   885  O O   . GLU A 1 150 ? 5.204   -13.065 6.641   1.00 24.90 ? 150 GLU A O   1 
ATOM   886  C CB  . GLU A 1 150 ? 7.647   -13.032 4.424   1.00 24.68 ? 150 GLU A CB  1 
ATOM   887  C CG  . GLU A 1 150 ? 8.615   -12.371 3.458   1.00 23.62 ? 150 GLU A CG  1 
ATOM   888  C CD  . GLU A 1 150 ? 9.851   -13.214 3.206   1.00 25.29 ? 150 GLU A CD  1 
ATOM   889  O OE1 . GLU A 1 150 ? 9.977   -14.293 3.823   1.00 24.24 ? 150 GLU A OE1 1 
ATOM   890  O OE2 . GLU A 1 150 ? 10.697  -12.797 2.389   1.00 26.65 ? 150 GLU A OE2 1 
ATOM   891  N N   . ASN A 1 151 ? 4.711   -14.005 4.641   1.00 25.28 ? 151 ASN A N   1 
ATOM   892  C CA  A ASN A 1 151 ? 3.808   -15.026 5.168   0.54 27.00 ? 151 ASN A CA  1 
ATOM   893  C CA  B ASN A 1 151 ? 3.801   -15.024 5.163   0.46 26.91 ? 151 ASN A CA  1 
ATOM   894  C C   . ASN A 1 151 ? 2.748   -14.482 6.126   1.00 27.44 ? 151 ASN A C   1 
ATOM   895  O O   . ASN A 1 151 ? 2.691   -14.874 7.290   1.00 25.80 ? 151 ASN A O   1 
ATOM   896  C CB  A ASN A 1 151 ? 4.624   -16.120 5.863   0.54 27.91 ? 151 ASN A CB  1 
ATOM   897  C CB  B ASN A 1 151 ? 4.600   -16.134 5.852   0.46 27.89 ? 151 ASN A CB  1 
ATOM   898  C CG  A ASN A 1 151 ? 3.815   -17.372 6.139   0.54 29.27 ? 151 ASN A CG  1 
ATOM   899  C CG  B ASN A 1 151 ? 5.524   -16.863 4.897   0.46 28.81 ? 151 ASN A CG  1 
ATOM   900  O OD1 A ASN A 1 151 ? 2.701   -17.532 5.637   0.54 30.11 ? 151 ASN A OD1 1 
ATOM   901  O OD1 B ASN A 1 151 ? 5.264   -16.929 3.696   0.46 29.64 ? 151 ASN A OD1 1 
ATOM   902  N ND2 A ASN A 1 151 ? 4.375   -18.271 6.941   0.54 30.52 ? 151 ASN A ND2 1 
ATOM   903  N ND2 B ASN A 1 151 ? 6.613   -17.414 5.426   0.46 28.80 ? 151 ASN A ND2 1 
ATOM   904  N N   . GLY A 1 152 ? 1.906   -13.579 5.634   1.00 26.59 ? 152 GLY A N   1 
ATOM   905  C CA  . GLY A 1 152 ? 0.829   -13.045 6.446   1.00 25.65 ? 152 GLY A CA  1 
ATOM   906  C C   . GLY A 1 152 ? 1.224   -11.903 7.363   1.00 22.91 ? 152 GLY A C   1 
ATOM   907  O O   . GLY A 1 152 ? 0.577   -11.665 8.383   1.00 23.60 ? 152 GLY A O   1 
ATOM   908  N N   . GLY A 1 153 ? 2.292   -11.198 7.008   1.00 22.20 ? 153 GLY A N   1 
ATOM   909  C CA  . GLY A 1 153 ? 2.662   -9.986  7.718   1.00 20.68 ? 153 GLY A CA  1 
ATOM   910  C C   . GLY A 1 153 ? 3.694   -10.143 8.817   1.00 22.39 ? 153 GLY A C   1 
ATOM   911  O O   . GLY A 1 153 ? 3.816   -9.277  9.685   1.00 20.10 ? 153 GLY A O   1 
ATOM   912  N N   . LYS A 1 154 ? 4.437   -11.243 8.784   1.00 22.78 ? 154 LYS A N   1 
ATOM   913  C CA  . LYS A 1 154 ? 5.531   -11.451 9.726   1.00 23.35 ? 154 LYS A CA  1 
ATOM   914  C C   . LYS A 1 154 ? 6.763   -10.675 9.268   1.00 22.43 ? 154 LYS A C   1 
ATOM   915  O O   . LYS A 1 154 ? 7.238   -10.870 8.151   1.00 22.37 ? 154 LYS A O   1 
ATOM   916  C CB  . LYS A 1 154 ? 5.863   -12.939 9.848   1.00 24.31 ? 154 LYS A CB  1 
ATOM   917  C CG  . LYS A 1 154 ? 4.684   -13.815 10.242  1.00 25.81 ? 154 LYS A CG  1 
ATOM   918  C CD  . LYS A 1 154 ? 5.016   -15.288 10.074  1.00 28.38 ? 154 LYS A CD  1 
ATOM   919  C CE  . LYS A 1 154 ? 3.873   -16.177 10.538  1.00 35.98 ? 154 LYS A CE  1 
ATOM   920  N NZ  . LYS A 1 154 ? 2.599   -15.880 9.826   1.00 30.33 ? 154 LYS A NZ  1 
ATOM   921  N N   . PRO A 1 155 ? 7.280   -9.782  10.125  1.00 22.31 ? 155 PRO A N   1 
ATOM   922  C CA  . PRO A 1 155 ? 8.477   -9.019  9.756   1.00 22.54 ? 155 PRO A CA  1 
ATOM   923  C C   . PRO A 1 155 ? 9.708   -9.911  9.621   1.00 22.42 ? 155 PRO A C   1 
ATOM   924  O O   . PRO A 1 155 ? 9.979   -10.712 10.512  1.00 21.40 ? 155 PRO A O   1 
ATOM   925  C CB  . PRO A 1 155 ? 8.640   -8.026  10.915  1.00 22.34 ? 155 PRO A CB  1 
ATOM   926  C CG  . PRO A 1 155 ? 7.877   -8.624  12.051  1.00 20.95 ? 155 PRO A CG  1 
ATOM   927  C CD  . PRO A 1 155 ? 6.743   -9.383  11.438  1.00 22.36 ? 155 PRO A CD  1 
ATOM   928  N N   . VAL A 1 156 ? 10.433  -9.775  8.515   1.00 23.19 ? 156 VAL A N   1 
ATOM   929  C CA  . VAL A 1 156 ? 11.664  -10.534 8.320   1.00 22.52 ? 156 VAL A CA  1 
ATOM   930  C C   . VAL A 1 156 ? 12.874  -9.608  8.362   1.00 21.35 ? 156 VAL A C   1 
ATOM   931  O O   . VAL A 1 156 ? 14.017  -10.061 8.394   1.00 23.84 ? 156 VAL A O   1 
ATOM   932  C CB  . VAL A 1 156 ? 11.650  -11.313 6.992   1.00 23.64 ? 156 VAL A CB  1 
ATOM   933  C CG1 . VAL A 1 156 ? 10.501  -12.307 6.986   1.00 23.80 ? 156 VAL A CG1 1 
ATOM   934  C CG2 . VAL A 1 156 ? 11.543  -10.360 5.811   1.00 22.60 ? 156 VAL A CG2 1 
ATOM   935  N N   . THR A 1 157 ? 12.610  -8.305  8.343   1.00 21.86 ? 157 THR A N   1 
ATOM   936  C CA  . THR A 1 157 ? 13.623  -7.298  8.635   1.00 21.49 ? 157 THR A CA  1 
ATOM   937  C C   . THR A 1 157 ? 13.022  -6.267  9.576   1.00 23.57 ? 157 THR A C   1 
ATOM   938  O O   . THR A 1 157 ? 11.814  -6.259  9.805   1.00 21.27 ? 157 THR A O   1 
ATOM   939  C CB  . THR A 1 157 ? 14.143  -6.575  7.366   1.00 25.12 ? 157 THR A CB  1 
ATOM   940  O OG1 . THR A 1 157 ? 13.140  -5.681  6.868   1.00 23.19 ? 157 THR A OG1 1 
ATOM   941  C CG2 . THR A 1 157 ? 14.524  -7.568  6.281   1.00 23.85 ? 157 THR A CG2 1 
ATOM   942  N N   . THR A 1 158 ? 13.867  -5.403  10.129  1.00 22.71 ? 158 THR A N   1 
ATOM   943  C CA  . THR A 1 158 ? 13.380  -4.232  10.847  1.00 22.01 ? 158 THR A CA  1 
ATOM   944  C C   . THR A 1 158 ? 13.247  -3.094  9.837   1.00 23.21 ? 158 THR A C   1 
ATOM   945  O O   . THR A 1 158 ? 13.385  -3.313  8.631   1.00 21.08 ? 158 THR A O   1 
ATOM   946  C CB  . THR A 1 158 ? 14.319  -3.826  12.001  1.00 21.97 ? 158 THR A CB  1 
ATOM   947  O OG1 . THR A 1 158 ? 13.728  -2.758  12.753  1.00 23.73 ? 158 THR A OG1 1 
ATOM   948  C CG2 . THR A 1 158 ? 15.672  -3.381  11.466  1.00 22.46 ? 158 THR A CG2 1 
ATOM   949  N N   . LEU A 1 159 ? 12.966  -1.885  10.311  1.00 21.21 ? 159 LEU A N   1 
ATOM   950  C CA  . LEU A 1 159 ? 12.994  -0.730  9.421   1.00 22.79 ? 159 LEU A CA  1 
ATOM   951  C C   . LEU A 1 159 ? 14.438  -0.270  9.253   1.00 23.51 ? 159 LEU A C   1 
ATOM   952  O O   . LEU A 1 159 ? 14.985  0.418   10.115  1.00 24.08 ? 159 LEU A O   1 
ATOM   953  C CB  . LEU A 1 159 ? 12.128  0.410   9.953   1.00 22.90 ? 159 LEU A CB  1 
ATOM   954  C CG  . LEU A 1 159 ? 12.051  1.610   9.004   1.00 24.30 ? 159 LEU A CG  1 
ATOM   955  C CD1 . LEU A 1 159 ? 11.336  1.236   7.708   1.00 22.20 ? 159 LEU A CD1 1 
ATOM   956  C CD2 . LEU A 1 159 ? 11.379  2.799   9.677   1.00 24.07 ? 159 LEU A CD2 1 
ATOM   957  N N   . LYS A 1 160 ? 15.055  -0.664  8.144   1.00 23.41 ? 160 LYS A N   1 
ATOM   958  C CA  . LYS A 1 160 ? 16.471  -0.387  7.934   1.00 27.60 ? 160 LYS A CA  1 
ATOM   959  C C   . LYS A 1 160 ? 16.717  0.640   6.835   1.00 25.54 ? 160 LYS A C   1 
ATOM   960  O O   . LYS A 1 160 ? 16.042  0.644   5.805   1.00 24.35 ? 160 LYS A O   1 
ATOM   961  C CB  . LYS A 1 160 ? 17.219  -1.680  7.605   1.00 29.37 ? 160 LYS A CB  1 
ATOM   962  C CG  . LYS A 1 160 ? 16.643  -2.451  6.430   1.00 29.83 ? 160 LYS A CG  1 
ATOM   963  C CD  . LYS A 1 160 ? 17.559  -3.592  6.019   1.00 42.03 ? 160 LYS A CD  1 
ATOM   964  C CE  . LYS A 1 160 ? 17.830  -4.528  7.185   1.00 37.20 ? 160 LYS A CE  1 
ATOM   965  N NZ  . LYS A 1 160 ? 18.724  -5.652  6.799   1.00 40.16 ? 160 LYS A NZ  1 
ATOM   966  N N   . LYS A 1 161 ? 17.693  1.510   7.070   1.00 25.28 ? 161 LYS A N   1 
ATOM   967  C CA  . LYS A 1 161 ? 18.144  2.460   6.064   1.00 26.37 ? 161 LYS A CA  1 
ATOM   968  C C   . LYS A 1 161 ? 18.855  1.727   4.929   1.00 25.59 ? 161 LYS A C   1 
ATOM   969  O O   . LYS A 1 161 ? 19.865  1.059   5.150   1.00 26.34 ? 161 LYS A O   1 
ATOM   970  C CB  . LYS A 1 161 ? 19.073  3.501   6.691   1.00 27.17 ? 161 LYS A CB  1 
ATOM   971  C CG  . LYS A 1 161 ? 19.592  4.550   5.723   1.00 25.47 ? 161 LYS A CG  1 
ATOM   972  C CD  . LYS A 1 161 ? 20.483  5.556   6.442   1.00 28.25 ? 161 LYS A CD  1 
ATOM   973  C CE  . LYS A 1 161 ? 21.019  6.610   5.486   1.00 29.81 ? 161 LYS A CE  1 
ATOM   974  N NZ  . LYS A 1 161 ? 21.867  7.613   6.184   1.00 31.69 ? 161 LYS A NZ  1 
ATOM   975  N N   . ILE A 1 162 ? 18.323  1.849   3.717   1.00 26.10 ? 162 ILE A N   1 
ATOM   976  C CA  . ILE A 1 162 ? 18.894  1.155   2.568   1.00 25.64 ? 162 ILE A CA  1 
ATOM   977  C C   . ILE A 1 162 ? 19.623  2.102   1.618   1.00 25.07 ? 162 ILE A C   1 
ATOM   978  O O   . ILE A 1 162 ? 20.317  1.658   0.705   1.00 24.96 ? 162 ILE A O   1 
ATOM   979  C CB  . ILE A 1 162 ? 17.812  0.395   1.777   1.00 26.16 ? 162 ILE A CB  1 
ATOM   980  C CG1 . ILE A 1 162 ? 16.714  1.356   1.324   1.00 24.31 ? 162 ILE A CG1 1 
ATOM   981  C CG2 . ILE A 1 162 ? 17.236  -0.739  2.616   1.00 25.42 ? 162 ILE A CG2 1 
ATOM   982  C CD1 . ILE A 1 162 ? 15.727  0.748   0.349   1.00 24.78 ? 162 ILE A CD1 1 
ATOM   983  N N   . GLY A 1 163 ? 19.470  3.405   1.835   1.00 22.17 ? 163 GLY A N   1 
ATOM   984  C CA  . GLY A 1 163 ? 20.121  4.375   0.976   1.00 22.80 ? 163 GLY A CA  1 
ATOM   985  C C   . GLY A 1 163 ? 19.838  5.820   1.334   1.00 24.12 ? 163 GLY A C   1 
ATOM   986  O O   . GLY A 1 163 ? 19.309  6.122   2.403   1.00 22.13 ? 163 GLY A O   1 
ATOM   987  N N   . THR A 1 164 ? 20.203  6.717   0.425   1.00 22.40 ? 164 THR A N   1 
ATOM   988  C CA  . THR A 1 164 ? 20.035  8.147   0.644   1.00 21.83 ? 164 THR A CA  1 
ATOM   989  C C   . THR A 1 164 ? 19.288  8.798   -0.511  1.00 22.20 ? 164 THR A C   1 
ATOM   990  O O   . THR A 1 164 ? 19.174  8.225   -1.594  1.00 20.29 ? 164 THR A O   1 
ATOM   991  C CB  . THR A 1 164 ? 21.394  8.852   0.820   1.00 21.19 ? 164 THR A CB  1 
ATOM   992  O OG1 . THR A 1 164 ? 22.230  8.562   -0.306  1.00 21.98 ? 164 THR A OG1 1 
ATOM   993  C CG2 . THR A 1 164 ? 22.087  8.380   2.094   1.00 22.45 ? 164 THR A CG2 1 
ATOM   994  N N   . ALA A 1 165 ? 18.783  10.000  -0.266  1.00 22.88 ? 165 ALA A N   1 
ATOM   995  C CA  . ALA A 1 165 ? 18.111  10.783  -1.291  1.00 22.84 ? 165 ALA A CA  1 
ATOM   996  C C   . ALA A 1 165 ? 18.315  12.259  -0.994  1.00 22.79 ? 165 ALA A C   1 
ATOM   997  O O   . ALA A 1 165 ? 18.874  12.614  0.045   1.00 22.69 ? 165 ALA A O   1 
ATOM   998  C CB  . ALA A 1 165 ? 16.629  10.443  -1.349  1.00 20.63 ? 165 ALA A CB  1 
ATOM   999  N N   . LEU A 1 166 ? 17.868  13.116  -1.905  1.00 22.79 ? 166 LEU A N   1 
ATOM   1000 C CA  . LEU A 1 166 ? 17.910  14.551  -1.664  1.00 24.99 ? 166 LEU A CA  1 
ATOM   1001 C C   . LEU A 1 166 ? 17.041  14.879  -0.454  1.00 26.42 ? 166 LEU A C   1 
ATOM   1002 O O   . LEU A 1 166 ? 16.013  14.237  -0.233  1.00 25.77 ? 166 LEU A O   1 
ATOM   1003 C CB  . LEU A 1 166 ? 17.439  15.329  -2.894  1.00 21.61 ? 166 LEU A CB  1 
ATOM   1004 C CG  . LEU A 1 166 ? 18.248  15.149  -4.182  1.00 22.75 ? 166 LEU A CG  1 
ATOM   1005 C CD1 . LEU A 1 166 ? 17.704  16.048  -5.283  1.00 20.40 ? 166 LEU A CD1 1 
ATOM   1006 C CD2 . LEU A 1 166 ? 19.724  15.424  -3.936  1.00 22.19 ? 166 LEU A CD2 1 
ATOM   1007 N N   . LYS A 1 167 ? 17.465  15.870  0.326   1.00 24.92 ? 167 LYS A N   1 
ATOM   1008 C CA  . LYS A 1 167 ? 16.767  16.247  1.554   1.00 27.99 ? 167 LYS A CA  1 
ATOM   1009 C C   . LYS A 1 167 ? 15.314  16.625  1.301   1.00 29.86 ? 167 LYS A C   1 
ATOM   1010 O O   . LYS A 1 167 ? 14.454  16.419  2.155   1.00 30.41 ? 167 LYS A O   1 
ATOM   1011 C CB  . LYS A 1 167 ? 17.490  17.409  2.239   1.00 31.00 ? 167 LYS A CB  1 
ATOM   1012 C CG  . LYS A 1 167 ? 18.735  17.011  3.014   1.00 32.12 ? 167 LYS A CG  1 
ATOM   1013 C CD  . LYS A 1 167 ? 18.374  16.363  4.342   1.00 35.70 ? 167 LYS A CD  1 
ATOM   1014 C CE  . LYS A 1 167 ? 19.610  16.121  5.195   1.00 43.39 ? 167 LYS A CE  1 
ATOM   1015 N NZ  . LYS A 1 167 ? 19.253  15.626  6.553   1.00 38.73 ? 167 LYS A NZ  1 
ATOM   1016 N N   . SER A 1 168 ? 15.045  17.174  0.120   1.00 28.56 ? 168 SER A N   1 
ATOM   1017 C CA  . SER A 1 168 ? 13.702  17.622  -0.226  1.00 28.86 ? 168 SER A CA  1 
ATOM   1018 C C   . SER A 1 168 ? 12.783  16.464  -0.605  1.00 29.16 ? 168 SER A C   1 
ATOM   1019 O O   . SER A 1 168 ? 11.563  16.616  -0.624  1.00 30.45 ? 168 SER A O   1 
ATOM   1020 C CB  . SER A 1 168 ? 13.760  18.627  -1.378  1.00 28.56 ? 168 SER A CB  1 
ATOM   1021 O OG  . SER A 1 168 ? 14.280  18.024  -2.553  1.00 29.49 ? 168 SER A OG  1 
ATOM   1022 N N   . LYS A 1 169 ? 13.369  15.309  -0.909  1.00 28.06 ? 169 LYS A N   1 
ATOM   1023 C CA  . LYS A 1 169 ? 12.587  14.171  -1.383  1.00 27.98 ? 169 LYS A CA  1 
ATOM   1024 C C   . LYS A 1 169 ? 11.873  13.450  -0.241  1.00 27.02 ? 169 LYS A C   1 
ATOM   1025 O O   . LYS A 1 169 ? 12.492  13.046  0.745   1.00 27.98 ? 169 LYS A O   1 
ATOM   1026 C CB  . LYS A 1 169 ? 13.479  13.190  -2.145  1.00 25.89 ? 169 LYS A CB  1 
ATOM   1027 C CG  . LYS A 1 169 ? 12.709  12.087  -2.846  1.00 26.77 ? 169 LYS A CG  1 
ATOM   1028 C CD  . LYS A 1 169 ? 13.613  11.241  -3.724  1.00 28.81 ? 169 LYS A CD  1 
ATOM   1029 C CE  . LYS A 1 169 ? 12.797  10.261  -4.555  1.00 32.09 ? 169 LYS A CE  1 
ATOM   1030 N NZ  . LYS A 1 169 ? 13.652  9.495   -5.503  1.00 37.66 ? 169 LYS A NZ  1 
ATOM   1031 N N   . THR A 1 170 ? 10.560  13.302  -0.381  1.00 25.49 ? 170 THR A N   1 
ATOM   1032 C CA  . THR A 1 170 ? 9.745   12.626  0.621   1.00 25.27 ? 170 THR A CA  1 
ATOM   1033 C C   . THR A 1 170 ? 8.737   11.706  -0.057  1.00 23.10 ? 170 THR A C   1 
ATOM   1034 O O   . THR A 1 170 ? 8.367   11.930  -1.208  1.00 21.16 ? 170 THR A O   1 
ATOM   1035 C CB  . THR A 1 170 ? 8.987   13.625  1.518   1.00 24.66 ? 170 THR A CB  1 
ATOM   1036 O OG1 . THR A 1 170 ? 8.117   14.430  0.709   1.00 24.69 ? 170 THR A OG1 1 
ATOM   1037 C CG2 . THR A 1 170 ? 9.946   14.527  2.275   1.00 26.83 ? 170 THR A CG2 1 
ATOM   1038 N N   . GLY A 1 171 ? 8.290   10.675  0.653   1.00 22.74 ? 171 GLY A N   1 
ATOM   1039 C CA  . GLY A 1 171 ? 7.264   9.797   0.119   1.00 23.41 ? 171 GLY A CA  1 
ATOM   1040 C C   . GLY A 1 171 ? 7.176   8.425   0.758   1.00 22.33 ? 171 GLY A C   1 
ATOM   1041 O O   . GLY A 1 171 ? 8.023   8.039   1.564   1.00 21.30 ? 171 GLY A O   1 
ATOM   1042 N N   . THR A 1 172 ? 6.132   7.689   0.388   1.00 19.26 ? 172 THR A N   1 
ATOM   1043 C CA  . THR A 1 172 ? 5.932   6.323   0.856   1.00 21.83 ? 172 THR A CA  1 
ATOM   1044 C C   . THR A 1 172 ? 5.671   5.398   -0.326  1.00 21.88 ? 172 THR A C   1 
ATOM   1045 O O   . THR A 1 172 ? 4.852   5.705   -1.192  1.00 21.35 ? 172 THR A O   1 
ATOM   1046 C CB  . THR A 1 172 ? 4.750   6.220   1.845   1.00 22.31 ? 172 THR A CB  1 
ATOM   1047 O OG1 . THR A 1 172 ? 4.984   7.072   2.972   1.00 25.09 ? 172 THR A OG1 1 
ATOM   1048 C CG2 . THR A 1 172 ? 4.567   4.786   2.328   1.00 22.13 ? 172 THR A CG2 1 
ATOM   1049 N N   . LYS A 1 173 ? 6.374   4.271   -0.369  1.00 19.94 ? 173 LYS A N   1 
ATOM   1050 C CA  . LYS A 1 173 ? 6.115   3.264   -1.390  1.00 20.12 ? 173 LYS A CA  1 
ATOM   1051 C C   . LYS A 1 173 ? 5.780   1.926   -0.746  1.00 21.28 ? 173 LYS A C   1 
ATOM   1052 O O   . LYS A 1 173 ? 6.524   1.429   0.098   1.00 20.38 ? 173 LYS A O   1 
ATOM   1053 C CB  . LYS A 1 173 ? 7.312   3.112   -2.330  1.00 22.46 ? 173 LYS A CB  1 
ATOM   1054 C CG  . LYS A 1 173 ? 7.085   2.079   -3.427  1.00 22.58 ? 173 LYS A CG  1 
ATOM   1055 C CD  . LYS A 1 173 ? 8.209   2.073   -4.444  1.00 25.24 ? 173 LYS A CD  1 
ATOM   1056 C CE  . LYS A 1 173 ? 9.523   1.640   -3.822  1.00 28.77 ? 173 LYS A CE  1 
ATOM   1057 N NZ  . LYS A 1 173 ? 10.616  1.557   -4.832  1.00 42.48 ? 173 LYS A NZ  1 
ATOM   1058 N N   . VAL A 1 174 ? 4.652   1.353   -1.146  1.00 18.41 ? 174 VAL A N   1 
ATOM   1059 C CA  . VAL A 1 174 ? 4.215   0.072   -0.609  1.00 19.38 ? 174 VAL A CA  1 
ATOM   1060 C C   . VAL A 1 174 ? 3.955   -0.913  -1.740  1.00 19.44 ? 174 VAL A C   1 
ATOM   1061 O O   . VAL A 1 174 ? 3.205   -0.619  -2.675  1.00 19.47 ? 174 VAL A O   1 
ATOM   1062 C CB  . VAL A 1 174 ? 2.938   0.215   0.255   1.00 20.19 ? 174 VAL A CB  1 
ATOM   1063 C CG1 . VAL A 1 174 ? 2.401   -1.154  0.646   1.00 19.67 ? 174 VAL A CG1 1 
ATOM   1064 C CG2 . VAL A 1 174 ? 3.210   1.060   1.495   1.00 18.76 ? 174 VAL A CG2 1 
ATOM   1065 N N   . THR A 1 175 ? 4.589   -2.078  -1.653  1.00 17.55 ? 175 THR A N   1 
ATOM   1066 C CA  . THR A 1 175 ? 4.389   -3.144  -2.624  1.00 17.30 ? 175 THR A CA  1 
ATOM   1067 C C   . THR A 1 175 ? 3.935   -4.411  -1.910  1.00 19.79 ? 175 THR A C   1 
ATOM   1068 O O   . THR A 1 175 ? 4.568   -4.841  -0.947  1.00 19.36 ? 175 THR A O   1 
ATOM   1069 C CB  . THR A 1 175 ? 5.675   -3.435  -3.415  1.00 19.68 ? 175 THR A CB  1 
ATOM   1070 O OG1 . THR A 1 175 ? 6.123   -2.239  -4.063  1.00 17.64 ? 175 THR A OG1 1 
ATOM   1071 C CG2 . THR A 1 175 ? 5.428   -4.513  -4.465  1.00 19.62 ? 175 THR A CG2 1 
ATOM   1072 N N   . PHE A 1 176 ? 2.841   -5.012  -2.372  1.00 19.86 ? 176 PHE A N   1 
ATOM   1073 C CA  . PHE A 1 176 ? 2.351   -6.222  -1.721  1.00 20.03 ? 176 PHE A CA  1 
ATOM   1074 C C   . PHE A 1 176 ? 1.928   -7.310  -2.702  1.00 20.85 ? 176 PHE A C   1 
ATOM   1075 O O   . PHE A 1 176 ? 1.391   -7.036  -3.774  1.00 20.49 ? 176 PHE A O   1 
ATOM   1076 C CB  . PHE A 1 176 ? 1.184   -5.890  -0.783  1.00 20.02 ? 176 PHE A CB  1 
ATOM   1077 C CG  . PHE A 1 176 ? -0.060  -5.416  -1.488  1.00 18.49 ? 176 PHE A CG  1 
ATOM   1078 C CD1 . PHE A 1 176 ? -0.195  -4.090  -1.872  1.00 19.11 ? 176 PHE A CD1 1 
ATOM   1079 C CD2 . PHE A 1 176 ? -1.102  -6.291  -1.743  1.00 19.04 ? 176 PHE A CD2 1 
ATOM   1080 C CE1 . PHE A 1 176 ? -1.343  -3.652  -2.512  1.00 19.10 ? 176 PHE A CE1 1 
ATOM   1081 C CE2 . PHE A 1 176 ? -2.252  -5.860  -2.381  1.00 22.04 ? 176 PHE A CE2 1 
ATOM   1082 C CZ  . PHE A 1 176 ? -2.373  -4.540  -2.766  1.00 20.39 ? 176 PHE A CZ  1 
ATOM   1083 N N   . MET A 1 177 ? 2.190   -8.551  -2.312  1.00 21.59 ? 177 MET A N   1 
ATOM   1084 C CA  . MET A 1 177 ? 1.759   -9.717  -3.067  1.00 22.00 ? 177 MET A CA  1 
ATOM   1085 C C   . MET A 1 177 ? 0.609   -10.391 -2.329  1.00 21.84 ? 177 MET A C   1 
ATOM   1086 O O   . MET A 1 177 ? 0.818   -10.982 -1.272  1.00 22.43 ? 177 MET A O   1 
ATOM   1087 C CB  . MET A 1 177 ? 2.920   -10.696 -3.258  1.00 22.07 ? 177 MET A CB  1 
ATOM   1088 C CG  . MET A 1 177 ? 2.555   -11.950 -4.028  1.00 24.49 ? 177 MET A CG  1 
ATOM   1089 S SD  . MET A 1 177 ? 2.425   -11.629 -5.794  1.00 28.90 ? 177 MET A SD  1 
ATOM   1090 C CE  . MET A 1 177 ? 4.146   -11.324 -6.184  1.00 25.94 ? 177 MET A CE  1 
ATOM   1091 N N   . PRO A 1 178 ? -0.614  -10.299 -2.877  1.00 22.76 ? 178 PRO A N   1 
ATOM   1092 C CA  . PRO A 1 178 ? -1.783  -10.889 -2.212  1.00 23.49 ? 178 PRO A CA  1 
ATOM   1093 C C   . PRO A 1 178 ? -1.641  -12.401 -2.038  1.00 23.44 ? 178 PRO A C   1 
ATOM   1094 O O   . PRO A 1 178 ? -1.140  -13.083 -2.931  1.00 21.63 ? 178 PRO A O   1 
ATOM   1095 C CB  . PRO A 1 178 ? -2.938  -10.549 -3.159  1.00 21.88 ? 178 PRO A CB  1 
ATOM   1096 C CG  . PRO A 1 178 ? -2.291  -10.331 -4.487  1.00 22.86 ? 178 PRO A CG  1 
ATOM   1097 C CD  . PRO A 1 178 ? -0.954  -9.726  -4.191  1.00 22.33 ? 178 PRO A CD  1 
ATOM   1098 N N   . ASP A 1 179 ? -2.072  -12.912 -0.889  1.00 22.82 ? 179 ASP A N   1 
ATOM   1099 C CA  . ASP A 1 179 ? -1.897  -14.323 -0.565  1.00 23.93 ? 179 ASP A CA  1 
ATOM   1100 C C   . ASP A 1 179 ? -2.814  -15.200 -1.415  1.00 26.30 ? 179 ASP A C   1 
ATOM   1101 O O   . ASP A 1 179 ? -4.040  -15.124 -1.307  1.00 24.60 ? 179 ASP A O   1 
ATOM   1102 C CB  . ASP A 1 179 ? -2.156  -14.558 0.925   1.00 24.81 ? 179 ASP A CB  1 
ATOM   1103 C CG  . ASP A 1 179 ? -1.602  -15.884 1.417   1.00 26.76 ? 179 ASP A CG  1 
ATOM   1104 O OD1 . ASP A 1 179 ? -1.555  -16.855 0.631   1.00 26.41 ? 179 ASP A OD1 1 
ATOM   1105 O OD2 . ASP A 1 179 ? -1.216  -15.955 2.602   1.00 28.57 ? 179 ASP A OD2 1 
ATOM   1106 N N   . ALA A 1 180 ? -2.205  -16.040 -2.248  1.00 26.63 ? 180 ALA A N   1 
ATOM   1107 C CA  . ALA A 1 180 ? -2.947  -16.909 -3.154  1.00 27.44 ? 180 ALA A CA  1 
ATOM   1108 C C   . ALA A 1 180 ? -3.676  -18.025 -2.409  1.00 28.02 ? 180 ALA A C   1 
ATOM   1109 O O   . ALA A 1 180 ? -4.593  -18.644 -2.947  1.00 28.51 ? 180 ALA A O   1 
ATOM   1110 C CB  . ALA A 1 180 ? -2.010  -17.498 -4.204  1.00 27.53 ? 180 ALA A CB  1 
ATOM   1111 N N   . THR A 1 181 ? -3.268  -18.278 -1.169  1.00 27.50 ? 181 THR A N   1 
ATOM   1112 C CA  . THR A 1 181 ? -3.917  -19.299 -0.353  1.00 30.13 ? 181 THR A CA  1 
ATOM   1113 C C   . THR A 1 181 ? -5.164  -18.756 0.340   1.00 31.63 ? 181 THR A C   1 
ATOM   1114 O O   . THR A 1 181 ? -5.816  -19.466 1.107   1.00 36.89 ? 181 THR A O   1 
ATOM   1115 C CB  . THR A 1 181 ? -2.963  -19.869 0.713   1.00 29.03 ? 181 THR A CB  1 
ATOM   1116 O OG1 . THR A 1 181 ? -2.597  -18.836 1.637   1.00 30.68 ? 181 THR A OG1 1 
ATOM   1117 C CG2 . THR A 1 181 ? -1.709  -20.436 0.062   1.00 28.43 ? 181 THR A CG2 1 
ATOM   1118 N N   . ILE A 1 182 ? -5.495  -17.497 0.064   1.00 29.42 ? 182 ILE A N   1 
ATOM   1119 C CA  . ILE A 1 182 ? -6.666  -16.868 0.662   1.00 29.83 ? 182 ILE A CA  1 
ATOM   1120 C C   . ILE A 1 182 ? -7.670  -16.412 -0.394  1.00 29.13 ? 182 ILE A C   1 
ATOM   1121 O O   . ILE A 1 182 ? -8.868  -16.661 -0.267  1.00 29.96 ? 182 ILE A O   1 
ATOM   1122 C CB  . ILE A 1 182 ? -6.266  -15.666 1.540   1.00 29.13 ? 182 ILE A CB  1 
ATOM   1123 C CG1 . ILE A 1 182 ? -5.441  -16.141 2.738   1.00 29.05 ? 182 ILE A CG1 1 
ATOM   1124 C CG2 . ILE A 1 182 ? -7.500  -14.900 2.001   1.00 29.64 ? 182 ILE A CG2 1 
ATOM   1125 C CD1 . ILE A 1 182 ? -5.035  -15.035 3.677   1.00 26.57 ? 182 ILE A CD1 1 
ATOM   1126 N N   . PHE A 1 183 ? -7.181  -15.753 -1.439  1.00 27.98 ? 183 PHE A N   1 
ATOM   1127 C CA  . PHE A 1 183 ? -8.052  -15.254 -2.500  1.00 28.30 ? 183 PHE A CA  1 
ATOM   1128 C C   . PHE A 1 183 ? -8.285  -16.291 -3.596  1.00 27.45 ? 183 PHE A C   1 
ATOM   1129 O O   . PHE A 1 183 ? -7.374  -17.028 -3.970  1.00 28.24 ? 183 PHE A O   1 
ATOM   1130 C CB  . PHE A 1 183 ? -7.468  -13.973 -3.104  1.00 27.28 ? 183 PHE A CB  1 
ATOM   1131 C CG  . PHE A 1 183 ? -7.398  -12.833 -2.134  1.00 24.87 ? 183 PHE A CG  1 
ATOM   1132 C CD1 . PHE A 1 183 ? -8.514  -12.053 -1.884  1.00 24.35 ? 183 PHE A CD1 1 
ATOM   1133 C CD2 . PHE A 1 183 ? -6.223  -12.556 -1.455  1.00 24.35 ? 183 PHE A CD2 1 
ATOM   1134 C CE1 . PHE A 1 183 ? -8.456  -11.010 -0.986  1.00 24.03 ? 183 PHE A CE1 1 
ATOM   1135 C CE2 . PHE A 1 183 ? -6.160  -11.512 -0.554  1.00 22.65 ? 183 PHE A CE2 1 
ATOM   1136 C CZ  . PHE A 1 183 ? -7.278  -10.740 -0.317  1.00 22.82 ? 183 PHE A CZ  1 
ATOM   1137 N N   . SER A 1 184 ? -9.513  -16.344 -4.104  1.00 27.98 ? 184 SER A N   1 
ATOM   1138 C CA  . SER A 1 184 ? -9.855  -17.259 -5.188  1.00 29.31 ? 184 SER A CA  1 
ATOM   1139 C C   . SER A 1 184 ? -9.214  -16.801 -6.494  1.00 28.53 ? 184 SER A C   1 
ATOM   1140 O O   . SER A 1 184 ? -8.977  -17.601 -7.398  1.00 28.50 ? 184 SER A O   1 
ATOM   1141 C CB  . SER A 1 184 ? -11.372 -17.366 -5.347  1.00 27.97 ? 184 SER A CB  1 
ATOM   1142 O OG  . SER A 1 184 ? -11.951 -16.099 -5.610  1.00 28.19 ? 184 SER A OG  1 
ATOM   1143 N N   . THR A 1 185 ? -8.943  -15.504 -6.583  1.00 28.25 ? 185 THR A N   1 
ATOM   1144 C CA  . THR A 1 185 ? -8.210  -14.943 -7.710  1.00 27.54 ? 185 THR A CA  1 
ATOM   1145 C C   . THR A 1 185 ? -7.223  -13.881 -7.227  1.00 27.31 ? 185 THR A C   1 
ATOM   1146 O O   . THR A 1 185 ? -7.557  -13.038 -6.394  1.00 25.77 ? 185 THR A O   1 
ATOM   1147 C CB  . THR A 1 185 ? -9.159  -14.330 -8.761  1.00 27.74 ? 185 THR A CB  1 
ATOM   1148 O OG1 . THR A 1 185 ? -8.402  -13.534 -9.680  1.00 26.12 ? 185 THR A OG1 1 
ATOM   1149 C CG2 . THR A 1 185 ? -10.212 -13.456 -8.091  1.00 26.92 ? 185 THR A CG2 1 
ATOM   1150 N N   . THR A 1 186 ? -6.003  -13.934 -7.748  1.00 27.00 ? 186 THR A N   1 
ATOM   1151 C CA  . THR A 1 186 ? -4.983  -12.955 -7.399  1.00 26.61 ? 186 THR A CA  1 
ATOM   1152 C C   . THR A 1 186 ? -4.613  -12.115 -8.613  1.00 27.18 ? 186 THR A C   1 
ATOM   1153 O O   . THR A 1 186 ? -3.558  -11.485 -8.650  1.00 28.44 ? 186 THR A O   1 
ATOM   1154 C CB  . THR A 1 186 ? -3.719  -13.628 -6.839  1.00 26.99 ? 186 THR A CB  1 
ATOM   1155 O OG1 . THR A 1 186 ? -3.276  -14.640 -7.751  1.00 27.43 ? 186 THR A OG1 1 
ATOM   1156 C CG2 . THR A 1 186 ? -4.009  -14.262 -5.488  1.00 25.52 ? 186 THR A CG2 1 
ATOM   1157 N N   . ASP A 1 187 ? -5.495  -12.116 -9.607  1.00 26.02 ? 187 ASP A N   1 
ATOM   1158 C CA  A ASP A 1 187 ? -5.277  -11.355 -10.830 0.51 27.72 ? 187 ASP A CA  1 
ATOM   1159 C CA  B ASP A 1 187 ? -5.273  -11.353 -10.828 0.49 27.75 ? 187 ASP A CA  1 
ATOM   1160 C C   . ASP A 1 187 ? -5.904  -9.969  -10.741 1.00 27.36 ? 187 ASP A C   1 
ATOM   1161 O O   . ASP A 1 187 ? -7.125  -9.827  -10.799 1.00 28.21 ? 187 ASP A O   1 
ATOM   1162 C CB  A ASP A 1 187 ? -5.843  -12.116 -12.032 0.51 28.27 ? 187 ASP A CB  1 
ATOM   1163 C CB  B ASP A 1 187 ? -5.830  -12.105 -12.040 0.49 28.28 ? 187 ASP A CB  1 
ATOM   1164 C CG  A ASP A 1 187 ? -5.628  -11.383 -13.343 0.51 29.01 ? 187 ASP A CG  1 
ATOM   1165 C CG  B ASP A 1 187 ? -5.049  -13.367 -12.353 0.49 29.21 ? 187 ASP A CG  1 
ATOM   1166 O OD1 A ASP A 1 187 ? -4.690  -10.560 -13.426 0.51 28.37 ? 187 ASP A OD1 1 
ATOM   1167 O OD1 B ASP A 1 187 ? -3.815  -13.369 -12.148 0.49 28.39 ? 187 ASP A OD1 1 
ATOM   1168 O OD2 A ASP A 1 187 ? -6.395  -11.638 -14.295 0.51 30.01 ? 187 ASP A OD2 1 
ATOM   1169 O OD2 B ASP A 1 187 ? -5.668  -14.357 -12.800 0.49 30.24 ? 187 ASP A OD2 1 
ATOM   1170 N N   . PHE A 1 188 ? -5.062  -8.949  -10.599 1.00 25.54 ? 188 PHE A N   1 
ATOM   1171 C CA  . PHE A 1 188 ? -5.537  -7.570  -10.571 1.00 25.68 ? 188 PHE A CA  1 
ATOM   1172 C C   . PHE A 1 188 ? -6.093  -7.181  -11.937 1.00 27.12 ? 188 PHE A C   1 
ATOM   1173 O O   . PHE A 1 188 ? -5.499  -7.492  -12.969 1.00 26.39 ? 188 PHE A O   1 
ATOM   1174 C CB  . PHE A 1 188 ? -4.414  -6.610  -10.165 1.00 24.58 ? 188 PHE A CB  1 
ATOM   1175 C CG  . PHE A 1 188 ? -3.960  -6.769  -8.740  1.00 24.25 ? 188 PHE A CG  1 
ATOM   1176 C CD1 . PHE A 1 188 ? -4.825  -6.507  -7.688  1.00 22.65 ? 188 PHE A CD1 1 
ATOM   1177 C CD2 . PHE A 1 188 ? -2.663  -7.164  -8.453  1.00 22.62 ? 188 PHE A CD2 1 
ATOM   1178 C CE1 . PHE A 1 188 ? -4.405  -6.647  -6.378  1.00 20.65 ? 188 PHE A CE1 1 
ATOM   1179 C CE2 . PHE A 1 188 ? -2.240  -7.307  -7.144  1.00 22.15 ? 188 PHE A CE2 1 
ATOM   1180 C CZ  . PHE A 1 188 ? -3.111  -7.046  -6.106  1.00 23.01 ? 188 PHE A CZ  1 
ATOM   1181 N N   . LYS A 1 189 ? -7.236  -6.505  -11.941 1.00 25.61 ? 189 LYS A N   1 
ATOM   1182 C CA  . LYS A 1 189 ? -7.872  -6.110  -13.190 1.00 27.00 ? 189 LYS A CA  1 
ATOM   1183 C C   . LYS A 1 189 ? -7.574  -4.648  -13.499 1.00 25.60 ? 189 LYS A C   1 
ATOM   1184 O O   . LYS A 1 189 ? -7.986  -3.751  -12.763 1.00 23.87 ? 189 LYS A O   1 
ATOM   1185 C CB  . LYS A 1 189 ? -9.382  -6.351  -13.128 1.00 26.69 ? 189 LYS A CB  1 
ATOM   1186 C CG  . LYS A 1 189 ? -9.766  -7.766  -12.708 1.00 28.82 ? 189 LYS A CG  1 
ATOM   1187 C CD  . LYS A 1 189 ? -9.098  -8.823  -13.580 1.00 33.35 ? 189 LYS A CD  1 
ATOM   1188 C CE  . LYS A 1 189 ? -9.597  -8.772  -15.017 1.00 39.71 ? 189 LYS A CE  1 
ATOM   1189 N NZ  . LYS A 1 189 ? -8.972  -9.844  -15.847 1.00 42.49 ? 189 LYS A NZ  1 
ATOM   1190 N N   . TYR A 1 190 ? -6.850  -4.427  -14.593 1.00 24.56 ? 190 TYR A N   1 
ATOM   1191 C CA  . TYR A 1 190 ? -6.430  -3.093  -15.021 1.00 24.63 ? 190 TYR A CA  1 
ATOM   1192 C C   . TYR A 1 190 ? -7.586  -2.092  -15.117 1.00 24.95 ? 190 TYR A C   1 
ATOM   1193 O O   . TYR A 1 190 ? -7.497  -0.980  -14.594 1.00 24.87 ? 190 TYR A O   1 
ATOM   1194 C CB  . TYR A 1 190 ? -5.712  -3.190  -16.371 1.00 24.65 ? 190 TYR A CB  1 
ATOM   1195 C CG  . TYR A 1 190 ? -5.249  -1.865  -16.938 1.00 25.75 ? 190 TYR A CG  1 
ATOM   1196 C CD1 . TYR A 1 190 ? -6.066  -1.126  -17.787 1.00 27.25 ? 190 TYR A CD1 1 
ATOM   1197 C CD2 . TYR A 1 190 ? -3.991  -1.356  -16.631 1.00 23.99 ? 190 TYR A CD2 1 
ATOM   1198 C CE1 . TYR A 1 190 ? -5.647  0.083   -18.310 1.00 26.05 ? 190 TYR A CE1 1 
ATOM   1199 C CE2 . TYR A 1 190 ? -3.564  -0.146  -17.151 1.00 23.68 ? 190 TYR A CE2 1 
ATOM   1200 C CZ  . TYR A 1 190 ? -4.396  0.567   -17.990 1.00 24.52 ? 190 TYR A CZ  1 
ATOM   1201 O OH  . TYR A 1 190 ? -3.978  1.770   -18.512 1.00 23.69 ? 190 TYR A OH  1 
ATOM   1202 N N   . ASN A 1 191 ? -8.664  -2.494  -15.783 1.00 23.81 ? 191 ASN A N   1 
ATOM   1203 C CA  . ASN A 1 191 ? -9.806  -1.613  -15.999 1.00 24.95 ? 191 ASN A CA  1 
ATOM   1204 C C   . ASN A 1 191 ? -10.489 -1.208  -14.696 1.00 25.01 ? 191 ASN A C   1 
ATOM   1205 O O   . ASN A 1 191 ? -10.944 -0.073  -14.548 1.00 22.39 ? 191 ASN A O   1 
ATOM   1206 C CB  . ASN A 1 191 ? -10.821 -2.279  -16.928 1.00 26.67 ? 191 ASN A CB  1 
ATOM   1207 C CG  . ASN A 1 191 ? -10.294 -2.453  -18.341 1.00 30.86 ? 191 ASN A CG  1 
ATOM   1208 O OD1 . ASN A 1 191 ? -9.477  -1.662  -18.813 1.00 33.21 ? 191 ASN A OD1 1 
ATOM   1209 N ND2 . ASN A 1 191 ? -10.767 -3.488  -19.027 1.00 33.57 ? 191 ASN A ND2 1 
ATOM   1210 N N   . THR A 1 192 ? -10.555 -2.144  -13.754 1.00 23.59 ? 192 THR A N   1 
ATOM   1211 C CA  . THR A 1 192 ? -11.173 -1.889  -12.459 1.00 23.84 ? 192 THR A CA  1 
ATOM   1212 C C   . THR A 1 192 ? -10.389 -0.839  -11.680 1.00 23.01 ? 192 THR A C   1 
ATOM   1213 O O   . THR A 1 192 ? -10.959 0.125   -11.167 1.00 20.44 ? 192 THR A O   1 
ATOM   1214 C CB  . THR A 1 192 ? -11.273 -3.176  -11.618 1.00 23.38 ? 192 THR A CB  1 
ATOM   1215 O OG1 . THR A 1 192 ? -12.089 -4.135  -12.302 1.00 24.98 ? 192 THR A OG1 1 
ATOM   1216 C CG2 . THR A 1 192 ? -11.885 -2.878  -10.257 1.00 23.44 ? 192 THR A CG2 1 
ATOM   1217 N N   . ILE A 1 193 ? -9.077  -1.029  -11.604 1.00 21.96 ? 193 ILE A N   1 
ATOM   1218 C CA  . ILE A 1 193 ? -8.206  -0.099  -10.894 1.00 23.24 ? 193 ILE A CA  1 
ATOM   1219 C C   . ILE A 1 193 ? -8.162  1.255   -11.601 1.00 21.42 ? 193 ILE A C   1 
ATOM   1220 O O   . ILE A 1 193 ? -8.210  2.306   -10.957 1.00 20.68 ? 193 ILE A O   1 
ATOM   1221 C CB  . ILE A 1 193 ? -6.779  -0.668  -10.760 1.00 22.59 ? 193 ILE A CB  1 
ATOM   1222 C CG1 . ILE A 1 193 ? -6.811  -2.011  -10.020 1.00 23.21 ? 193 ILE A CG1 1 
ATOM   1223 C CG2 . ILE A 1 193 ? -5.872  0.312   -10.036 1.00 18.40 ? 193 ILE A CG2 1 
ATOM   1224 C CD1 . ILE A 1 193 ? -5.469  -2.718  -9.976  1.00 22.08 ? 193 ILE A CD1 1 
ATOM   1225 N N   . SER A 1 194 ? -8.086  1.220   -12.928 1.00 21.33 ? 194 SER A N   1 
ATOM   1226 C CA  . SER A 1 194 ? -8.058  2.433   -13.742 1.00 23.41 ? 194 SER A CA  1 
ATOM   1227 C C   . SER A 1 194 ? -9.244  3.346   -13.452 1.00 24.15 ? 194 SER A C   1 
ATOM   1228 O O   . SER A 1 194 ? -9.083  4.556   -13.280 1.00 23.30 ? 194 SER A O   1 
ATOM   1229 C CB  . SER A 1 194 ? -8.037  2.075   -15.228 1.00 24.69 ? 194 SER A CB  1 
ATOM   1230 O OG  . SER A 1 194 ? -8.095  3.240   -16.033 1.00 25.48 ? 194 SER A OG  1 
ATOM   1231 N N   . GLU A 1 195 ? -10.433 2.757   -13.399 1.00 25.16 ? 195 GLU A N   1 
ATOM   1232 C CA  . GLU A 1 195 ? -11.650 3.505   -13.110 1.00 27.62 ? 195 GLU A CA  1 
ATOM   1233 C C   . GLU A 1 195 ? -11.606 4.136   -11.722 1.00 26.67 ? 195 GLU A C   1 
ATOM   1234 O O   . GLU A 1 195 ? -12.005 5.287   -11.540 1.00 24.30 ? 195 GLU A O   1 
ATOM   1235 C CB  . GLU A 1 195 ? -12.877 2.596   -13.229 1.00 28.74 ? 195 GLU A CB  1 
ATOM   1236 C CG  . GLU A 1 195 ? -14.192 3.283   -12.893 1.00 36.73 ? 195 GLU A CG  1 
ATOM   1237 C CD  . GLU A 1 195 ? -14.543 4.396   -13.864 1.00 45.01 ? 195 GLU A CD  1 
ATOM   1238 O OE1 . GLU A 1 195 ? -14.087 4.346   -15.026 1.00 58.95 ? 195 GLU A OE1 1 
ATOM   1239 O OE2 . GLU A 1 195 ? -15.275 5.323   -13.462 1.00 49.59 ? 195 GLU A OE2 1 
ATOM   1240 N N   A ARG A 1 196 ? -11.131 3.369   -10.746 0.49 25.08 ? 196 ARG A N   1 
ATOM   1241 N N   B ARG A 1 196 ? -11.108 3.377   -10.752 0.51 25.10 ? 196 ARG A N   1 
ATOM   1242 C CA  A ARG A 1 196 ? -11.028 3.844   -9.371  0.49 24.44 ? 196 ARG A CA  1 
ATOM   1243 C CA  B ARG A 1 196 ? -11.034 3.836   -9.370  0.51 24.71 ? 196 ARG A CA  1 
ATOM   1244 C C   A ARG A 1 196 ? -10.073 5.025   -9.258  0.49 23.96 ? 196 ARG A C   1 
ATOM   1245 C C   B ARG A 1 196 ? -10.044 4.989   -9.205  0.51 23.95 ? 196 ARG A C   1 
ATOM   1246 O O   A ARG A 1 196 ? -10.365 6.011   -8.580  0.49 24.86 ? 196 ARG A O   1 
ATOM   1247 O O   B ARG A 1 196 ? -10.286 5.921   -8.440  0.51 24.73 ? 196 ARG A O   1 
ATOM   1248 C CB  A ARG A 1 196 ? -10.564 2.716   -8.450  0.49 24.48 ? 196 ARG A CB  1 
ATOM   1249 C CB  B ARG A 1 196 ? -10.648 2.675   -8.449  0.51 24.47 ? 196 ARG A CB  1 
ATOM   1250 C CG  A ARG A 1 196 ? -10.270 3.159   -7.026  0.49 24.68 ? 196 ARG A CG  1 
ATOM   1251 C CG  B ARG A 1 196 ? -10.765 2.986   -6.968  0.51 25.02 ? 196 ARG A CG  1 
ATOM   1252 C CD  A ARG A 1 196 ? -11.521 3.152   -6.166  0.49 25.76 ? 196 ARG A CD  1 
ATOM   1253 C CD  B ARG A 1 196 ? -12.188 3.373   -6.601  0.51 25.60 ? 196 ARG A CD  1 
ATOM   1254 N NE  A ARG A 1 196 ? -11.218 3.444   -4.769  0.49 25.69 ? 196 ARG A NE  1 
ATOM   1255 N NE  B ARG A 1 196 ? -13.136 2.278   -6.791  0.51 25.48 ? 196 ARG A NE  1 
ATOM   1256 C CZ  A ARG A 1 196 ? -12.046 3.203   -3.758  0.49 26.65 ? 196 ARG A CZ  1 
ATOM   1257 C CZ  B ARG A 1 196 ? -13.692 1.588   -5.799  0.51 25.71 ? 196 ARG A CZ  1 
ATOM   1258 N NH1 A ARG A 1 196 ? -13.233 2.659   -3.987  0.49 26.50 ? 196 ARG A NH1 1 
ATOM   1259 N NH1 B ARG A 1 196 ? -13.399 1.877   -4.538  0.51 25.48 ? 196 ARG A NH1 1 
ATOM   1260 N NH2 A ARG A 1 196 ? -11.683 3.501   -2.518  0.49 27.43 ? 196 ARG A NH2 1 
ATOM   1261 N NH2 B ARG A 1 196 ? -14.545 0.609   -6.068  0.51 24.42 ? 196 ARG A NH2 1 
ATOM   1262 N N   . LEU A 1 197 ? -8.929  4.918   -9.928  1.00 22.94 ? 197 LEU A N   1 
ATOM   1263 C CA  . LEU A 1 197 ? -7.921  5.971   -9.887  1.00 23.91 ? 197 LEU A CA  1 
ATOM   1264 C C   . LEU A 1 197 ? -8.415  7.232   -10.589 1.00 23.90 ? 197 LEU A C   1 
ATOM   1265 O O   . LEU A 1 197 ? -8.138  8.347   -10.148 1.00 22.68 ? 197 LEU A O   1 
ATOM   1266 C CB  . LEU A 1 197 ? -6.615  5.487   -10.521 1.00 21.46 ? 197 LEU A CB  1 
ATOM   1267 C CG  . LEU A 1 197 ? -5.951  4.307   -9.814  1.00 21.07 ? 197 LEU A CG  1 
ATOM   1268 C CD1 . LEU A 1 197 ? -4.662  3.905   -10.511 1.00 20.73 ? 197 LEU A CD1 1 
ATOM   1269 C CD2 . LEU A 1 197 ? -5.689  4.648   -8.355  1.00 20.88 ? 197 LEU A CD2 1 
ATOM   1270 N N   . ASN A 1 198 ? -9.145  7.045   -11.686 1.00 23.09 ? 198 ASN A N   1 
ATOM   1271 C CA  . ASN A 1 198 ? -9.760  8.158   -12.401 1.00 23.51 ? 198 ASN A CA  1 
ATOM   1272 C C   . ASN A 1 198 ? -10.694 8.935   -11.478 1.00 24.56 ? 198 ASN A C   1 
ATOM   1273 O O   . ASN A 1 198 ? -10.637 10.164  -11.403 1.00 22.39 ? 198 ASN A O   1 
ATOM   1274 C CB  . ASN A 1 198 ? -10.526 7.648   -13.625 1.00 22.90 ? 198 ASN A CB  1 
ATOM   1275 C CG  . ASN A 1 198 ? -10.857 8.751   -14.615 1.00 24.06 ? 198 ASN A CG  1 
ATOM   1276 O OD1 . ASN A 1 198 ? -10.615 9.931   -14.360 1.00 23.23 ? 198 ASN A OD1 1 
ATOM   1277 N ND2 . ASN A 1 198 ? -11.428 8.369   -15.750 1.00 25.70 ? 198 ASN A ND2 1 
ATOM   1278 N N   . GLU A 1 199 ? -11.543 8.201   -10.767 1.00 23.39 ? 199 GLU A N   1 
ATOM   1279 C CA  . GLU A 1 199 ? -12.499 8.792   -9.838  1.00 24.62 ? 199 GLU A CA  1 
ATOM   1280 C C   . GLU A 1 199 ? -11.792 9.504   -8.691  1.00 25.73 ? 199 GLU A C   1 
ATOM   1281 O O   . GLU A 1 199 ? -12.158 10.623  -8.327  1.00 25.46 ? 199 GLU A O   1 
ATOM   1282 C CB  . GLU A 1 199 ? -13.440 7.718   -9.293  1.00 26.77 ? 199 GLU A CB  1 
ATOM   1283 C CG  . GLU A 1 199 ? -14.381 7.137   -10.339 1.00 29.59 ? 199 GLU A CG  1 
ATOM   1284 C CD  . GLU A 1 199 ? -15.111 5.904   -9.847  1.00 33.23 ? 199 GLU A CD  1 
ATOM   1285 O OE1 . GLU A 1 199 ? -14.675 5.320   -8.833  1.00 31.09 ? 199 GLU A OE1 1 
ATOM   1286 O OE2 . GLU A 1 199 ? -16.120 5.518   -10.476 1.00 38.99 ? 199 GLU A OE2 1 
ATOM   1287 N N   . SER A 1 200 ? -10.780 8.849   -8.129  1.00 22.38 ? 200 SER A N   1 
ATOM   1288 C CA  . SER A 1 200 ? -9.994  9.431   -7.045  1.00 25.40 ? 200 SER A CA  1 
ATOM   1289 C C   . SER A 1 200 ? -9.334  10.730  -7.491  1.00 24.52 ? 200 SER A C   1 
ATOM   1290 O O   . SER A 1 200 ? -9.266  11.698  -6.732  1.00 25.58 ? 200 SER A O   1 
ATOM   1291 C CB  . SER A 1 200 ? -8.929  8.445   -6.557  1.00 25.17 ? 200 SER A CB  1 
ATOM   1292 O OG  . SER A 1 200 ? -9.511  7.214   -6.167  1.00 23.62 ? 200 SER A OG  1 
ATOM   1293 N N   . ALA A 1 201 ? -8.853  10.742  -8.730  1.00 24.60 ? 201 ALA A N   1 
ATOM   1294 C CA  . ALA A 1 201 ? -8.223  11.924  -9.302  1.00 24.69 ? 201 ALA A CA  1 
ATOM   1295 C C   . ALA A 1 201 ? -9.223  13.067  -9.452  1.00 22.79 ? 201 ALA A C   1 
ATOM   1296 O O   . ALA A 1 201 ? -8.900  14.223  -9.185  1.00 23.33 ? 201 ALA A O   1 
ATOM   1297 C CB  . ALA A 1 201 ? -7.594  11.591  -10.645 1.00 21.54 ? 201 ALA A CB  1 
ATOM   1298 N N   . PHE A 1 202 ? -10.437 12.738  -9.882  1.00 23.21 ? 202 PHE A N   1 
ATOM   1299 C CA  . PHE A 1 202 ? -11.477 13.745  -10.060 1.00 24.37 ? 202 PHE A CA  1 
ATOM   1300 C C   . PHE A 1 202 ? -11.905 14.345  -8.726  1.00 24.69 ? 202 PHE A C   1 
ATOM   1301 O O   . PHE A 1 202 ? -12.296 15.507  -8.658  1.00 26.24 ? 202 PHE A O   1 
ATOM   1302 C CB  . PHE A 1 202 ? -12.691 13.150  -10.777 1.00 25.62 ? 202 PHE A CB  1 
ATOM   1303 C CG  . PHE A 1 202 ? -13.797 14.140  -11.014 1.00 25.74 ? 202 PHE A CG  1 
ATOM   1304 C CD1 . PHE A 1 202 ? -13.702 15.070  -12.038 1.00 25.84 ? 202 PHE A CD1 1 
ATOM   1305 C CD2 . PHE A 1 202 ? -14.930 14.141  -10.218 1.00 26.15 ? 202 PHE A CD2 1 
ATOM   1306 C CE1 . PHE A 1 202 ? -14.715 15.984  -12.262 1.00 25.80 ? 202 PHE A CE1 1 
ATOM   1307 C CE2 . PHE A 1 202 ? -15.947 15.053  -10.437 1.00 26.06 ? 202 PHE A CE2 1 
ATOM   1308 C CZ  . PHE A 1 202 ? -15.839 15.975  -11.460 1.00 25.51 ? 202 PHE A CZ  1 
ATOM   1309 N N   . LEU A 1 203 ? -11.826 13.551  -7.664  1.00 24.73 ? 203 LEU A N   1 
ATOM   1310 C CA  . LEU A 1 203 ? -12.216 14.019  -6.341  1.00 28.25 ? 203 LEU A CA  1 
ATOM   1311 C C   . LEU A 1 203 ? -11.098 14.826  -5.680  1.00 27.18 ? 203 LEU A C   1 
ATOM   1312 O O   . LEU A 1 203 ? -11.359 15.803  -4.975  1.00 26.04 ? 203 LEU A O   1 
ATOM   1313 C CB  . LEU A 1 203 ? -12.610 12.838  -5.454  1.00 27.25 ? 203 LEU A CB  1 
ATOM   1314 C CG  . LEU A 1 203 ? -13.844 12.040  -5.876  1.00 29.01 ? 203 LEU A CG  1 
ATOM   1315 C CD1 . LEU A 1 203 ? -13.987 10.786  -5.027  1.00 29.97 ? 203 LEU A CD1 1 
ATOM   1316 C CD2 . LEU A 1 203 ? -15.089 12.907  -5.775  1.00 31.34 ? 203 LEU A CD2 1 
ATOM   1317 N N   . LEU A 1 204 ? -9.854  14.413  -5.913  1.00 27.34 ? 204 LEU A N   1 
ATOM   1318 C CA  . LEU A 1 204 ? -8.694  15.089  -5.335  1.00 26.66 ? 204 LEU A CA  1 
ATOM   1319 C C   . LEU A 1 204 ? -8.482  16.491  -5.894  1.00 26.70 ? 204 LEU A C   1 
ATOM   1320 O O   . LEU A 1 204 ? -8.291  17.442  -5.133  1.00 27.61 ? 204 LEU A O   1 
ATOM   1321 C CB  . LEU A 1 204 ? -7.424  14.263  -5.568  1.00 26.80 ? 204 LEU A CB  1 
ATOM   1322 C CG  . LEU A 1 204 ? -6.917  13.376  -4.432  1.00 27.97 ? 204 LEU A CG  1 
ATOM   1323 C CD1 . LEU A 1 204 ? -5.681  12.611  -4.880  1.00 26.34 ? 204 LEU A CD1 1 
ATOM   1324 C CD2 . LEU A 1 204 ? -6.616  14.209  -3.195  1.00 27.23 ? 204 LEU A CD2 1 
ATOM   1325 N N   . LYS A 1 205 ? -8.509  16.594  -7.223  1.00 26.21 ? 205 LYS A N   1 
ATOM   1326 C CA  . LYS A 1 205 ? -8.128  17.798  -7.970  1.00 27.35 ? 205 LYS A CA  1 
ATOM   1327 C C   . LYS A 1 205 ? -6.629  18.077  -7.847  1.00 27.20 ? 205 LYS A C   1 
ATOM   1328 O O   . LYS A 1 205 ? -6.043  17.930  -6.773  1.00 25.45 ? 205 LYS A O   1 
ATOM   1329 C CB  . LYS A 1 205 ? -8.916  19.032  -7.511  1.00 29.27 ? 205 LYS A CB  1 
ATOM   1330 C CG  . LYS A 1 205 ? -10.426 18.861  -7.453  1.00 28.55 ? 205 LYS A CG  1 
ATOM   1331 C CD  . LYS A 1 205 ? -11.015 18.541  -8.815  1.00 30.33 ? 205 LYS A CD  1 
ATOM   1332 C CE  . LYS A 1 205 ? -12.535 18.590  -8.770  1.00 27.36 ? 205 LYS A CE  1 
ATOM   1333 N NZ  . LYS A 1 205 ? -13.155 17.880  -9.924  1.00 25.54 ? 205 LYS A NZ  1 
ATOM   1334 N N   . ASN A 1 206 ? -6.023  18.475  -8.963  1.00 25.39 ? 206 ASN A N   1 
ATOM   1335 C CA  . ASN A 1 206 ? -4.634  18.930  -9.004  1.00 26.57 ? 206 ASN A CA  1 
ATOM   1336 C C   . ASN A 1 206 ? -3.632  17.894  -8.499  1.00 25.61 ? 206 ASN A C   1 
ATOM   1337 O O   . ASN A 1 206 ? -2.575  18.243  -7.972  1.00 25.07 ? 206 ASN A O   1 
ATOM   1338 C CB  . ASN A 1 206 ? -4.489  20.226  -8.204  1.00 27.40 ? 206 ASN A CB  1 
ATOM   1339 C CG  . ASN A 1 206 ? -5.408  21.323  -8.704  1.00 30.85 ? 206 ASN A CG  1 
ATOM   1340 O OD1 . ASN A 1 206 ? -5.459  21.610  -9.899  1.00 31.87 ? 206 ASN A OD1 1 
ATOM   1341 N ND2 . ASN A 1 206 ? -6.151  21.934  -7.789  1.00 31.31 ? 206 ASN A ND2 1 
ATOM   1342 N N   . VAL A 1 207 ? -3.978  16.620  -8.655  1.00 25.87 ? 207 VAL A N   1 
ATOM   1343 C CA  . VAL A 1 207 ? -3.083  15.523  -8.306  1.00 23.48 ? 207 VAL A CA  1 
ATOM   1344 C C   . VAL A 1 207 ? -3.092  14.483  -9.422  1.00 23.92 ? 207 VAL A C   1 
ATOM   1345 O O   . VAL A 1 207 ? -4.155  14.028  -9.846  1.00 21.62 ? 207 VAL A O   1 
ATOM   1346 C CB  . VAL A 1 207 ? -3.488  14.844  -6.977  1.00 24.02 ? 207 VAL A CB  1 
ATOM   1347 C CG1 . VAL A 1 207 ? -2.582  13.658  -6.689  1.00 23.98 ? 207 VAL A CG1 1 
ATOM   1348 C CG2 . VAL A 1 207 ? -3.455  15.838  -5.823  1.00 25.58 ? 207 VAL A CG2 1 
ATOM   1349 N N   . THR A 1 208 ? -1.913  14.110  -9.904  1.00 21.43 ? 208 THR A N   1 
ATOM   1350 C CA  . THR A 1 208 ? -1.826  13.111  -10.961 1.00 22.75 ? 208 THR A CA  1 
ATOM   1351 C C   . THR A 1 208 ? -1.867  11.701  -10.385 1.00 20.80 ? 208 THR A C   1 
ATOM   1352 O O   . THR A 1 208 ? -1.113  11.374  -9.471  1.00 19.95 ? 208 THR A O   1 
ATOM   1353 C CB  . THR A 1 208 ? -0.544  13.278  -11.799 1.00 19.73 ? 208 THR A CB  1 
ATOM   1354 O OG1 . THR A 1 208 ? -0.522  14.582  -12.389 1.00 22.13 ? 208 THR A OG1 1 
ATOM   1355 C CG2 . THR A 1 208 ? -0.479  12.223  -12.902 1.00 19.99 ? 208 THR A CG2 1 
ATOM   1356 N N   . LEU A 1 209 ? -2.763  10.875  -10.911 1.00 18.86 ? 209 LEU A N   1 
ATOM   1357 C CA  . LEU A 1 209 ? -2.776  9.454   -10.581 1.00 19.46 ? 209 LEU A CA  1 
ATOM   1358 C C   . LEU A 1 209 ? -2.436  8.650   -11.828 1.00 22.22 ? 209 LEU A C   1 
ATOM   1359 O O   . LEU A 1 209 ? -2.994  8.890   -12.898 1.00 21.43 ? 209 LEU A O   1 
ATOM   1360 C CB  . LEU A 1 209 ? -4.132  9.026   -10.018 1.00 22.38 ? 209 LEU A CB  1 
ATOM   1361 C CG  . LEU A 1 209 ? -4.344  9.199   -8.510  1.00 23.01 ? 209 LEU A CG  1 
ATOM   1362 C CD1 . LEU A 1 209 ? -4.454  10.669  -8.119  1.00 22.37 ? 209 LEU A CD1 1 
ATOM   1363 C CD2 . LEU A 1 209 ? -5.571  8.431   -8.059  1.00 24.49 ? 209 LEU A CD2 1 
ATOM   1364 N N   . SER A 1 210 ? -1.512  7.703   -11.695 1.00 20.11 ? 210 SER A N   1 
ATOM   1365 C CA  . SER A 1 210 ? -1.072  6.919   -12.841 1.00 21.66 ? 210 SER A CA  1 
ATOM   1366 C C   . SER A 1 210 ? -1.237  5.426   -12.601 1.00 20.77 ? 210 SER A C   1 
ATOM   1367 O O   . SER A 1 210 ? -1.166  4.952   -11.465 1.00 21.14 ? 210 SER A O   1 
ATOM   1368 C CB  . SER A 1 210 ? 0.388   7.226   -13.180 1.00 22.03 ? 210 SER A CB  1 
ATOM   1369 O OG  . SER A 1 210 ? 1.270   6.613   -12.255 1.00 23.03 ? 210 SER A OG  1 
ATOM   1370 N N   . LEU A 1 211 ? -1.468  4.690   -13.680 1.00 19.38 ? 211 LEU A N   1 
ATOM   1371 C CA  . LEU A 1 211 ? -1.537  3.239   -13.621 1.00 20.04 ? 211 LEU A CA  1 
ATOM   1372 C C   . LEU A 1 211 ? -0.659  2.649   -14.714 1.00 22.24 ? 211 LEU A C   1 
ATOM   1373 O O   . LEU A 1 211 ? -0.741  3.058   -15.871 1.00 22.81 ? 211 LEU A O   1 
ATOM   1374 C CB  . LEU A 1 211 ? -2.978  2.751   -13.770 1.00 19.52 ? 211 LEU A CB  1 
ATOM   1375 C CG  . LEU A 1 211 ? -3.176  1.237   -13.781 1.00 21.91 ? 211 LEU A CG  1 
ATOM   1376 C CD1 . LEU A 1 211 ? -2.615  0.614   -12.512 1.00 21.29 ? 211 LEU A CD1 1 
ATOM   1377 C CD2 . LEU A 1 211 ? -4.648  0.899   -13.938 1.00 23.91 ? 211 LEU A CD2 1 
ATOM   1378 N N   . THR A 1 212 ? 0.188   1.698   -14.339 1.00 21.51 ? 212 THR A N   1 
ATOM   1379 C CA  . THR A 1 212 ? 1.058   1.028   -15.296 1.00 21.63 ? 212 THR A CA  1 
ATOM   1380 C C   . THR A 1 212 ? 0.981   -0.481  -15.113 1.00 22.81 ? 212 THR A C   1 
ATOM   1381 O O   . THR A 1 212 ? 1.232   -0.997  -14.023 1.00 22.54 ? 212 THR A O   1 
ATOM   1382 C CB  . THR A 1 212 ? 2.518   1.487   -15.151 1.00 21.81 ? 212 THR A CB  1 
ATOM   1383 O OG1 . THR A 1 212 ? 2.573   2.916   -15.231 1.00 20.95 ? 212 THR A OG1 1 
ATOM   1384 C CG2 . THR A 1 212 ? 3.388   0.879   -16.251 1.00 22.13 ? 212 THR A CG2 1 
ATOM   1385 N N   . ASP A 1 213 ? 0.623   -1.182  -16.185 1.00 22.53 ? 213 ASP A N   1 
ATOM   1386 C CA  . ASP A 1 213 ? 0.519   -2.634  -16.159 1.00 22.83 ? 213 ASP A CA  1 
ATOM   1387 C C   . ASP A 1 213 ? 1.752   -3.260  -16.801 1.00 26.00 ? 213 ASP A C   1 
ATOM   1388 O O   . ASP A 1 213 ? 1.880   -3.268  -18.020 1.00 23.59 ? 213 ASP A O   1 
ATOM   1389 C CB  . ASP A 1 213 ? -0.753  -3.090  -16.884 1.00 23.69 ? 213 ASP A CB  1 
ATOM   1390 C CG  . ASP A 1 213 ? -1.177  -4.495  -16.498 1.00 25.63 ? 213 ASP A CG  1 
ATOM   1391 O OD1 . ASP A 1 213 ? -0.310  -5.290  -16.083 1.00 26.23 ? 213 ASP A OD1 1 
ATOM   1392 O OD2 . ASP A 1 213 ? -2.383  -4.803  -16.605 1.00 26.54 ? 213 ASP A OD2 1 
ATOM   1393 N N   . LYS A 1 214 ? 2.657   -3.783  -15.980 1.00 25.74 ? 214 LYS A N   1 
ATOM   1394 C CA  . LYS A 1 214 ? 3.892   -4.366  -16.495 1.00 26.80 ? 214 LYS A CA  1 
ATOM   1395 C C   . LYS A 1 214 ? 3.658   -5.725  -17.154 1.00 28.39 ? 214 LYS A C   1 
ATOM   1396 O O   . LYS A 1 214 ? 4.560   -6.285  -17.778 1.00 28.25 ? 214 LYS A O   1 
ATOM   1397 C CB  . LYS A 1 214 ? 4.927   -4.501  -15.377 1.00 26.09 ? 214 LYS A CB  1 
ATOM   1398 C CG  . LYS A 1 214 ? 5.270   -3.190  -14.687 1.00 26.66 ? 214 LYS A CG  1 
ATOM   1399 C CD  . LYS A 1 214 ? 5.831   -2.163  -15.661 1.00 27.25 ? 214 LYS A CD  1 
ATOM   1400 C CE  . LYS A 1 214 ? 7.158   -2.612  -16.249 1.00 31.68 ? 214 LYS A CE  1 
ATOM   1401 N NZ  . LYS A 1 214 ? 7.693   -1.617  -17.221 1.00 31.57 ? 214 LYS A NZ  1 
ATOM   1402 N N   . ARG A 1 215 ? 2.444   -6.251  -17.016 1.00 27.92 ? 215 ARG A N   1 
ATOM   1403 C CA  . ARG A 1 215 ? 2.089   -7.524  -17.634 1.00 27.89 ? 215 ARG A CA  1 
ATOM   1404 C C   . ARG A 1 215 ? 1.727   -7.335  -19.104 1.00 27.96 ? 215 ARG A C   1 
ATOM   1405 O O   . ARG A 1 215 ? 1.870   -8.253  -19.913 1.00 29.09 ? 215 ARG A O   1 
ATOM   1406 C CB  . ARG A 1 215 ? 0.919   -8.180  -16.892 1.00 25.84 ? 215 ARG A CB  1 
ATOM   1407 C CG  . ARG A 1 215 ? 1.156   -8.406  -15.406 1.00 25.64 ? 215 ARG A CG  1 
ATOM   1408 C CD  . ARG A 1 215 ? -0.133  -8.819  -14.708 1.00 26.81 ? 215 ARG A CD  1 
ATOM   1409 N NE  . ARG A 1 215 ? -1.172  -7.800  -14.837 1.00 25.79 ? 215 ARG A NE  1 
ATOM   1410 C CZ  . ARG A 1 215 ? -2.430  -7.964  -14.440 1.00 25.76 ? 215 ARG A CZ  1 
ATOM   1411 N NH1 . ARG A 1 215 ? -2.805  -9.109  -13.887 1.00 28.21 ? 215 ARG A NH1 1 
ATOM   1412 N NH2 . ARG A 1 215 ? -3.313  -6.985  -14.596 1.00 24.00 ? 215 ARG A NH2 1 
ATOM   1413 N N   . THR A 1 216 ? 1.258   -6.139  -19.447 1.00 27.77 ? 216 THR A N   1 
ATOM   1414 C CA  . THR A 1 216 ? 0.764   -5.864  -20.792 1.00 28.40 ? 216 THR A CA  1 
ATOM   1415 C C   . THR A 1 216 ? 1.319   -4.559  -21.362 1.00 28.55 ? 216 THR A C   1 
ATOM   1416 O O   . THR A 1 216 ? 1.004   -4.190  -22.494 1.00 31.51 ? 216 THR A O   1 
ATOM   1417 C CB  . THR A 1 216 ? -0.777  -5.788  -20.814 1.00 28.90 ? 216 THR A CB  1 
ATOM   1418 O OG1 . THR A 1 216 ? -1.212  -4.764  -19.911 1.00 29.80 ? 216 THR A OG1 1 
ATOM   1419 C CG2 . THR A 1 216 ? -1.398  -7.118  -20.401 1.00 27.65 ? 216 THR A CG2 1 
ATOM   1420 N N   . ASP A 1 217 ? 2.129   -3.868  -20.562 1.00 26.04 ? 217 ASP A N   1 
ATOM   1421 C CA  . ASP A 1 217 ? 2.704   -2.562  -20.907 1.00 28.50 ? 217 ASP A CA  1 
ATOM   1422 C C   . ASP A 1 217 ? 1.655   -1.450  -21.017 1.00 27.81 ? 217 ASP A C   1 
ATOM   1423 O O   . ASP A 1 217 ? 1.985   -0.322  -21.387 1.00 26.88 ? 217 ASP A O   1 
ATOM   1424 C CB  . ASP A 1 217 ? 3.513   -2.643  -22.207 1.00 29.91 ? 217 ASP A CB  1 
ATOM   1425 C CG  . ASP A 1 217 ? 4.845   -3.340  -22.019 1.00 30.80 ? 217 ASP A CG  1 
ATOM   1426 O OD1 . ASP A 1 217 ? 5.389   -3.286  -20.895 1.00 32.00 ? 217 ASP A OD1 1 
ATOM   1427 O OD2 . ASP A 1 217 ? 5.350   -3.938  -22.992 1.00 33.65 ? 217 ASP A OD2 1 
ATOM   1428 N N   . GLU A 1 218 ? 0.402   -1.762  -20.687 1.00 26.35 ? 218 GLU A N   1 
ATOM   1429 C CA  . GLU A 1 218 ? -0.650  -0.749  -20.633 1.00 25.08 ? 218 GLU A CA  1 
ATOM   1430 C C   . GLU A 1 218 ? -0.296  0.348   -19.638 1.00 24.88 ? 218 GLU A C   1 
ATOM   1431 O O   . GLU A 1 218 ? 0.332   0.087   -18.611 1.00 22.66 ? 218 GLU A O   1 
ATOM   1432 C CB  . GLU A 1 218 ? -1.995  -1.368  -20.250 1.00 27.86 ? 218 GLU A CB  1 
ATOM   1433 C CG  . GLU A 1 218 ? -2.741  -2.047  -21.386 1.00 28.98 ? 218 GLU A CG  1 
ATOM   1434 C CD  . GLU A 1 218 ? -4.032  -2.694  -20.917 1.00 31.04 ? 218 GLU A CD  1 
ATOM   1435 O OE1 . GLU A 1 218 ? -5.115  -2.220  -21.320 1.00 32.48 ? 218 GLU A OE1 1 
ATOM   1436 O OE2 . GLU A 1 218 ? -3.964  -3.677  -20.147 1.00 36.45 ? 218 GLU A OE2 1 
ATOM   1437 N N   . ALA A 1 219 ? -0.706  1.575   -19.943 1.00 21.76 ? 219 ALA A N   1 
ATOM   1438 C CA  . ALA A 1 219 ? -0.429  2.707   -19.068 1.00 23.67 ? 219 ALA A CA  1 
ATOM   1439 C C   . ALA A 1 219 ? -1.423  3.838   -19.300 1.00 22.23 ? 219 ALA A C   1 
ATOM   1440 O O   . ALA A 1 219 ? -1.913  4.025   -20.414 1.00 21.16 ? 219 ALA A O   1 
ATOM   1441 C CB  . ALA A 1 219 ? 0.996   3.203   -19.273 1.00 23.10 ? 219 ALA A CB  1 
ATOM   1442 N N   . ILE A 1 220 ? -1.715  4.586   -18.240 1.00 21.96 ? 220 ILE A N   1 
ATOM   1443 C CA  . ILE A 1 220 ? -2.657  5.697   -18.307 1.00 20.79 ? 220 ILE A CA  1 
ATOM   1444 C C   . ILE A 1 220 ? -2.420  6.654   -17.138 1.00 20.10 ? 220 ILE A C   1 
ATOM   1445 O O   . ILE A 1 220 ? -1.915  6.251   -16.091 1.00 23.04 ? 220 ILE A O   1 
ATOM   1446 C CB  . ILE A 1 220 ? -4.121  5.193   -18.301 1.00 23.19 ? 220 ILE A CB  1 
ATOM   1447 C CG1 . ILE A 1 220 ? -5.071  6.267   -18.837 1.00 22.18 ? 220 ILE A CG1 1 
ATOM   1448 C CG2 . ILE A 1 220 ? -4.535  4.721   -16.909 1.00 22.68 ? 220 ILE A CG2 1 
ATOM   1449 C CD1 . ILE A 1 220 ? -6.484  5.771   -19.053 1.00 21.19 ? 220 ILE A CD1 1 
ATOM   1450 N N   . GLU A 1 221 ? -2.764  7.924   -17.327 1.00 21.03 ? 221 GLU A N   1 
ATOM   1451 C CA  . GLU A 1 221 ? -2.640  8.915   -16.262 1.00 21.29 ? 221 GLU A CA  1 
ATOM   1452 C C   . GLU A 1 221 ? -3.887  9.781   -16.166 1.00 20.85 ? 221 GLU A C   1 
ATOM   1453 O O   . GLU A 1 221 ? -4.514  10.093  -17.179 1.00 17.92 ? 221 GLU A O   1 
ATOM   1454 C CB  . GLU A 1 221 ? -1.412  9.803   -16.480 1.00 20.07 ? 221 GLU A CB  1 
ATOM   1455 C CG  . GLU A 1 221 ? -0.082  9.106   -16.253 1.00 22.45 ? 221 GLU A CG  1 
ATOM   1456 C CD  . GLU A 1 221 ? 1.098   10.058  -16.323 1.00 23.90 ? 221 GLU A CD  1 
ATOM   1457 O OE1 . GLU A 1 221 ? 0.993   11.097  -17.011 1.00 21.09 ? 221 GLU A OE1 1 
ATOM   1458 O OE2 . GLU A 1 221 ? 2.129   9.770   -15.681 1.00 25.97 ? 221 GLU A OE2 1 
ATOM   1459 N N   . PHE A 1 222 ? -4.236  10.171  -14.943 1.00 20.43 ? 222 PHE A N   1 
ATOM   1460 C CA  . PHE A 1 222 ? -5.394  11.026  -14.702 1.00 21.42 ? 222 PHE A CA  1 
ATOM   1461 C C   . PHE A 1 222 ? -5.006  12.276  -13.917 1.00 23.75 ? 222 PHE A C   1 
ATOM   1462 O O   . PHE A 1 222 ? -4.197  12.210  -12.988 1.00 21.52 ? 222 PHE A O   1 
ATOM   1463 C CB  . PHE A 1 222 ? -6.481  10.260  -13.946 1.00 21.09 ? 222 PHE A CB  1 
ATOM   1464 C CG  . PHE A 1 222 ? -6.837  8.939   -14.567 1.00 21.85 ? 222 PHE A CG  1 
ATOM   1465 C CD1 . PHE A 1 222 ? -7.613  8.884   -15.713 1.00 22.18 ? 222 PHE A CD1 1 
ATOM   1466 C CD2 . PHE A 1 222 ? -6.409  7.751   -13.995 1.00 22.48 ? 222 PHE A CD2 1 
ATOM   1467 C CE1 . PHE A 1 222 ? -7.947  7.669   -16.282 1.00 23.55 ? 222 PHE A CE1 1 
ATOM   1468 C CE2 . PHE A 1 222 ? -6.739  6.535   -14.562 1.00 22.62 ? 222 PHE A CE2 1 
ATOM   1469 C CZ  . PHE A 1 222 ? -7.510  6.494   -15.705 1.00 23.12 ? 222 PHE A CZ  1 
ATOM   1470 N N   . HIS A 1 223 ? -5.591  13.411  -14.287 1.00 21.51 ? 223 HIS A N   1 
ATOM   1471 C CA  . HIS A 1 223 ? -5.314  14.673  -13.609 1.00 23.78 ? 223 HIS A CA  1 
ATOM   1472 C C   . HIS A 1 223 ? -6.409  15.694  -13.901 1.00 24.39 ? 223 HIS A C   1 
ATOM   1473 O O   . HIS A 1 223 ? -6.659  16.030  -15.058 1.00 25.20 ? 223 HIS A O   1 
ATOM   1474 C CB  . HIS A 1 223 ? -3.954  15.230  -14.035 1.00 22.78 ? 223 HIS A CB  1 
ATOM   1475 C CG  . HIS A 1 223 ? -3.514  16.422  -13.243 1.00 24.60 ? 223 HIS A CG  1 
ATOM   1476 N ND1 . HIS A 1 223 ? -2.550  16.346  -12.259 1.00 23.49 ? 223 HIS A ND1 1 
ATOM   1477 C CD2 . HIS A 1 223 ? -3.907  17.717  -13.286 1.00 24.84 ? 223 HIS A CD2 1 
ATOM   1478 C CE1 . HIS A 1 223 ? -2.368  17.543  -11.733 1.00 24.41 ? 223 HIS A CE1 1 
ATOM   1479 N NE2 . HIS A 1 223 ? -3.180  18.394  -12.336 1.00 24.82 ? 223 HIS A NE2 1 
ATOM   1480 N N   . TYR A 1 224 ? -7.057  16.190  -12.854 1.00 25.21 ? 224 TYR A N   1 
ATOM   1481 C CA  . TYR A 1 224 ? -8.144  17.151  -13.021 1.00 28.64 ? 224 TYR A CA  1 
ATOM   1482 C C   . TYR A 1 224 ? -7.850  18.488  -12.350 1.00 30.25 ? 224 TYR A C   1 
ATOM   1483 O O   . TYR A 1 224 ? -7.576  18.550  -11.152 1.00 30.04 ? 224 TYR A O   1 
ATOM   1484 C CB  . TYR A 1 224 ? -9.447  16.573  -12.478 1.00 24.93 ? 224 TYR A CB  1 
ATOM   1485 C CG  . TYR A 1 224 ? -9.960  15.393  -13.277 1.00 25.88 ? 224 TYR A CG  1 
ATOM   1486 C CD1 . TYR A 1 224 ? -9.569  14.096  -12.969 1.00 24.61 ? 224 TYR A CD1 1 
ATOM   1487 C CD2 . TYR A 1 224 ? -10.830 15.579  -14.344 1.00 23.75 ? 224 TYR A CD2 1 
ATOM   1488 C CE1 . TYR A 1 224 ? -10.032 13.017  -13.695 1.00 23.66 ? 224 TYR A CE1 1 
ATOM   1489 C CE2 . TYR A 1 224 ? -11.299 14.507  -15.076 1.00 25.17 ? 224 TYR A CE2 1 
ATOM   1490 C CZ  . TYR A 1 224 ? -10.897 13.230  -14.747 1.00 23.96 ? 224 TYR A CZ  1 
ATOM   1491 O OH  . TYR A 1 224 ? -11.367 12.166  -15.478 1.00 24.21 ? 224 TYR A OH  1 
ATOM   1492 N N   . GLU A 1 225 ? -7.914  19.555  -13.139 1.00 37.12 ? 225 GLU A N   1 
ATOM   1493 C CA  . GLU A 1 225 ? -7.669  20.910  -12.658 1.00 40.98 ? 225 GLU A CA  1 
ATOM   1494 C C   . GLU A 1 225 ? -8.944  21.512  -12.074 1.00 43.60 ? 225 GLU A C   1 
ATOM   1495 O O   . GLU A 1 225 ? -10.030 20.949  -12.227 1.00 45.40 ? 225 GLU A O   1 
ATOM   1496 C CB  . GLU A 1 225 ? -7.155  21.791  -13.793 1.00 46.70 ? 225 GLU A CB  1 
ATOM   1497 C CG  . GLU A 1 225 ? -5.640  21.900  -13.873 1.00 48.24 ? 225 GLU A CG  1 
ATOM   1498 C CD  . GLU A 1 225 ? -5.158  22.141  -15.292 1.00 60.74 ? 225 GLU A CD  1 
ATOM   1499 O OE1 . GLU A 1 225 ? -5.980  22.024  -16.226 1.00 59.72 ? 225 GLU A OE1 1 
ATOM   1500 O OE2 . GLU A 1 225 ? -3.960  22.451  -15.474 1.00 64.52 ? 225 GLU A OE2 1 
ATOM   1501 N N   . ASN A 1 226 ? -8.815  22.651  -11.400 1.00 44.86 ? 226 ASN A N   1 
ATOM   1502 C CA  . ASN A 1 226 ? -9.976  23.360  -10.871 1.00 45.59 ? 226 ASN A CA  1 
ATOM   1503 C C   . ASN A 1 226 ? -9.688  24.845  -10.667 1.00 46.06 ? 226 ASN A C   1 
ATOM   1504 O O   . ASN A 1 226 ? -8.667  25.357  -11.125 1.00 47.86 ? 226 ASN A O   1 
ATOM   1505 C CB  . ASN A 1 226 ? -10.442 22.731  -9.555  1.00 43.47 ? 226 ASN A CB  1 
ATOM   1506 C CG  . ASN A 1 226 ? -9.494  23.010  -8.403  1.00 44.31 ? 226 ASN A CG  1 
ATOM   1507 O OD1 . ASN A 1 226 ? -8.296  23.213  -8.601  1.00 47.19 ? 226 ASN A OD1 1 
ATOM   1508 N ND2 . ASN A 1 226 ? -10.030 23.021  -7.188  1.00 42.12 ? 226 ASN A ND2 1 
HETATM 1509 C CAD . TTJ B 2 .   ? 1.428   10.576  9.306   1.00 34.70 ? 301 TTJ A CAD 1 
HETATM 1510 O OAC . TTJ B 2 .   ? 1.589   11.748  10.135  1.00 40.91 ? 301 TTJ A OAC 1 
HETATM 1511 C CAT . TTJ B 2 .   ? 2.963   12.175  10.130  1.00 34.85 ? 301 TTJ A CAT 1 
HETATM 1512 C CAB . TTJ B 2 .   ? 3.370   12.517  8.709   1.00 33.69 ? 301 TTJ A CAB 1 
HETATM 1513 O OAA . TTJ B 2 .   ? 3.208   11.360  7.876   0.41 30.69 ? 301 TTJ A OAA 1 
HETATM 1514 C CAS . TTJ B 2 .   ? 1.839   10.910  7.881   1.00 31.62 ? 301 TTJ A CAS 1 
HETATM 1515 C CAQ . TTJ B 2 .   ? 1.724   9.673   6.983   1.00 30.05 ? 301 TTJ A CAQ 1 
HETATM 1516 O OAR . TTJ B 2 .   ? 1.870   8.545   7.451   1.00 29.55 ? 301 TTJ A OAR 1 
HETATM 1517 N NAP . TTJ B 2 .   ? 1.483   9.973   5.690   1.00 29.76 ? 301 TTJ A NAP 1 
HETATM 1518 C CAN . TTJ B 2 .   ? 1.383   9.043   4.731   1.00 27.28 ? 301 TTJ A CAN 1 
HETATM 1519 C CAO . TTJ B 2 .   ? 1.131   7.736   4.846   1.00 26.66 ? 301 TTJ A CAO 1 
HETATM 1520 N NAM . TTJ B 2 .   ? 1.538   9.358   3.448   0.71 26.09 ? 301 TTJ A NAM 1 
HETATM 1521 N NAL . TTJ B 2 .   ? 1.386   8.239   2.733   0.74 25.42 ? 301 TTJ A NAL 1 
HETATM 1522 C CAK . TTJ B 2 .   ? 1.137   7.265   3.599   1.00 27.37 ? 301 TTJ A CAK 1 
HETATM 1523 C CAJ . TTJ B 2 .   ? 0.940   6.005   3.220   1.00 27.06 ? 301 TTJ A CAJ 1 
HETATM 1524 C CAE . TTJ B 2 .   ? 0.741   4.989   4.148   1.00 28.83 ? 301 TTJ A CAE 1 
HETATM 1525 C CAF . TTJ B 2 .   ? 0.544   3.684   3.705   1.00 30.37 ? 301 TTJ A CAF 1 
HETATM 1526 C CAU . TTJ B 2 .   ? 0.342   2.662   4.622   1.00 30.94 ? 301 TTJ A CAU 1 
HETATM 1527 C CAG . TTJ B 2 .   ? 0.548   3.392   2.344   1.00 27.41 ? 301 TTJ A CAG 1 
HETATM 1528 C CAH . TTJ B 2 .   ? 0.750   4.409   1.419   1.00 27.32 ? 301 TTJ A CAH 1 
HETATM 1529 C CAV . TTJ B 2 .   ? 0.757   4.123   0.060   1.00 24.52 ? 301 TTJ A CAV 1 
HETATM 1530 C CAI . TTJ B 2 .   ? 0.947   5.711   1.860   1.00 26.33 ? 301 TTJ A CAI 1 
HETATM 1531 O O   . HOH C 3 .   ? -5.321  2.538   -20.247 1.00 23.75 ? 401 HOH A O   1 
HETATM 1532 O O   . HOH C 3 .   ? 12.799  15.152  3.532   1.00 26.95 ? 402 HOH A O   1 
HETATM 1533 O O   . HOH C 3 .   ? 16.421  -9.518  8.923   1.00 24.68 ? 403 HOH A O   1 
HETATM 1534 O O   . HOH C 3 .   ? 2.081   4.174   -12.761 1.00 21.59 ? 404 HOH A O   1 
HETATM 1535 O O   . HOH C 3 .   ? 9.258   13.302  -3.906  1.00 25.61 ? 405 HOH A O   1 
HETATM 1536 O O   . HOH C 3 .   ? 14.937  12.630  1.656   1.00 26.06 ? 406 HOH A O   1 
HETATM 1537 O O   . HOH C 3 .   ? 3.888   2.576   -8.801  1.00 19.81 ? 407 HOH A O   1 
HETATM 1538 O O   . HOH C 3 .   ? -9.134  -17.643 5.835   1.00 24.64 ? 408 HOH A O   1 
HETATM 1539 O O   . HOH C 3 .   ? 3.937   9.494   2.318   1.00 24.35 ? 409 HOH A O   1 
HETATM 1540 O O   . HOH C 3 .   ? -1.782  -11.289 -12.750 1.00 31.35 ? 410 HOH A O   1 
HETATM 1541 O O   . HOH C 3 .   ? 11.585  2.230   21.607  1.00 29.30 ? 411 HOH A O   1 
HETATM 1542 O O   . HOH C 3 .   ? 1.925   12.046  -3.674  1.00 17.95 ? 412 HOH A O   1 
HETATM 1543 O O   . HOH C 3 .   ? -6.608  15.205  -10.183 1.00 23.31 ? 413 HOH A O   1 
HETATM 1544 O O   . HOH C 3 .   ? 7.325   -5.924  -13.163 1.00 28.30 ? 414 HOH A O   1 
HETATM 1545 O O   . HOH C 3 .   ? 9.838   5.871   -0.443  1.00 21.50 ? 415 HOH A O   1 
HETATM 1546 O O   . HOH C 3 .   ? -12.749 -15.636 -8.270  1.00 25.87 ? 416 HOH A O   1 
HETATM 1547 O O   . HOH C 3 .   ? -6.112  -6.573  -16.311 1.00 23.39 ? 417 HOH A O   1 
HETATM 1548 O O   . HOH C 3 .   ? 17.381  7.710   -3.769  1.00 22.11 ? 418 HOH A O   1 
HETATM 1549 O O   . HOH C 3 .   ? -13.041 -17.978 7.760   1.00 28.38 ? 419 HOH A O   1 
HETATM 1550 O O   . HOH C 3 .   ? 0.642   -15.816 -2.669  1.00 26.87 ? 420 HOH A O   1 
HETATM 1551 O O   . HOH C 3 .   ? 3.075   -10.218 4.376   1.00 20.74 ? 421 HOH A O   1 
HETATM 1552 O O   . HOH C 3 .   ? -2.001  -9.664  -10.324 1.00 28.15 ? 422 HOH A O   1 
HETATM 1553 O O   . HOH C 3 .   ? 16.701  -6.083  9.820   1.00 27.13 ? 423 HOH A O   1 
HETATM 1554 O O   . HOH C 3 .   ? 7.610   -8.131  -11.329 1.00 26.07 ? 424 HOH A O   1 
HETATM 1555 O O   . HOH C 3 .   ? 0.201   11.770  -1.578  1.00 20.54 ? 425 HOH A O   1 
HETATM 1556 O O   . HOH C 3 .   ? -3.606  9.922   -20.007 1.00 21.22 ? 426 HOH A O   1 
HETATM 1557 O O   . HOH C 3 .   ? -10.801 4.471   -16.518 1.00 29.50 ? 427 HOH A O   1 
HETATM 1558 O O   . HOH C 3 .   ? 1.172   5.341   -16.345 1.00 22.10 ? 428 HOH A O   1 
# 
loop_
_pdbx_poly_seq_scheme.asym_id 
_pdbx_poly_seq_scheme.entity_id 
_pdbx_poly_seq_scheme.seq_id 
_pdbx_poly_seq_scheme.mon_id 
_pdbx_poly_seq_scheme.ndb_seq_num 
_pdbx_poly_seq_scheme.pdb_seq_num 
_pdbx_poly_seq_scheme.auth_seq_num 
_pdbx_poly_seq_scheme.pdb_mon_id 
_pdbx_poly_seq_scheme.auth_mon_id 
_pdbx_poly_seq_scheme.pdb_strand_id 
_pdbx_poly_seq_scheme.pdb_ins_code 
_pdbx_poly_seq_scheme.hetero 
A 1 1   MET 1   1   ?   ?   ?   A . n 
A 1 2   SER 2   2   ?   ?   ?   A . n 
A 1 3   LYS 3   3   ?   ?   ?   A . n 
A 1 4   LYS 4   4   ?   ?   ?   A . n 
A 1 5   GLU 5   5   ?   ?   ?   A . n 
A 1 6   ILE 6   6   ?   ?   ?   A . n 
A 1 7   ASN 7   7   ?   ?   ?   A . n 
A 1 8   ILE 8   8   ?   ?   ?   A . n 
A 1 9   ASN 9   9   ?   ?   ?   A . n 
A 1 10  ASN 10  10  ?   ?   ?   A . n 
A 1 11  TYR 11  11  ?   ?   ?   A . n 
A 1 12  ASN 12  12  ?   ?   ?   A . n 
A 1 13  ASP 13  13  ?   ?   ?   A . n 
A 1 14  ASP 14  14  ?   ?   ?   A . n 
A 1 15  ALA 15  15  ?   ?   ?   A . n 
A 1 16  ILE 16  16  ?   ?   ?   A . n 
A 1 17  GLN 17  17  17  GLN ALA A . n 
A 1 18  VAL 18  18  18  VAL VAL A . n 
A 1 19  LEU 19  19  19  LEU LEU A . n 
A 1 20  GLU 20  20  20  GLU GLU A . n 
A 1 21  GLY 21  21  21  GLY GLY A . n 
A 1 22  LEU 22  22  22  LEU LEU A . n 
A 1 23  ASP 23  23  23  ASP ASP A . n 
A 1 24  ALA 24  24  24  ALA ALA A . n 
A 1 25  VAL 25  25  25  VAL VAL A . n 
A 1 26  ARG 26  26  26  ARG ARG A . n 
A 1 27  LYS 27  27  27  LYS LYS A . n 
A 1 28  ARG 28  28  28  ARG ARG A . n 
A 1 29  PRO 29  29  29  PRO PRO A . n 
A 1 30  GLY 30  30  30  GLY GLY A . n 
A 1 31  MET 31  31  31  MET MET A . n 
A 1 32  TYR 32  32  32  TYR TYR A . n 
A 1 33  ILE 33  33  33  ILE ILE A . n 
A 1 34  GLY 34  34  34  GLY GLY A . n 
A 1 35  SER 35  35  35  SER SER A . n 
A 1 36  THR 36  36  36  THR THR A . n 
A 1 37  ASP 37  37  37  ASP ASP A . n 
A 1 38  GLY 38  38  38  GLY GLY A . n 
A 1 39  ALA 39  39  39  ALA ALA A . n 
A 1 40  GLY 40  40  40  GLY GLY A . n 
A 1 41  LEU 41  41  41  LEU LEU A . n 
A 1 42  HIS 42  42  42  HIS HIS A . n 
A 1 43  HIS 43  43  43  HIS HIS A . n 
A 1 44  LEU 44  44  44  LEU LEU A . n 
A 1 45  VAL 45  45  45  VAL VAL A . n 
A 1 46  TRP 46  46  46  TRP TRP A . n 
A 1 47  GLU 47  47  47  GLU GLU A . n 
A 1 48  ILE 48  48  48  ILE ILE A . n 
A 1 49  VAL 49  49  49  VAL VAL A . n 
A 1 50  ASP 50  50  50  ASP ASP A . n 
A 1 51  ASN 51  51  51  ASN ASN A . n 
A 1 52  ALA 52  52  52  ALA ALA A . n 
A 1 53  VAL 53  53  53  VAL VAL A . n 
A 1 54  ASP 54  54  54  ASP ASP A . n 
A 1 55  GLU 55  55  55  GLU GLU A . n 
A 1 56  ALA 56  56  56  ALA ALA A . n 
A 1 57  LEU 57  57  57  LEU LEU A . n 
A 1 58  SER 58  58  58  SER SER A . n 
A 1 59  GLY 59  59  59  GLY GLY A . n 
A 1 60  PHE 60  60  60  PHE PHE A . n 
A 1 61  GLY 61  61  61  GLY GLY A . n 
A 1 62  ASP 62  62  62  ASP ASP A . n 
A 1 63  ARG 63  63  63  ARG ARG A . n 
A 1 64  ILE 64  64  64  ILE ILE A . n 
A 1 65  ASP 65  65  65  ASP ASP A . n 
A 1 66  VAL 66  66  66  VAL VAL A . n 
A 1 67  THR 67  67  67  THR THR A . n 
A 1 68  ILE 68  68  68  ILE ILE A . n 
A 1 69  ASN 69  69  69  ASN ASN A . n 
A 1 70  LYS 70  70  70  LYS LYS A . n 
A 1 71  ASP 71  71  71  ASP ASP A . n 
A 1 72  GLY 72  72  72  GLY GLY A . n 
A 1 73  SER 73  73  73  SER SER A . n 
A 1 74  LEU 74  74  74  LEU LEU A . n 
A 1 75  THR 75  75  75  THR THR A . n 
A 1 76  VAL 76  76  76  VAL VAL A . n 
A 1 77  GLN 77  77  77  GLN GLN A . n 
A 1 78  ASP 78  78  78  ASP ASP A . n 
A 1 79  HIS 79  79  79  HIS HIS A . n 
A 1 80  GLY 80  80  80  GLY GLY A . n 
A 1 81  ARG 81  81  81  ARG ARG A . n 
A 1 82  GLY 82  82  82  GLY GLY A . n 
A 1 83  MET 83  83  83  MET MET A . n 
A 1 84  PRO 84  84  84  PRO PRO A . n 
A 1 85  THR 85  85  85  THR THR A . n 
A 1 86  GLY 86  86  86  GLY GLY A . n 
A 1 87  MET 87  87  87  MET MET A . n 
A 1 88  HIS 88  88  88  HIS HIS A . n 
A 1 89  ALA 89  89  89  ALA ALA A . n 
A 1 90  MET 90  90  90  MET MET A . n 
A 1 91  GLY 91  91  91  GLY GLY A . n 
A 1 92  ILE 92  92  92  ILE ILE A . n 
A 1 93  PRO 93  93  93  PRO PRO A . n 
A 1 94  THR 94  94  94  THR THR A . n 
A 1 95  VAL 95  95  95  VAL VAL A . n 
A 1 96  GLU 96  96  96  GLU GLU A . n 
A 1 97  VAL 97  97  97  VAL VAL A . n 
A 1 98  ILE 98  98  98  ILE ILE A . n 
A 1 99  PHE 99  99  99  PHE PHE A . n 
A 1 100 THR 100 100 100 THR THR A . n 
A 1 101 ILE 101 101 101 ILE ILE A . n 
A 1 102 LEU 102 102 102 LEU LEU A . n 
A 1 103 HIS 103 103 103 HIS HIS A . n 
A 1 104 ALA 104 104 104 ALA ALA A . n 
A 1 105 GLY 105 105 ?   ?   ?   A . n 
A 1 106 GLY 106 106 ?   ?   ?   A . n 
A 1 107 LYS 107 107 ?   ?   ?   A . n 
A 1 108 PHE 108 108 ?   ?   ?   A . n 
A 1 109 GLY 109 109 ?   ?   ?   A . n 
A 1 110 GLN 110 110 ?   ?   ?   A . n 
A 1 111 GLY 111 111 ?   ?   ?   A . n 
A 1 112 GLY 112 112 ?   ?   ?   A . n 
A 1 113 TYR 113 113 ?   ?   ?   A . n 
A 1 114 LYS 114 114 ?   ?   ?   A . n 
A 1 115 THR 115 115 ?   ?   ?   A . n 
A 1 116 SER 116 116 ?   ?   ?   A . n 
A 1 117 GLY 117 117 ?   ?   ?   A . n 
A 1 118 GLY 118 118 ?   ?   ?   A . n 
A 1 119 LEU 119 119 ?   ?   ?   A . n 
A 1 120 HIS 120 120 ?   ?   ?   A . n 
A 1 121 GLY 121 121 ?   ?   ?   A . n 
A 1 122 VAL 122 122 ?   ?   ?   A . n 
A 1 123 GLY 123 123 123 GLY GLY A . n 
A 1 124 SER 124 124 124 SER SER A . n 
A 1 125 SER 125 125 125 SER SER A . n 
A 1 126 VAL 126 126 126 VAL VAL A . n 
A 1 127 VAL 127 127 127 VAL VAL A . n 
A 1 128 ASN 128 128 128 ASN ASN A . n 
A 1 129 ALA 129 129 129 ALA ALA A . n 
A 1 130 LEU 130 130 130 LEU LEU A . n 
A 1 131 SER 131 131 131 SER SER A . n 
A 1 132 SER 132 132 132 SER SER A . n 
A 1 133 TRP 133 133 133 TRP TRP A . n 
A 1 134 LEU 134 134 134 LEU LEU A . n 
A 1 135 GLU 135 135 135 GLU GLU A . n 
A 1 136 VAL 136 136 136 VAL VAL A . n 
A 1 137 GLU 137 137 137 GLU GLU A . n 
A 1 138 ILE 138 138 138 ILE ILE A . n 
A 1 139 THR 139 139 139 THR THR A . n 
A 1 140 ARG 140 140 140 ARG ARG A . n 
A 1 141 ASP 141 141 141 ASP ASP A . n 
A 1 142 GLY 142 142 142 GLY GLY A . n 
A 1 143 ALA 143 143 143 ALA ALA A . n 
A 1 144 VAL 144 144 144 VAL VAL A . n 
A 1 145 TYR 145 145 145 TYR TYR A . n 
A 1 146 LYS 146 146 146 LYS LYS A . n 
A 1 147 GLN 147 147 147 GLN GLN A . n 
A 1 148 ARG 148 148 148 ARG ARG A . n 
A 1 149 PHE 149 149 149 PHE PHE A . n 
A 1 150 GLU 150 150 150 GLU GLU A . n 
A 1 151 ASN 151 151 151 ASN ASN A . n 
A 1 152 GLY 152 152 152 GLY GLY A . n 
A 1 153 GLY 153 153 153 GLY GLY A . n 
A 1 154 LYS 154 154 154 LYS LYS A . n 
A 1 155 PRO 155 155 155 PRO PRO A . n 
A 1 156 VAL 156 156 156 VAL VAL A . n 
A 1 157 THR 157 157 157 THR THR A . n 
A 1 158 THR 158 158 158 THR THR A . n 
A 1 159 LEU 159 159 159 LEU LEU A . n 
A 1 160 LYS 160 160 160 LYS LYS A . n 
A 1 161 LYS 161 161 161 LYS LYS A . n 
A 1 162 ILE 162 162 162 ILE ILE A . n 
A 1 163 GLY 163 163 163 GLY GLY A . n 
A 1 164 THR 164 164 164 THR THR A . n 
A 1 165 ALA 165 165 165 ALA ALA A . n 
A 1 166 LEU 166 166 166 LEU LEU A . n 
A 1 167 LYS 167 167 167 LYS LYS A . n 
A 1 168 SER 168 168 168 SER SER A . n 
A 1 169 LYS 169 169 169 LYS LYS A . n 
A 1 170 THR 170 170 170 THR THR A . n 
A 1 171 GLY 171 171 171 GLY GLY A . n 
A 1 172 THR 172 172 172 THR THR A . n 
A 1 173 LYS 173 173 173 LYS LYS A . n 
A 1 174 VAL 174 174 174 VAL VAL A . n 
A 1 175 THR 175 175 175 THR THR A . n 
A 1 176 PHE 176 176 176 PHE PHE A . n 
A 1 177 MET 177 177 177 MET MET A . n 
A 1 178 PRO 178 178 178 PRO PRO A . n 
A 1 179 ASP 179 179 179 ASP ASP A . n 
A 1 180 ALA 180 180 180 ALA ALA A . n 
A 1 181 THR 181 181 181 THR THR A . n 
A 1 182 ILE 182 182 182 ILE ILE A . n 
A 1 183 PHE 183 183 183 PHE PHE A . n 
A 1 184 SER 184 184 184 SER SER A . n 
A 1 185 THR 185 185 185 THR THR A . n 
A 1 186 THR 186 186 186 THR THR A . n 
A 1 187 ASP 187 187 187 ASP ASP A . n 
A 1 188 PHE 188 188 188 PHE PHE A . n 
A 1 189 LYS 189 189 189 LYS LYS A . n 
A 1 190 TYR 190 190 190 TYR TYR A . n 
A 1 191 ASN 191 191 191 ASN ASN A . n 
A 1 192 THR 192 192 192 THR THR A . n 
A 1 193 ILE 193 193 193 ILE ILE A . n 
A 1 194 SER 194 194 194 SER SER A . n 
A 1 195 GLU 195 195 195 GLU GLU A . n 
A 1 196 ARG 196 196 196 ARG ARG A . n 
A 1 197 LEU 197 197 197 LEU LEU A . n 
A 1 198 ASN 198 198 198 ASN ASN A . n 
A 1 199 GLU 199 199 199 GLU GLU A . n 
A 1 200 SER 200 200 200 SER SER A . n 
A 1 201 ALA 201 201 201 ALA ALA A . n 
A 1 202 PHE 202 202 202 PHE PHE A . n 
A 1 203 LEU 203 203 203 LEU LEU A . n 
A 1 204 LEU 204 204 204 LEU LEU A . n 
A 1 205 LYS 205 205 205 LYS LYS A . n 
A 1 206 ASN 206 206 206 ASN ASN A . n 
A 1 207 VAL 207 207 207 VAL VAL A . n 
A 1 208 THR 208 208 208 THR THR A . n 
A 1 209 LEU 209 209 209 LEU LEU A . n 
A 1 210 SER 210 210 210 SER SER A . n 
A 1 211 LEU 211 211 211 LEU LEU A . n 
A 1 212 THR 212 212 212 THR THR A . n 
A 1 213 ASP 213 213 213 ASP ASP A . n 
A 1 214 LYS 214 214 214 LYS LYS A . n 
A 1 215 ARG 215 215 215 ARG ARG A . n 
A 1 216 THR 216 216 216 THR THR A . n 
A 1 217 ASP 217 217 217 ASP ASP A . n 
A 1 218 GLU 218 218 218 GLU GLU A . n 
A 1 219 ALA 219 219 219 ALA ALA A . n 
A 1 220 ILE 220 220 220 ILE ILE A . n 
A 1 221 GLU 221 221 221 GLU GLU A . n 
A 1 222 PHE 222 222 222 PHE PHE A . n 
A 1 223 HIS 223 223 223 HIS HIS A . n 
A 1 224 TYR 224 224 224 TYR TYR A . n 
A 1 225 GLU 225 225 225 GLU GLU A . n 
A 1 226 ASN 226 226 226 ASN ASN A . n 
# 
loop_
_pdbx_nonpoly_scheme.asym_id 
_pdbx_nonpoly_scheme.entity_id 
_pdbx_nonpoly_scheme.mon_id 
_pdbx_nonpoly_scheme.ndb_seq_num 
_pdbx_nonpoly_scheme.pdb_seq_num 
_pdbx_nonpoly_scheme.auth_seq_num 
_pdbx_nonpoly_scheme.pdb_mon_id 
_pdbx_nonpoly_scheme.auth_mon_id 
_pdbx_nonpoly_scheme.pdb_strand_id 
_pdbx_nonpoly_scheme.pdb_ins_code 
B 2 TTJ 1  301 1  TTJ UNK A . 
C 3 HOH 1  401 23 HOH HOH A . 
C 3 HOH 2  402 19 HOH HOH A . 
C 3 HOH 3  403 15 HOH HOH A . 
C 3 HOH 4  404 11 HOH HOH A . 
C 3 HOH 5  405 30 HOH HOH A . 
C 3 HOH 6  406 3  HOH HOH A . 
C 3 HOH 7  407 4  HOH HOH A . 
C 3 HOH 8  408 21 HOH HOH A . 
C 3 HOH 9  409 1  HOH HOH A . 
C 3 HOH 10 410 14 HOH HOH A . 
C 3 HOH 11 411 28 HOH HOH A . 
C 3 HOH 12 412 1  HOH HOH A . 
C 3 HOH 13 413 2  HOH HOH A . 
C 3 HOH 14 414 22 HOH HOH A . 
C 3 HOH 15 415 16 HOH HOH A . 
C 3 HOH 16 416 8  HOH HOH A . 
C 3 HOH 17 417 6  HOH HOH A . 
C 3 HOH 18 418 17 HOH HOH A . 
C 3 HOH 19 419 24 HOH HOH A . 
C 3 HOH 20 420 27 HOH HOH A . 
C 3 HOH 21 421 7  HOH HOH A . 
C 3 HOH 22 422 26 HOH HOH A . 
C 3 HOH 23 423 32 HOH HOH A . 
C 3 HOH 24 424 12 HOH HOH A . 
C 3 HOH 25 425 18 HOH HOH A . 
C 3 HOH 26 426 10 HOH HOH A . 
C 3 HOH 27 427 29 HOH HOH A . 
C 3 HOH 28 428 9  HOH HOH A . 
# 
_pdbx_struct_assembly.id                   1 
_pdbx_struct_assembly.details              author_defined_assembly 
_pdbx_struct_assembly.method_details       ? 
_pdbx_struct_assembly.oligomeric_details   monomeric 
_pdbx_struct_assembly.oligomeric_count     1 
# 
_pdbx_struct_assembly_gen.assembly_id       1 
_pdbx_struct_assembly_gen.oper_expression   1 
_pdbx_struct_assembly_gen.asym_id_list      A,B,C 
# 
loop_
_pdbx_struct_assembly_prop.biol_id 
_pdbx_struct_assembly_prop.type 
_pdbx_struct_assembly_prop.value 
_pdbx_struct_assembly_prop.details 
1 'ABSA (A^2)' 0    ? 
1 MORE         0    ? 
1 'SSA (A^2)'  9420 ? 
# 
_pdbx_struct_oper_list.id                   1 
_pdbx_struct_oper_list.type                 'identity operation' 
_pdbx_struct_oper_list.name                 1_555 
_pdbx_struct_oper_list.symmetry_operation   x,y,z 
_pdbx_struct_oper_list.matrix[1][1]         1.0000000000 
_pdbx_struct_oper_list.matrix[1][2]         0.0000000000 
_pdbx_struct_oper_list.matrix[1][3]         0.0000000000 
_pdbx_struct_oper_list.vector[1]            0.0000000000 
_pdbx_struct_oper_list.matrix[2][1]         0.0000000000 
_pdbx_struct_oper_list.matrix[2][2]         1.0000000000 
_pdbx_struct_oper_list.matrix[2][3]         0.0000000000 
_pdbx_struct_oper_list.vector[2]            0.0000000000 
_pdbx_struct_oper_list.matrix[3][1]         0.0000000000 
_pdbx_struct_oper_list.matrix[3][2]         0.0000000000 
_pdbx_struct_oper_list.matrix[3][3]         1.0000000000 
_pdbx_struct_oper_list.vector[3]            0.0000000000 
# 
loop_
_pdbx_audit_revision_history.ordinal 
_pdbx_audit_revision_history.data_content_type 
_pdbx_audit_revision_history.major_revision 
_pdbx_audit_revision_history.minor_revision 
_pdbx_audit_revision_history.revision_date 
1 'Structure model' 1 0 2015-06-17 
2 'Structure model' 1 1 2023-11-08 
# 
_pdbx_audit_revision_details.ordinal             1 
_pdbx_audit_revision_details.revision_ordinal    1 
_pdbx_audit_revision_details.data_content_type   'Structure model' 
_pdbx_audit_revision_details.provider            repository 
_pdbx_audit_revision_details.type                'Initial release' 
_pdbx_audit_revision_details.description         ? 
_pdbx_audit_revision_details.details             ? 
# 
loop_
_pdbx_audit_revision_group.ordinal 
_pdbx_audit_revision_group.revision_ordinal 
_pdbx_audit_revision_group.data_content_type 
_pdbx_audit_revision_group.group 
1 2 'Structure model' 'Data collection'        
2 2 'Structure model' 'Database references'    
3 2 'Structure model' 'Derived calculations'   
4 2 'Structure model' 'Refinement description' 
5 2 'Structure model' 'Source and taxonomy'    
# 
loop_
_pdbx_audit_revision_category.ordinal 
_pdbx_audit_revision_category.revision_ordinal 
_pdbx_audit_revision_category.data_content_type 
_pdbx_audit_revision_category.category 
1 2 'Structure model' chem_comp_atom                
2 2 'Structure model' chem_comp_bond                
3 2 'Structure model' database_2                    
4 2 'Structure model' entity_src_gen                
5 2 'Structure model' pdbx_initial_refinement_model 
6 2 'Structure model' pdbx_prerelease_seq           
7 2 'Structure model' pdbx_struct_oper_list         
# 
loop_
_pdbx_audit_revision_item.ordinal 
_pdbx_audit_revision_item.revision_ordinal 
_pdbx_audit_revision_item.data_content_type 
_pdbx_audit_revision_item.item 
1 2 'Structure model' '_database_2.pdbx_DOI'                      
2 2 'Structure model' '_database_2.pdbx_database_accession'       
3 2 'Structure model' '_entity_src_gen.pdbx_alt_source_flag'      
4 2 'Structure model' '_pdbx_struct_oper_list.symmetry_operation' 
# 
loop_
_software.citation_id 
_software.classification 
_software.compiler_name 
_software.compiler_version 
_software.contact_author 
_software.contact_author_email 
_software.date 
_software.description 
_software.dependencies 
_software.hardware 
_software.language 
_software.location 
_software.mods 
_software.name 
_software.os 
_software.os_version 
_software.type 
_software.version 
_software.pdbx_ordinal 
? 'data scaling'    ? ? ? ? ? ? ? ? ? ? ? SAINT       ? ? ? V8.30C                      1 
? 'data processing' ? ? ? ? ? ? ? ? ? ? ? PHASER      ? ? ? 2.5.6                       2 
? refinement        ? ? ? ? ? ? ? ? ? ? ? PHENIX      ? ? ? '(phenix.refine: 1.9_1692)' 3 
? 'data extraction' ? ? ? ? ? ? ? ? ? ? ? PDB_EXTRACT ? ? ? 3.15                        4 
# 
loop_
_pdbx_validate_torsion.id 
_pdbx_validate_torsion.PDB_model_num 
_pdbx_validate_torsion.auth_comp_id 
_pdbx_validate_torsion.auth_asym_id 
_pdbx_validate_torsion.auth_seq_id 
_pdbx_validate_torsion.PDB_ins_code 
_pdbx_validate_torsion.label_alt_id 
_pdbx_validate_torsion.phi 
_pdbx_validate_torsion.psi 
1 1 ARG A 28  ? ? -141.28 59.83   
2 1 ASP A 37  ? ? -100.59 -151.52 
3 1 HIS A 88  ? ? -87.68  -137.43 
4 1 LYS A 205 ? ? 67.73   138.91  
# 
loop_
_pdbx_unobs_or_zero_occ_atoms.id 
_pdbx_unobs_or_zero_occ_atoms.PDB_model_num 
_pdbx_unobs_or_zero_occ_atoms.polymer_flag 
_pdbx_unobs_or_zero_occ_atoms.occupancy_flag 
_pdbx_unobs_or_zero_occ_atoms.auth_asym_id 
_pdbx_unobs_or_zero_occ_atoms.auth_comp_id 
_pdbx_unobs_or_zero_occ_atoms.auth_seq_id 
_pdbx_unobs_or_zero_occ_atoms.PDB_ins_code 
_pdbx_unobs_or_zero_occ_atoms.auth_atom_id 
_pdbx_unobs_or_zero_occ_atoms.label_alt_id 
_pdbx_unobs_or_zero_occ_atoms.label_asym_id 
_pdbx_unobs_or_zero_occ_atoms.label_comp_id 
_pdbx_unobs_or_zero_occ_atoms.label_seq_id 
_pdbx_unobs_or_zero_occ_atoms.label_atom_id 
1 1 Y 1 A GLN 17 ? CG  ? A GLN 17 CG  
2 1 Y 1 A GLN 17 ? CD  ? A GLN 17 CD  
3 1 Y 1 A GLN 17 ? OE1 ? A GLN 17 OE1 
4 1 Y 1 A GLN 17 ? NE2 ? A GLN 17 NE2 
# 
loop_
_pdbx_unobs_or_zero_occ_residues.id 
_pdbx_unobs_or_zero_occ_residues.PDB_model_num 
_pdbx_unobs_or_zero_occ_residues.polymer_flag 
_pdbx_unobs_or_zero_occ_residues.occupancy_flag 
_pdbx_unobs_or_zero_occ_residues.auth_asym_id 
_pdbx_unobs_or_zero_occ_residues.auth_comp_id 
_pdbx_unobs_or_zero_occ_residues.auth_seq_id 
_pdbx_unobs_or_zero_occ_residues.PDB_ins_code 
_pdbx_unobs_or_zero_occ_residues.label_asym_id 
_pdbx_unobs_or_zero_occ_residues.label_comp_id 
_pdbx_unobs_or_zero_occ_residues.label_seq_id 
1  1 Y 1 A MET 1   ? A MET 1   
2  1 Y 1 A SER 2   ? A SER 2   
3  1 Y 1 A LYS 3   ? A LYS 3   
4  1 Y 1 A LYS 4   ? A LYS 4   
5  1 Y 1 A GLU 5   ? A GLU 5   
6  1 Y 1 A ILE 6   ? A ILE 6   
7  1 Y 1 A ASN 7   ? A ASN 7   
8  1 Y 1 A ILE 8   ? A ILE 8   
9  1 Y 1 A ASN 9   ? A ASN 9   
10 1 Y 1 A ASN 10  ? A ASN 10  
11 1 Y 1 A TYR 11  ? A TYR 11  
12 1 Y 1 A ASN 12  ? A ASN 12  
13 1 Y 1 A ASP 13  ? A ASP 13  
14 1 Y 1 A ASP 14  ? A ASP 14  
15 1 Y 1 A ALA 15  ? A ALA 15  
16 1 Y 1 A ILE 16  ? A ILE 16  
17 1 Y 1 A GLY 105 ? A GLY 105 
18 1 Y 1 A GLY 106 ? A GLY 106 
19 1 Y 1 A LYS 107 ? A LYS 107 
20 1 Y 1 A PHE 108 ? A PHE 108 
21 1 Y 1 A GLY 109 ? A GLY 109 
22 1 Y 1 A GLN 110 ? A GLN 110 
23 1 Y 1 A GLY 111 ? A GLY 111 
24 1 Y 1 A GLY 112 ? A GLY 112 
25 1 Y 1 A TYR 113 ? A TYR 113 
26 1 Y 1 A LYS 114 ? A LYS 114 
27 1 Y 1 A THR 115 ? A THR 115 
28 1 Y 1 A SER 116 ? A SER 116 
29 1 Y 1 A GLY 117 ? A GLY 117 
30 1 Y 1 A GLY 118 ? A GLY 118 
31 1 Y 1 A LEU 119 ? A LEU 119 
32 1 Y 1 A HIS 120 ? A HIS 120 
33 1 Y 1 A GLY 121 ? A GLY 121 
34 1 Y 1 A VAL 122 ? A VAL 122 
# 
loop_
_chem_comp_atom.comp_id 
_chem_comp_atom.atom_id 
_chem_comp_atom.type_symbol 
_chem_comp_atom.pdbx_aromatic_flag 
_chem_comp_atom.pdbx_stereo_config 
_chem_comp_atom.pdbx_ordinal 
ALA N    N N N 1   
ALA CA   C N S 2   
ALA C    C N N 3   
ALA O    O N N 4   
ALA CB   C N N 5   
ALA OXT  O N N 6   
ALA H    H N N 7   
ALA H2   H N N 8   
ALA HA   H N N 9   
ALA HB1  H N N 10  
ALA HB2  H N N 11  
ALA HB3  H N N 12  
ALA HXT  H N N 13  
ARG N    N N N 14  
ARG CA   C N S 15  
ARG C    C N N 16  
ARG O    O N N 17  
ARG CB   C N N 18  
ARG CG   C N N 19  
ARG CD   C N N 20  
ARG NE   N N N 21  
ARG CZ   C N N 22  
ARG NH1  N N N 23  
ARG NH2  N N N 24  
ARG OXT  O N N 25  
ARG H    H N N 26  
ARG H2   H N N 27  
ARG HA   H N N 28  
ARG HB2  H N N 29  
ARG HB3  H N N 30  
ARG HG2  H N N 31  
ARG HG3  H N N 32  
ARG HD2  H N N 33  
ARG HD3  H N N 34  
ARG HE   H N N 35  
ARG HH11 H N N 36  
ARG HH12 H N N 37  
ARG HH21 H N N 38  
ARG HH22 H N N 39  
ARG HXT  H N N 40  
ASN N    N N N 41  
ASN CA   C N S 42  
ASN C    C N N 43  
ASN O    O N N 44  
ASN CB   C N N 45  
ASN CG   C N N 46  
ASN OD1  O N N 47  
ASN ND2  N N N 48  
ASN OXT  O N N 49  
ASN H    H N N 50  
ASN H2   H N N 51  
ASN HA   H N N 52  
ASN HB2  H N N 53  
ASN HB3  H N N 54  
ASN HD21 H N N 55  
ASN HD22 H N N 56  
ASN HXT  H N N 57  
ASP N    N N N 58  
ASP CA   C N S 59  
ASP C    C N N 60  
ASP O    O N N 61  
ASP CB   C N N 62  
ASP CG   C N N 63  
ASP OD1  O N N 64  
ASP OD2  O N N 65  
ASP OXT  O N N 66  
ASP H    H N N 67  
ASP H2   H N N 68  
ASP HA   H N N 69  
ASP HB2  H N N 70  
ASP HB3  H N N 71  
ASP HD2  H N N 72  
ASP HXT  H N N 73  
GLN N    N N N 74  
GLN CA   C N S 75  
GLN C    C N N 76  
GLN O    O N N 77  
GLN CB   C N N 78  
GLN CG   C N N 79  
GLN CD   C N N 80  
GLN OE1  O N N 81  
GLN NE2  N N N 82  
GLN OXT  O N N 83  
GLN H    H N N 84  
GLN H2   H N N 85  
GLN HA   H N N 86  
GLN HB2  H N N 87  
GLN HB3  H N N 88  
GLN HG2  H N N 89  
GLN HG3  H N N 90  
GLN HE21 H N N 91  
GLN HE22 H N N 92  
GLN HXT  H N N 93  
GLU N    N N N 94  
GLU CA   C N S 95  
GLU C    C N N 96  
GLU O    O N N 97  
GLU CB   C N N 98  
GLU CG   C N N 99  
GLU CD   C N N 100 
GLU OE1  O N N 101 
GLU OE2  O N N 102 
GLU OXT  O N N 103 
GLU H    H N N 104 
GLU H2   H N N 105 
GLU HA   H N N 106 
GLU HB2  H N N 107 
GLU HB3  H N N 108 
GLU HG2  H N N 109 
GLU HG3  H N N 110 
GLU HE2  H N N 111 
GLU HXT  H N N 112 
GLY N    N N N 113 
GLY CA   C N N 114 
GLY C    C N N 115 
GLY O    O N N 116 
GLY OXT  O N N 117 
GLY H    H N N 118 
GLY H2   H N N 119 
GLY HA2  H N N 120 
GLY HA3  H N N 121 
GLY HXT  H N N 122 
HIS N    N N N 123 
HIS CA   C N S 124 
HIS C    C N N 125 
HIS O    O N N 126 
HIS CB   C N N 127 
HIS CG   C Y N 128 
HIS ND1  N Y N 129 
HIS CD2  C Y N 130 
HIS CE1  C Y N 131 
HIS NE2  N Y N 132 
HIS OXT  O N N 133 
HIS H    H N N 134 
HIS H2   H N N 135 
HIS HA   H N N 136 
HIS HB2  H N N 137 
HIS HB3  H N N 138 
HIS HD1  H N N 139 
HIS HD2  H N N 140 
HIS HE1  H N N 141 
HIS HE2  H N N 142 
HIS HXT  H N N 143 
HOH O    O N N 144 
HOH H1   H N N 145 
HOH H2   H N N 146 
ILE N    N N N 147 
ILE CA   C N S 148 
ILE C    C N N 149 
ILE O    O N N 150 
ILE CB   C N S 151 
ILE CG1  C N N 152 
ILE CG2  C N N 153 
ILE CD1  C N N 154 
ILE OXT  O N N 155 
ILE H    H N N 156 
ILE H2   H N N 157 
ILE HA   H N N 158 
ILE HB   H N N 159 
ILE HG12 H N N 160 
ILE HG13 H N N 161 
ILE HG21 H N N 162 
ILE HG22 H N N 163 
ILE HG23 H N N 164 
ILE HD11 H N N 165 
ILE HD12 H N N 166 
ILE HD13 H N N 167 
ILE HXT  H N N 168 
LEU N    N N N 169 
LEU CA   C N S 170 
LEU C    C N N 171 
LEU O    O N N 172 
LEU CB   C N N 173 
LEU CG   C N N 174 
LEU CD1  C N N 175 
LEU CD2  C N N 176 
LEU OXT  O N N 177 
LEU H    H N N 178 
LEU H2   H N N 179 
LEU HA   H N N 180 
LEU HB2  H N N 181 
LEU HB3  H N N 182 
LEU HG   H N N 183 
LEU HD11 H N N 184 
LEU HD12 H N N 185 
LEU HD13 H N N 186 
LEU HD21 H N N 187 
LEU HD22 H N N 188 
LEU HD23 H N N 189 
LEU HXT  H N N 190 
LYS N    N N N 191 
LYS CA   C N S 192 
LYS C    C N N 193 
LYS O    O N N 194 
LYS CB   C N N 195 
LYS CG   C N N 196 
LYS CD   C N N 197 
LYS CE   C N N 198 
LYS NZ   N N N 199 
LYS OXT  O N N 200 
LYS H    H N N 201 
LYS H2   H N N 202 
LYS HA   H N N 203 
LYS HB2  H N N 204 
LYS HB3  H N N 205 
LYS HG2  H N N 206 
LYS HG3  H N N 207 
LYS HD2  H N N 208 
LYS HD3  H N N 209 
LYS HE2  H N N 210 
LYS HE3  H N N 211 
LYS HZ1  H N N 212 
LYS HZ2  H N N 213 
LYS HZ3  H N N 214 
LYS HXT  H N N 215 
MET N    N N N 216 
MET CA   C N S 217 
MET C    C N N 218 
MET O    O N N 219 
MET CB   C N N 220 
MET CG   C N N 221 
MET SD   S N N 222 
MET CE   C N N 223 
MET OXT  O N N 224 
MET H    H N N 225 
MET H2   H N N 226 
MET HA   H N N 227 
MET HB2  H N N 228 
MET HB3  H N N 229 
MET HG2  H N N 230 
MET HG3  H N N 231 
MET HE1  H N N 232 
MET HE2  H N N 233 
MET HE3  H N N 234 
MET HXT  H N N 235 
PHE N    N N N 236 
PHE CA   C N S 237 
PHE C    C N N 238 
PHE O    O N N 239 
PHE CB   C N N 240 
PHE CG   C Y N 241 
PHE CD1  C Y N 242 
PHE CD2  C Y N 243 
PHE CE1  C Y N 244 
PHE CE2  C Y N 245 
PHE CZ   C Y N 246 
PHE OXT  O N N 247 
PHE H    H N N 248 
PHE H2   H N N 249 
PHE HA   H N N 250 
PHE HB2  H N N 251 
PHE HB3  H N N 252 
PHE HD1  H N N 253 
PHE HD2  H N N 254 
PHE HE1  H N N 255 
PHE HE2  H N N 256 
PHE HZ   H N N 257 
PHE HXT  H N N 258 
PRO N    N N N 259 
PRO CA   C N S 260 
PRO C    C N N 261 
PRO O    O N N 262 
PRO CB   C N N 263 
PRO CG   C N N 264 
PRO CD   C N N 265 
PRO OXT  O N N 266 
PRO H    H N N 267 
PRO HA   H N N 268 
PRO HB2  H N N 269 
PRO HB3  H N N 270 
PRO HG2  H N N 271 
PRO HG3  H N N 272 
PRO HD2  H N N 273 
PRO HD3  H N N 274 
PRO HXT  H N N 275 
SER N    N N N 276 
SER CA   C N S 277 
SER C    C N N 278 
SER O    O N N 279 
SER CB   C N N 280 
SER OG   O N N 281 
SER OXT  O N N 282 
SER H    H N N 283 
SER H2   H N N 284 
SER HA   H N N 285 
SER HB2  H N N 286 
SER HB3  H N N 287 
SER HG   H N N 288 
SER HXT  H N N 289 
THR N    N N N 290 
THR CA   C N S 291 
THR C    C N N 292 
THR O    O N N 293 
THR CB   C N R 294 
THR OG1  O N N 295 
THR CG2  C N N 296 
THR OXT  O N N 297 
THR H    H N N 298 
THR H2   H N N 299 
THR HA   H N N 300 
THR HB   H N N 301 
THR HG1  H N N 302 
THR HG21 H N N 303 
THR HG22 H N N 304 
THR HG23 H N N 305 
THR HXT  H N N 306 
TRP N    N N N 307 
TRP CA   C N S 308 
TRP C    C N N 309 
TRP O    O N N 310 
TRP CB   C N N 311 
TRP CG   C Y N 312 
TRP CD1  C Y N 313 
TRP CD2  C Y N 314 
TRP NE1  N Y N 315 
TRP CE2  C Y N 316 
TRP CE3  C Y N 317 
TRP CZ2  C Y N 318 
TRP CZ3  C Y N 319 
TRP CH2  C Y N 320 
TRP OXT  O N N 321 
TRP H    H N N 322 
TRP H2   H N N 323 
TRP HA   H N N 324 
TRP HB2  H N N 325 
TRP HB3  H N N 326 
TRP HD1  H N N 327 
TRP HE1  H N N 328 
TRP HE3  H N N 329 
TRP HZ2  H N N 330 
TRP HZ3  H N N 331 
TRP HH2  H N N 332 
TRP HXT  H N N 333 
TTJ CAD  C N N 334 
TTJ OAC  O N N 335 
TTJ CAT  C N N 336 
TTJ CAB  C N N 337 
TTJ OAA  O N N 338 
TTJ CAS  C N R 339 
TTJ CAQ  C N N 340 
TTJ OAR  O N N 341 
TTJ NAP  N N N 342 
TTJ CAN  C Y N 343 
TTJ CAO  C Y N 344 
TTJ NAM  N Y N 345 
TTJ NAL  N Y N 346 
TTJ CAK  C Y N 347 
TTJ CAJ  C Y N 348 
TTJ CAE  C Y N 349 
TTJ CAF  C Y N 350 
TTJ CAU  C N N 351 
TTJ CAG  C Y N 352 
TTJ CAH  C Y N 353 
TTJ CAV  C N N 354 
TTJ CAI  C Y N 355 
TTJ H1   H N N 356 
TTJ H2   H N N 357 
TTJ H3   H N N 358 
TTJ H4   H N N 359 
TTJ H5   H N N 360 
TTJ H6   H N N 361 
TTJ H7   H N N 362 
TTJ H8   H N N 363 
TTJ H9   H N N 364 
TTJ H10  H N N 365 
TTJ H11  H N N 366 
TTJ H12  H N N 367 
TTJ H13  H N N 368 
TTJ H14  H N N 369 
TTJ H15  H N N 370 
TTJ H16  H N N 371 
TTJ H17  H N N 372 
TTJ H18  H N N 373 
TTJ H19  H N N 374 
TYR N    N N N 375 
TYR CA   C N S 376 
TYR C    C N N 377 
TYR O    O N N 378 
TYR CB   C N N 379 
TYR CG   C Y N 380 
TYR CD1  C Y N 381 
TYR CD2  C Y N 382 
TYR CE1  C Y N 383 
TYR CE2  C Y N 384 
TYR CZ   C Y N 385 
TYR OH   O N N 386 
TYR OXT  O N N 387 
TYR H    H N N 388 
TYR H2   H N N 389 
TYR HA   H N N 390 
TYR HB2  H N N 391 
TYR HB3  H N N 392 
TYR HD1  H N N 393 
TYR HD2  H N N 394 
TYR HE1  H N N 395 
TYR HE2  H N N 396 
TYR HH   H N N 397 
TYR HXT  H N N 398 
VAL N    N N N 399 
VAL CA   C N S 400 
VAL C    C N N 401 
VAL O    O N N 402 
VAL CB   C N N 403 
VAL CG1  C N N 404 
VAL CG2  C N N 405 
VAL OXT  O N N 406 
VAL H    H N N 407 
VAL H2   H N N 408 
VAL HA   H N N 409 
VAL HB   H N N 410 
VAL HG11 H N N 411 
VAL HG12 H N N 412 
VAL HG13 H N N 413 
VAL HG21 H N N 414 
VAL HG22 H N N 415 
VAL HG23 H N N 416 
VAL HXT  H N N 417 
# 
loop_
_chem_comp_bond.comp_id 
_chem_comp_bond.atom_id_1 
_chem_comp_bond.atom_id_2 
_chem_comp_bond.value_order 
_chem_comp_bond.pdbx_aromatic_flag 
_chem_comp_bond.pdbx_stereo_config 
_chem_comp_bond.pdbx_ordinal 
ALA N   CA   sing N N 1   
ALA N   H    sing N N 2   
ALA N   H2   sing N N 3   
ALA CA  C    sing N N 4   
ALA CA  CB   sing N N 5   
ALA CA  HA   sing N N 6   
ALA C   O    doub N N 7   
ALA C   OXT  sing N N 8   
ALA CB  HB1  sing N N 9   
ALA CB  HB2  sing N N 10  
ALA CB  HB3  sing N N 11  
ALA OXT HXT  sing N N 12  
ARG N   CA   sing N N 13  
ARG N   H    sing N N 14  
ARG N   H2   sing N N 15  
ARG CA  C    sing N N 16  
ARG CA  CB   sing N N 17  
ARG CA  HA   sing N N 18  
ARG C   O    doub N N 19  
ARG C   OXT  sing N N 20  
ARG CB  CG   sing N N 21  
ARG CB  HB2  sing N N 22  
ARG CB  HB3  sing N N 23  
ARG CG  CD   sing N N 24  
ARG CG  HG2  sing N N 25  
ARG CG  HG3  sing N N 26  
ARG CD  NE   sing N N 27  
ARG CD  HD2  sing N N 28  
ARG CD  HD3  sing N N 29  
ARG NE  CZ   sing N N 30  
ARG NE  HE   sing N N 31  
ARG CZ  NH1  sing N N 32  
ARG CZ  NH2  doub N N 33  
ARG NH1 HH11 sing N N 34  
ARG NH1 HH12 sing N N 35  
ARG NH2 HH21 sing N N 36  
ARG NH2 HH22 sing N N 37  
ARG OXT HXT  sing N N 38  
ASN N   CA   sing N N 39  
ASN N   H    sing N N 40  
ASN N   H2   sing N N 41  
ASN CA  C    sing N N 42  
ASN CA  CB   sing N N 43  
ASN CA  HA   sing N N 44  
ASN C   O    doub N N 45  
ASN C   OXT  sing N N 46  
ASN CB  CG   sing N N 47  
ASN CB  HB2  sing N N 48  
ASN CB  HB3  sing N N 49  
ASN CG  OD1  doub N N 50  
ASN CG  ND2  sing N N 51  
ASN ND2 HD21 sing N N 52  
ASN ND2 HD22 sing N N 53  
ASN OXT HXT  sing N N 54  
ASP N   CA   sing N N 55  
ASP N   H    sing N N 56  
ASP N   H2   sing N N 57  
ASP CA  C    sing N N 58  
ASP CA  CB   sing N N 59  
ASP CA  HA   sing N N 60  
ASP C   O    doub N N 61  
ASP C   OXT  sing N N 62  
ASP CB  CG   sing N N 63  
ASP CB  HB2  sing N N 64  
ASP CB  HB3  sing N N 65  
ASP CG  OD1  doub N N 66  
ASP CG  OD2  sing N N 67  
ASP OD2 HD2  sing N N 68  
ASP OXT HXT  sing N N 69  
GLN N   CA   sing N N 70  
GLN N   H    sing N N 71  
GLN N   H2   sing N N 72  
GLN CA  C    sing N N 73  
GLN CA  CB   sing N N 74  
GLN CA  HA   sing N N 75  
GLN C   O    doub N N 76  
GLN C   OXT  sing N N 77  
GLN CB  CG   sing N N 78  
GLN CB  HB2  sing N N 79  
GLN CB  HB3  sing N N 80  
GLN CG  CD   sing N N 81  
GLN CG  HG2  sing N N 82  
GLN CG  HG3  sing N N 83  
GLN CD  OE1  doub N N 84  
GLN CD  NE2  sing N N 85  
GLN NE2 HE21 sing N N 86  
GLN NE2 HE22 sing N N 87  
GLN OXT HXT  sing N N 88  
GLU N   CA   sing N N 89  
GLU N   H    sing N N 90  
GLU N   H2   sing N N 91  
GLU CA  C    sing N N 92  
GLU CA  CB   sing N N 93  
GLU CA  HA   sing N N 94  
GLU C   O    doub N N 95  
GLU C   OXT  sing N N 96  
GLU CB  CG   sing N N 97  
GLU CB  HB2  sing N N 98  
GLU CB  HB3  sing N N 99  
GLU CG  CD   sing N N 100 
GLU CG  HG2  sing N N 101 
GLU CG  HG3  sing N N 102 
GLU CD  OE1  doub N N 103 
GLU CD  OE2  sing N N 104 
GLU OE2 HE2  sing N N 105 
GLU OXT HXT  sing N N 106 
GLY N   CA   sing N N 107 
GLY N   H    sing N N 108 
GLY N   H2   sing N N 109 
GLY CA  C    sing N N 110 
GLY CA  HA2  sing N N 111 
GLY CA  HA3  sing N N 112 
GLY C   O    doub N N 113 
GLY C   OXT  sing N N 114 
GLY OXT HXT  sing N N 115 
HIS N   CA   sing N N 116 
HIS N   H    sing N N 117 
HIS N   H2   sing N N 118 
HIS CA  C    sing N N 119 
HIS CA  CB   sing N N 120 
HIS CA  HA   sing N N 121 
HIS C   O    doub N N 122 
HIS C   OXT  sing N N 123 
HIS CB  CG   sing N N 124 
HIS CB  HB2  sing N N 125 
HIS CB  HB3  sing N N 126 
HIS CG  ND1  sing Y N 127 
HIS CG  CD2  doub Y N 128 
HIS ND1 CE1  doub Y N 129 
HIS ND1 HD1  sing N N 130 
HIS CD2 NE2  sing Y N 131 
HIS CD2 HD2  sing N N 132 
HIS CE1 NE2  sing Y N 133 
HIS CE1 HE1  sing N N 134 
HIS NE2 HE2  sing N N 135 
HIS OXT HXT  sing N N 136 
HOH O   H1   sing N N 137 
HOH O   H2   sing N N 138 
ILE N   CA   sing N N 139 
ILE N   H    sing N N 140 
ILE N   H2   sing N N 141 
ILE CA  C    sing N N 142 
ILE CA  CB   sing N N 143 
ILE CA  HA   sing N N 144 
ILE C   O    doub N N 145 
ILE C   OXT  sing N N 146 
ILE CB  CG1  sing N N 147 
ILE CB  CG2  sing N N 148 
ILE CB  HB   sing N N 149 
ILE CG1 CD1  sing N N 150 
ILE CG1 HG12 sing N N 151 
ILE CG1 HG13 sing N N 152 
ILE CG2 HG21 sing N N 153 
ILE CG2 HG22 sing N N 154 
ILE CG2 HG23 sing N N 155 
ILE CD1 HD11 sing N N 156 
ILE CD1 HD12 sing N N 157 
ILE CD1 HD13 sing N N 158 
ILE OXT HXT  sing N N 159 
LEU N   CA   sing N N 160 
LEU N   H    sing N N 161 
LEU N   H2   sing N N 162 
LEU CA  C    sing N N 163 
LEU CA  CB   sing N N 164 
LEU CA  HA   sing N N 165 
LEU C   O    doub N N 166 
LEU C   OXT  sing N N 167 
LEU CB  CG   sing N N 168 
LEU CB  HB2  sing N N 169 
LEU CB  HB3  sing N N 170 
LEU CG  CD1  sing N N 171 
LEU CG  CD2  sing N N 172 
LEU CG  HG   sing N N 173 
LEU CD1 HD11 sing N N 174 
LEU CD1 HD12 sing N N 175 
LEU CD1 HD13 sing N N 176 
LEU CD2 HD21 sing N N 177 
LEU CD2 HD22 sing N N 178 
LEU CD2 HD23 sing N N 179 
LEU OXT HXT  sing N N 180 
LYS N   CA   sing N N 181 
LYS N   H    sing N N 182 
LYS N   H2   sing N N 183 
LYS CA  C    sing N N 184 
LYS CA  CB   sing N N 185 
LYS CA  HA   sing N N 186 
LYS C   O    doub N N 187 
LYS C   OXT  sing N N 188 
LYS CB  CG   sing N N 189 
LYS CB  HB2  sing N N 190 
LYS CB  HB3  sing N N 191 
LYS CG  CD   sing N N 192 
LYS CG  HG2  sing N N 193 
LYS CG  HG3  sing N N 194 
LYS CD  CE   sing N N 195 
LYS CD  HD2  sing N N 196 
LYS CD  HD3  sing N N 197 
LYS CE  NZ   sing N N 198 
LYS CE  HE2  sing N N 199 
LYS CE  HE3  sing N N 200 
LYS NZ  HZ1  sing N N 201 
LYS NZ  HZ2  sing N N 202 
LYS NZ  HZ3  sing N N 203 
LYS OXT HXT  sing N N 204 
MET N   CA   sing N N 205 
MET N   H    sing N N 206 
MET N   H2   sing N N 207 
MET CA  C    sing N N 208 
MET CA  CB   sing N N 209 
MET CA  HA   sing N N 210 
MET C   O    doub N N 211 
MET C   OXT  sing N N 212 
MET CB  CG   sing N N 213 
MET CB  HB2  sing N N 214 
MET CB  HB3  sing N N 215 
MET CG  SD   sing N N 216 
MET CG  HG2  sing N N 217 
MET CG  HG3  sing N N 218 
MET SD  CE   sing N N 219 
MET CE  HE1  sing N N 220 
MET CE  HE2  sing N N 221 
MET CE  HE3  sing N N 222 
MET OXT HXT  sing N N 223 
PHE N   CA   sing N N 224 
PHE N   H    sing N N 225 
PHE N   H2   sing N N 226 
PHE CA  C    sing N N 227 
PHE CA  CB   sing N N 228 
PHE CA  HA   sing N N 229 
PHE C   O    doub N N 230 
PHE C   OXT  sing N N 231 
PHE CB  CG   sing N N 232 
PHE CB  HB2  sing N N 233 
PHE CB  HB3  sing N N 234 
PHE CG  CD1  doub Y N 235 
PHE CG  CD2  sing Y N 236 
PHE CD1 CE1  sing Y N 237 
PHE CD1 HD1  sing N N 238 
PHE CD2 CE2  doub Y N 239 
PHE CD2 HD2  sing N N 240 
PHE CE1 CZ   doub Y N 241 
PHE CE1 HE1  sing N N 242 
PHE CE2 CZ   sing Y N 243 
PHE CE2 HE2  sing N N 244 
PHE CZ  HZ   sing N N 245 
PHE OXT HXT  sing N N 246 
PRO N   CA   sing N N 247 
PRO N   CD   sing N N 248 
PRO N   H    sing N N 249 
PRO CA  C    sing N N 250 
PRO CA  CB   sing N N 251 
PRO CA  HA   sing N N 252 
PRO C   O    doub N N 253 
PRO C   OXT  sing N N 254 
PRO CB  CG   sing N N 255 
PRO CB  HB2  sing N N 256 
PRO CB  HB3  sing N N 257 
PRO CG  CD   sing N N 258 
PRO CG  HG2  sing N N 259 
PRO CG  HG3  sing N N 260 
PRO CD  HD2  sing N N 261 
PRO CD  HD3  sing N N 262 
PRO OXT HXT  sing N N 263 
SER N   CA   sing N N 264 
SER N   H    sing N N 265 
SER N   H2   sing N N 266 
SER CA  C    sing N N 267 
SER CA  CB   sing N N 268 
SER CA  HA   sing N N 269 
SER C   O    doub N N 270 
SER C   OXT  sing N N 271 
SER CB  OG   sing N N 272 
SER CB  HB2  sing N N 273 
SER CB  HB3  sing N N 274 
SER OG  HG   sing N N 275 
SER OXT HXT  sing N N 276 
THR N   CA   sing N N 277 
THR N   H    sing N N 278 
THR N   H2   sing N N 279 
THR CA  C    sing N N 280 
THR CA  CB   sing N N 281 
THR CA  HA   sing N N 282 
THR C   O    doub N N 283 
THR C   OXT  sing N N 284 
THR CB  OG1  sing N N 285 
THR CB  CG2  sing N N 286 
THR CB  HB   sing N N 287 
THR OG1 HG1  sing N N 288 
THR CG2 HG21 sing N N 289 
THR CG2 HG22 sing N N 290 
THR CG2 HG23 sing N N 291 
THR OXT HXT  sing N N 292 
TRP N   CA   sing N N 293 
TRP N   H    sing N N 294 
TRP N   H2   sing N N 295 
TRP CA  C    sing N N 296 
TRP CA  CB   sing N N 297 
TRP CA  HA   sing N N 298 
TRP C   O    doub N N 299 
TRP C   OXT  sing N N 300 
TRP CB  CG   sing N N 301 
TRP CB  HB2  sing N N 302 
TRP CB  HB3  sing N N 303 
TRP CG  CD1  doub Y N 304 
TRP CG  CD2  sing Y N 305 
TRP CD1 NE1  sing Y N 306 
TRP CD1 HD1  sing N N 307 
TRP CD2 CE2  doub Y N 308 
TRP CD2 CE3  sing Y N 309 
TRP NE1 CE2  sing Y N 310 
TRP NE1 HE1  sing N N 311 
TRP CE2 CZ2  sing Y N 312 
TRP CE3 CZ3  doub Y N 313 
TRP CE3 HE3  sing N N 314 
TRP CZ2 CH2  doub Y N 315 
TRP CZ2 HZ2  sing N N 316 
TRP CZ3 CH2  sing Y N 317 
TRP CZ3 HZ3  sing N N 318 
TRP CH2 HH2  sing N N 319 
TRP OXT HXT  sing N N 320 
TTJ CAV CAH  sing N N 321 
TTJ CAH CAG  doub Y N 322 
TTJ CAH CAI  sing Y N 323 
TTJ CAG CAF  sing Y N 324 
TTJ CAI CAJ  doub Y N 325 
TTJ CAF CAU  sing N N 326 
TTJ CAF CAE  doub Y N 327 
TTJ CAJ CAK  sing N N 328 
TTJ CAJ CAE  sing Y N 329 
TTJ NAL CAK  doub Y N 330 
TTJ NAL NAM  sing Y N 331 
TTJ CAK CAO  sing Y N 332 
TTJ NAM CAN  sing Y N 333 
TTJ CAO CAN  doub Y N 334 
TTJ CAN NAP  sing N N 335 
TTJ NAP CAQ  sing N N 336 
TTJ CAQ OAR  doub N N 337 
TTJ CAQ CAS  sing N N 338 
TTJ CAS CAD  sing N N 339 
TTJ CAS OAA  sing N N 340 
TTJ CAD OAC  sing N N 341 
TTJ OAA CAB  sing N N 342 
TTJ OAC CAT  sing N N 343 
TTJ CAB CAT  sing N N 344 
TTJ CAD H1   sing N N 345 
TTJ CAD H2   sing N N 346 
TTJ CAT H3   sing N N 347 
TTJ CAT H4   sing N N 348 
TTJ CAB H5   sing N N 349 
TTJ CAB H6   sing N N 350 
TTJ CAS H7   sing N N 351 
TTJ NAP H8   sing N N 352 
TTJ CAO H9   sing N N 353 
TTJ NAM H10  sing N N 354 
TTJ CAE H11  sing N N 355 
TTJ CAU H12  sing N N 356 
TTJ CAU H13  sing N N 357 
TTJ CAU H14  sing N N 358 
TTJ CAG H15  sing N N 359 
TTJ CAV H16  sing N N 360 
TTJ CAV H17  sing N N 361 
TTJ CAV H18  sing N N 362 
TTJ CAI H19  sing N N 363 
TYR N   CA   sing N N 364 
TYR N   H    sing N N 365 
TYR N   H2   sing N N 366 
TYR CA  C    sing N N 367 
TYR CA  CB   sing N N 368 
TYR CA  HA   sing N N 369 
TYR C   O    doub N N 370 
TYR C   OXT  sing N N 371 
TYR CB  CG   sing N N 372 
TYR CB  HB2  sing N N 373 
TYR CB  HB3  sing N N 374 
TYR CG  CD1  doub Y N 375 
TYR CG  CD2  sing Y N 376 
TYR CD1 CE1  sing Y N 377 
TYR CD1 HD1  sing N N 378 
TYR CD2 CE2  doub Y N 379 
TYR CD2 HD2  sing N N 380 
TYR CE1 CZ   doub Y N 381 
TYR CE1 HE1  sing N N 382 
TYR CE2 CZ   sing Y N 383 
TYR CE2 HE2  sing N N 384 
TYR CZ  OH   sing N N 385 
TYR OH  HH   sing N N 386 
TYR OXT HXT  sing N N 387 
VAL N   CA   sing N N 388 
VAL N   H    sing N N 389 
VAL N   H2   sing N N 390 
VAL CA  C    sing N N 391 
VAL CA  CB   sing N N 392 
VAL CA  HA   sing N N 393 
VAL C   O    doub N N 394 
VAL C   OXT  sing N N 395 
VAL CB  CG1  sing N N 396 
VAL CB  CG2  sing N N 397 
VAL CB  HB   sing N N 398 
VAL CG1 HG11 sing N N 399 
VAL CG1 HG12 sing N N 400 
VAL CG1 HG13 sing N N 401 
VAL CG2 HG21 sing N N 402 
VAL CG2 HG22 sing N N 403 
VAL CG2 HG23 sing N N 404 
VAL OXT HXT  sing N N 405 
# 
_pdbx_audit_support.funding_organization   'Agency for Science, Technology and Research (A*STAR) Joint Council' 
_pdbx_audit_support.country                Singapore 
_pdbx_audit_support.grant_number           1231B105 
_pdbx_audit_support.ordinal                1 
# 
loop_
_pdbx_entity_nonpoly.entity_id 
_pdbx_entity_nonpoly.name 
_pdbx_entity_nonpoly.comp_id 
2 '(2R)-N-[3-(3,5-dimethylphenyl)-1H-pyrazol-5-yl]-1,4-dioxane-2-carboxamide' TTJ 
3 water                                                                       HOH 
# 
_pdbx_initial_refinement_model.id               1 
_pdbx_initial_refinement_model.entity_id_list   ? 
_pdbx_initial_refinement_model.type             'experimental model' 
_pdbx_initial_refinement_model.source_name      PDB 
_pdbx_initial_refinement_model.accession_code   4EM7 
_pdbx_initial_refinement_model.details          ? 
# 
